data_1NPG
# 
_entry.id   1NPG 
# 
_audit_conform.dict_name       mmcif_pdbx.dic 
_audit_conform.dict_version    5.376 
_audit_conform.dict_location   http://mmcif.pdb.org/dictionaries/ascii/mmcif_pdbx.dic 
# 
loop_
_database_2.database_id 
_database_2.database_code 
_database_2.pdbx_database_accession 
_database_2.pdbx_DOI 
PDB   1NPG         pdb_00001npg 10.2210/pdb1npg/pdb 
RCSB  RCSB018081   ?            ?                   
WWPDB D_1000018081 ?            ?                   
# 
_pdbx_database_related.db_name        PDB 
_pdbx_database_related.db_id          1NPF 
_pdbx_database_related.details        'MYOGLOBIN (HORSE HEART) WILD-TYPE COMPLEXED WITH NITRIC OXIDE' 
_pdbx_database_related.content_type   unspecified 
# 
_pdbx_database_status.status_code                     REL 
_pdbx_database_status.entry_id                        1NPG 
_pdbx_database_status.recvd_initial_deposition_date   2003-01-17 
_pdbx_database_status.deposit_site                    RCSB 
_pdbx_database_status.process_site                    RCSB 
_pdbx_database_status.status_code_sf                  REL 
_pdbx_database_status.SG_entry                        . 
_pdbx_database_status.pdb_format_compatible           Y 
_pdbx_database_status.status_code_mr                  ? 
_pdbx_database_status.status_code_cs                  ? 
_pdbx_database_status.methods_development_category    ? 
_pdbx_database_status.status_code_nmr_data            ? 
# 
loop_
_audit_author.name 
_audit_author.pdbx_ordinal 
'Copeland, D.M.'     1 
'West, A.H.'         2 
'Richter-Addo, G.B.' 3 
# 
_citation.id                        primary 
_citation.title                     
'Crystal structures of ferrous horse heart myoglobin complexed with nitric oxide and nitrosoethane.' 
_citation.journal_abbrev            Proteins 
_citation.journal_volume            53 
_citation.page_first                182 
_citation.page_last                 192 
_citation.year                      2003 
_citation.journal_id_ASTM           PSFGEY 
_citation.country                   US 
_citation.journal_id_ISSN           0887-3585 
_citation.journal_id_CSD            0867 
_citation.book_publisher            ? 
_citation.pdbx_database_id_PubMed   14517970 
_citation.pdbx_database_id_DOI      10.1002/prot.10495 
# 
loop_
_citation_author.citation_id 
_citation_author.name 
_citation_author.ordinal 
_citation_author.identifier_ORCID 
primary 'Copeland, D.M.'     1 ? 
primary 'West, A.H.'         2 ? 
primary 'Richter-Addo, G.B.' 3 ? 
# 
_cell.entry_id           1NPG 
_cell.length_a           35.165 
_cell.length_b           28.706 
_cell.length_c           63.032 
_cell.angle_alpha        90.00 
_cell.angle_beta         106.22 
_cell.angle_gamma        90.00 
_cell.Z_PDB              2 
_cell.pdbx_unique_axis   ? 
# 
_symmetry.entry_id                         1NPG 
_symmetry.space_group_name_H-M             'P 1 21 1' 
_symmetry.pdbx_full_space_group_name_H-M   ? 
_symmetry.cell_setting                     ? 
_symmetry.Int_Tables_number                4 
# 
loop_
_entity.id 
_entity.type 
_entity.src_method 
_entity.pdbx_description 
_entity.formula_weight 
_entity.pdbx_number_of_molecules 
_entity.pdbx_ec 
_entity.pdbx_mutation 
_entity.pdbx_fragment 
_entity.details 
1 polymer     nat Myoglobin                         16983.514 1   ? ? ? 'ANIMAL OXYGEN STORAGE' 
2 non-polymer syn 'SULFATE ION'                     96.063    2   ? ? ? ?                       
3 non-polymer syn 'PROTOPORPHYRIN IX CONTAINING FE' 616.487   1   ? ? ? ?                       
4 non-polymer syn NITROSOETHANE                     59.067    1   ? ? ? ?                       
5 water       nat water                             18.015    169 ? ? ? ?                       
# 
_entity_poly.entity_id                      1 
_entity_poly.type                           'polypeptide(L)' 
_entity_poly.nstd_linkage                   no 
_entity_poly.nstd_monomer                   no 
_entity_poly.pdbx_seq_one_letter_code       
;GLSDGEWQQVLNVWGKVEADIAGHGQEVLIRLFTGHPETLEKFDKFKHLKTEAEMKASEDLKKHGTVVLTALGGILKKKG
HHEAELKPLAQSHATKHKIPIKYLEFISDAIIHVLHSKHPGDFGADAQGAMTKALELFRNDIAAKYKELGFQG
;
_entity_poly.pdbx_seq_one_letter_code_can   
;GLSDGEWQQVLNVWGKVEADIAGHGQEVLIRLFTGHPETLEKFDKFKHLKTEAEMKASEDLKKHGTVVLTALGGILKKKG
HHEAELKPLAQSHATKHKIPIKYLEFISDAIIHVLHSKHPGDFGADAQGAMTKALELFRNDIAAKYKELGFQG
;
_entity_poly.pdbx_strand_id                 A 
_entity_poly.pdbx_target_identifier         ? 
# 
loop_
_entity_poly_seq.entity_id 
_entity_poly_seq.num 
_entity_poly_seq.mon_id 
_entity_poly_seq.hetero 
1 1   GLY n 
1 2   LEU n 
1 3   SER n 
1 4   ASP n 
1 5   GLY n 
1 6   GLU n 
1 7   TRP n 
1 8   GLN n 
1 9   GLN n 
1 10  VAL n 
1 11  LEU n 
1 12  ASN n 
1 13  VAL n 
1 14  TRP n 
1 15  GLY n 
1 16  LYS n 
1 17  VAL n 
1 18  GLU n 
1 19  ALA n 
1 20  ASP n 
1 21  ILE n 
1 22  ALA n 
1 23  GLY n 
1 24  HIS n 
1 25  GLY n 
1 26  GLN n 
1 27  GLU n 
1 28  VAL n 
1 29  LEU n 
1 30  ILE n 
1 31  ARG n 
1 32  LEU n 
1 33  PHE n 
1 34  THR n 
1 35  GLY n 
1 36  HIS n 
1 37  PRO n 
1 38  GLU n 
1 39  THR n 
1 40  LEU n 
1 41  GLU n 
1 42  LYS n 
1 43  PHE n 
1 44  ASP n 
1 45  LYS n 
1 46  PHE n 
1 47  LYS n 
1 48  HIS n 
1 49  LEU n 
1 50  LYS n 
1 51  THR n 
1 52  GLU n 
1 53  ALA n 
1 54  GLU n 
1 55  MET n 
1 56  LYS n 
1 57  ALA n 
1 58  SER n 
1 59  GLU n 
1 60  ASP n 
1 61  LEU n 
1 62  LYS n 
1 63  LYS n 
1 64  HIS n 
1 65  GLY n 
1 66  THR n 
1 67  VAL n 
1 68  VAL n 
1 69  LEU n 
1 70  THR n 
1 71  ALA n 
1 72  LEU n 
1 73  GLY n 
1 74  GLY n 
1 75  ILE n 
1 76  LEU n 
1 77  LYS n 
1 78  LYS n 
1 79  LYS n 
1 80  GLY n 
1 81  HIS n 
1 82  HIS n 
1 83  GLU n 
1 84  ALA n 
1 85  GLU n 
1 86  LEU n 
1 87  LYS n 
1 88  PRO n 
1 89  LEU n 
1 90  ALA n 
1 91  GLN n 
1 92  SER n 
1 93  HIS n 
1 94  ALA n 
1 95  THR n 
1 96  LYS n 
1 97  HIS n 
1 98  LYS n 
1 99  ILE n 
1 100 PRO n 
1 101 ILE n 
1 102 LYS n 
1 103 TYR n 
1 104 LEU n 
1 105 GLU n 
1 106 PHE n 
1 107 ILE n 
1 108 SER n 
1 109 ASP n 
1 110 ALA n 
1 111 ILE n 
1 112 ILE n 
1 113 HIS n 
1 114 VAL n 
1 115 LEU n 
1 116 HIS n 
1 117 SER n 
1 118 LYS n 
1 119 HIS n 
1 120 PRO n 
1 121 GLY n 
1 122 ASP n 
1 123 PHE n 
1 124 GLY n 
1 125 ALA n 
1 126 ASP n 
1 127 ALA n 
1 128 GLN n 
1 129 GLY n 
1 130 ALA n 
1 131 MET n 
1 132 THR n 
1 133 LYS n 
1 134 ALA n 
1 135 LEU n 
1 136 GLU n 
1 137 LEU n 
1 138 PHE n 
1 139 ARG n 
1 140 ASN n 
1 141 ASP n 
1 142 ILE n 
1 143 ALA n 
1 144 ALA n 
1 145 LYS n 
1 146 TYR n 
1 147 LYS n 
1 148 GLU n 
1 149 LEU n 
1 150 GLY n 
1 151 PHE n 
1 152 GLN n 
1 153 GLY n 
# 
_entity_src_nat.entity_id                  1 
_entity_src_nat.pdbx_src_id                1 
_entity_src_nat.pdbx_alt_source_flag       sample 
_entity_src_nat.pdbx_beg_seq_num           ? 
_entity_src_nat.pdbx_end_seq_num           ? 
_entity_src_nat.common_name                horse 
_entity_src_nat.pdbx_organism_scientific   'Equus caballus' 
_entity_src_nat.pdbx_ncbi_taxonomy_id      9796 
_entity_src_nat.genus                      Equus 
_entity_src_nat.species                    ? 
_entity_src_nat.strain                     ? 
_entity_src_nat.tissue                     MUSCLE 
_entity_src_nat.tissue_fraction            ? 
_entity_src_nat.pdbx_secretion             ? 
_entity_src_nat.pdbx_fragment              ? 
_entity_src_nat.pdbx_variant               ? 
_entity_src_nat.pdbx_cell_line             ? 
_entity_src_nat.pdbx_atcc                  ? 
_entity_src_nat.pdbx_cellular_location     ? 
_entity_src_nat.pdbx_organ                 HEART 
_entity_src_nat.pdbx_organelle             ? 
_entity_src_nat.pdbx_cell                  ? 
_entity_src_nat.pdbx_plasmid_name          ? 
_entity_src_nat.pdbx_plasmid_details       ? 
_entity_src_nat.details                    ? 
# 
_struct_ref.id                         1 
_struct_ref.db_name                    UNP 
_struct_ref.db_code                    MYG_HORSE 
_struct_ref.entity_id                  1 
_struct_ref.pdbx_seq_one_letter_code   
;GLSDGEWQQVLNVWGKVEADIAGHGQEVLIRLFTGHPETLEKFDKFKHLKTEAEMKASEDLKKHGTVVLTALGGILKKKG
HHEAELKPLAQSHATKHKIPIKYLEFISDAIIHVLHSKHPGDFGADAQGAMTKALELFRNDIAAKYKELGFQG
;
_struct_ref.pdbx_align_begin           1 
_struct_ref.pdbx_db_accession          P68082 
_struct_ref.pdbx_db_isoform            ? 
# 
_struct_ref_seq.align_id                      1 
_struct_ref_seq.ref_id                        1 
_struct_ref_seq.pdbx_PDB_id_code              1NPG 
_struct_ref_seq.pdbx_strand_id                A 
_struct_ref_seq.seq_align_beg                 1 
_struct_ref_seq.pdbx_seq_align_beg_ins_code   ? 
_struct_ref_seq.seq_align_end                 153 
_struct_ref_seq.pdbx_seq_align_end_ins_code   ? 
_struct_ref_seq.pdbx_db_accession             P68082 
_struct_ref_seq.db_align_beg                  1 
_struct_ref_seq.pdbx_db_align_beg_ins_code    ? 
_struct_ref_seq.db_align_end                  153 
_struct_ref_seq.pdbx_db_align_end_ins_code    ? 
_struct_ref_seq.pdbx_auth_seq_align_beg       1 
_struct_ref_seq.pdbx_auth_seq_align_end       153 
# 
loop_
_chem_comp.id 
_chem_comp.type 
_chem_comp.mon_nstd_flag 
_chem_comp.name 
_chem_comp.pdbx_synonyms 
_chem_comp.formula 
_chem_comp.formula_weight 
ALA 'L-peptide linking' y ALANINE                           ?    'C3 H7 N O2'       89.093  
ARG 'L-peptide linking' y ARGININE                          ?    'C6 H15 N4 O2 1'   175.209 
ASN 'L-peptide linking' y ASPARAGINE                        ?    'C4 H8 N2 O3'      132.118 
ASP 'L-peptide linking' y 'ASPARTIC ACID'                   ?    'C4 H7 N O4'       133.103 
GLN 'L-peptide linking' y GLUTAMINE                         ?    'C5 H10 N2 O3'     146.144 
GLU 'L-peptide linking' y 'GLUTAMIC ACID'                   ?    'C5 H9 N O4'       147.129 
GLY 'peptide linking'   y GLYCINE                           ?    'C2 H5 N O2'       75.067  
HEM non-polymer         . 'PROTOPORPHYRIN IX CONTAINING FE' HEME 'C34 H32 Fe N4 O4' 616.487 
HIS 'L-peptide linking' y HISTIDINE                         ?    'C6 H10 N3 O2 1'   156.162 
HOH non-polymer         . WATER                             ?    'H2 O'             18.015  
ILE 'L-peptide linking' y ISOLEUCINE                        ?    'C6 H13 N O2'      131.173 
LEU 'L-peptide linking' y LEUCINE                           ?    'C6 H13 N O2'      131.173 
LYS 'L-peptide linking' y LYSINE                            ?    'C6 H15 N2 O2 1'   147.195 
MET 'L-peptide linking' y METHIONINE                        ?    'C5 H11 N O2 S'    149.211 
NOE non-polymer         . NITROSOETHANE                     ?    'C2 H5 N O'        59.067  
PHE 'L-peptide linking' y PHENYLALANINE                     ?    'C9 H11 N O2'      165.189 
PRO 'L-peptide linking' y PROLINE                           ?    'C5 H9 N O2'       115.130 
SER 'L-peptide linking' y SERINE                            ?    'C3 H7 N O3'       105.093 
SO4 non-polymer         . 'SULFATE ION'                     ?    'O4 S -2'          96.063  
THR 'L-peptide linking' y THREONINE                         ?    'C4 H9 N O3'       119.119 
TRP 'L-peptide linking' y TRYPTOPHAN                        ?    'C11 H12 N2 O2'    204.225 
TYR 'L-peptide linking' y TYROSINE                          ?    'C9 H11 N O3'      181.189 
VAL 'L-peptide linking' y VALINE                            ?    'C5 H11 N O2'      117.146 
# 
_exptl.entry_id          1NPG 
_exptl.method            'X-RAY DIFFRACTION' 
_exptl.crystals_number   1 
# 
_exptl_crystal.id                    1 
_exptl_crystal.density_meas          ? 
_exptl_crystal.density_Matthews      1.56 
_exptl_crystal.density_percent_sol   20.38 
_exptl_crystal.description           ? 
# 
_exptl_crystal_grow.crystal_id      1 
_exptl_crystal_grow.method          'VAPOR DIFFUSION, HANGING DROP' 
_exptl_crystal_grow.temp            ? 
_exptl_crystal_grow.temp_details    ? 
_exptl_crystal_grow.pH              7.4 
_exptl_crystal_grow.pdbx_details    'AMMONIUM SULFATE, pH 7.4, VAPOR DIFFUSION, HANGING DROP, temperature 100K' 
_exptl_crystal_grow.pdbx_pH_range   . 
# 
_diffrn.id                     1 
_diffrn.ambient_temp           100 
_diffrn.ambient_temp_details   ? 
_diffrn.crystal_id             1 
# 
_diffrn_detector.diffrn_id              1 
_diffrn_detector.detector               'IMAGE PLATE' 
_diffrn_detector.type                   'RIGAKU RAXIS IV' 
_diffrn_detector.pdbx_collection_date   2002-09-11 
_diffrn_detector.details                OSMIC 
# 
_diffrn_radiation.diffrn_id                        1 
_diffrn_radiation.wavelength_id                    1 
_diffrn_radiation.pdbx_monochromatic_or_laue_m_l   M 
_diffrn_radiation.monochromator                    ? 
_diffrn_radiation.pdbx_diffrn_protocol             'SINGLE WAVELENGTH' 
_diffrn_radiation.pdbx_scattering_type             x-ray 
# 
_diffrn_radiation_wavelength.id           1 
_diffrn_radiation_wavelength.wavelength   1.5418 
_diffrn_radiation_wavelength.wt           1.0 
# 
_diffrn_source.diffrn_id                   1 
_diffrn_source.source                      'ROTATING ANODE' 
_diffrn_source.type                        'RIGAKU RUH3R' 
_diffrn_source.pdbx_synchrotron_site       ? 
_diffrn_source.pdbx_synchrotron_beamline   ? 
_diffrn_source.pdbx_wavelength             ? 
_diffrn_source.pdbx_wavelength_list        1.5418 
# 
_reflns.entry_id                     1NPG 
_reflns.observed_criterion_sigma_I   0 
_reflns.observed_criterion_sigma_F   ? 
_reflns.d_resolution_low             40 
_reflns.d_resolution_high            1.7 
_reflns.number_obs                   23424 
_reflns.number_all                   ? 
_reflns.percent_possible_obs         99.4 
_reflns.pdbx_Rmerge_I_obs            0.038 
_reflns.pdbx_Rsym_value              ? 
_reflns.pdbx_netI_over_sigmaI        24.4 
_reflns.B_iso_Wilson_estimate        26.6 
_reflns.pdbx_redundancy              2.89 
_reflns.R_free_details               ? 
_reflns.limit_h_max                  ? 
_reflns.limit_h_min                  ? 
_reflns.limit_k_max                  ? 
_reflns.limit_k_min                  ? 
_reflns.limit_l_max                  ? 
_reflns.limit_l_min                  ? 
_reflns.observed_criterion_F_max     ? 
_reflns.observed_criterion_F_min     ? 
_reflns.pdbx_diffrn_id               1 
_reflns.pdbx_ordinal                 1 
# 
_reflns_shell.d_res_high             1.70 
_reflns_shell.d_res_low              1.76 
_reflns_shell.percent_possible_all   98.2 
_reflns_shell.Rmerge_I_obs           0.201 
_reflns_shell.pdbx_Rsym_value        ? 
_reflns_shell.meanI_over_sigI_obs    5.1 
_reflns_shell.pdbx_redundancy        2.76 
_reflns_shell.percent_possible_obs   ? 
_reflns_shell.number_unique_all      ? 
_reflns_shell.pdbx_diffrn_id         ? 
_reflns_shell.pdbx_ordinal           1 
# 
_refine.entry_id                                 1NPG 
_refine.ls_number_reflns_obs                     23413 
_refine.ls_number_reflns_all                     ? 
_refine.pdbx_ls_sigma_I                          ? 
_refine.pdbx_ls_sigma_F                          0 
_refine.pdbx_data_cutoff_high_absF               ? 
_refine.pdbx_data_cutoff_low_absF                ? 
_refine.ls_d_res_low                             40.00 
_refine.ls_d_res_high                            1.70 
_refine.ls_percent_reflns_obs                    99.4 
_refine.ls_R_factor_obs                          0.2 
_refine.ls_R_factor_all                          0.213 
_refine.ls_R_factor_R_work                       0.2 
_refine.ls_R_factor_R_free                       0.225 
_refine.ls_R_factor_R_free_error                 0.005 
_refine.ls_R_factor_R_free_error_details         ? 
_refine.ls_percent_reflns_R_free                 10.0 
_refine.ls_number_reflns_R_free                  ? 
_refine.ls_number_parameters                     ? 
_refine.ls_number_restraints                     ? 
_refine.occupancy_min                            ? 
_refine.occupancy_max                            ? 
_refine.correlation_coeff_Fo_to_Fc               ? 
_refine.correlation_coeff_Fo_to_Fc_free          ? 
_refine.B_iso_mean                               16.4 
_refine.aniso_B[1][1]                            ? 
_refine.aniso_B[2][2]                            ? 
_refine.aniso_B[3][3]                            ? 
_refine.aniso_B[1][2]                            ? 
_refine.aniso_B[1][3]                            ? 
_refine.aniso_B[2][3]                            ? 
_refine.solvent_model_details                    'FLAT MODEL' 
_refine.solvent_model_param_ksol                 0.349798 
_refine.solvent_model_param_bsol                 33.043 
_refine.pdbx_solvent_vdw_probe_radii             ? 
_refine.pdbx_solvent_ion_probe_radii             ? 
_refine.pdbx_solvent_shrinkage_radii             ? 
_refine.pdbx_ls_cross_valid_method               THROUGHOUT 
_refine.details                                  ? 
_refine.pdbx_starting_model                      1DWR 
_refine.pdbx_method_to_determine_struct          'MOLECULAR REPLACEMENT' 
_refine.pdbx_isotropic_thermal_model             OVERALL 
_refine.pdbx_stereochemistry_target_values       ? 
_refine.pdbx_stereochem_target_val_spec_case     ? 
_refine.pdbx_R_Free_selection_details            RANDOM 
_refine.pdbx_overall_ESU_R_Free                  ? 
_refine.overall_SU_B                             ? 
_refine.ls_redundancy_reflns_obs                 ? 
_refine.B_iso_min                                ? 
_refine.B_iso_max                                ? 
_refine.overall_SU_R_Cruickshank_DPI             ? 
_refine.overall_SU_R_free                        ? 
_refine.overall_SU_ML                            ? 
_refine.pdbx_overall_ESU_R                       ? 
_refine.pdbx_data_cutoff_high_rms_absF           ? 
_refine.pdbx_refine_id                           'X-RAY DIFFRACTION' 
_refine.pdbx_diffrn_id                           1 
_refine.pdbx_TLS_residual_ADP_flag               ? 
_refine.pdbx_overall_phase_error                 ? 
_refine.pdbx_overall_SU_R_free_Cruickshank_DPI   ? 
_refine.pdbx_overall_SU_R_Blow_DPI               ? 
_refine.pdbx_overall_SU_R_free_Blow_DPI          ? 
# 
_refine_hist.pdbx_refine_id                   'X-RAY DIFFRACTION' 
_refine_hist.cycle_id                         LAST 
_refine_hist.pdbx_number_atoms_protein        1194 
_refine_hist.pdbx_number_atoms_nucleic_acid   0 
_refine_hist.pdbx_number_atoms_ligand         57 
_refine_hist.number_atoms_solvent             169 
_refine_hist.number_atoms_total               1420 
_refine_hist.d_res_high                       1.70 
_refine_hist.d_res_low                        40.00 
# 
loop_
_refine_ls_restr.type 
_refine_ls_restr.dev_ideal 
_refine_ls_restr.dev_ideal_target 
_refine_ls_restr.weight 
_refine_ls_restr.number 
_refine_ls_restr.pdbx_refine_id 
_refine_ls_restr.pdbx_restraint_function 
c_bond_d           0.005 ? ? ? 'X-RAY DIFFRACTION' ? 
c_angle_deg        1.0   ? ? ? 'X-RAY DIFFRACTION' ? 
c_dihedral_angle_d 16.5  ? ? ? 'X-RAY DIFFRACTION' ? 
c_improper_angle_d 0.71  ? ? ? 'X-RAY DIFFRACTION' ? 
# 
_refine_ls_shell.pdbx_total_number_of_bins_used   ? 
_refine_ls_shell.d_res_high                       1.70 
_refine_ls_shell.d_res_low                        1.76 
_refine_ls_shell.number_reflns_R_work             ? 
_refine_ls_shell.R_factor_R_work                  0.378 
_refine_ls_shell.percent_reflns_obs               98.2 
_refine_ls_shell.R_factor_R_free                  0.37 
_refine_ls_shell.R_factor_R_free_error            0.022 
_refine_ls_shell.percent_reflns_R_free            10.0 
_refine_ls_shell.number_reflns_R_free             ? 
_refine_ls_shell.number_reflns_obs                ? 
_refine_ls_shell.redundancy_reflns_obs            ? 
_refine_ls_shell.number_reflns_all                ? 
_refine_ls_shell.pdbx_refine_id                   'X-RAY DIFFRACTION' 
_refine_ls_shell.R_factor_all                     ? 
# 
_struct.entry_id                  1NPG 
_struct.title                     'MYOGLOBIN (HORSE HEART) WILD-TYPE COMPLEXED WITH NITROSOETHANE' 
_struct.pdbx_model_details        ? 
_struct.pdbx_CASP_flag            ? 
_struct.pdbx_model_type_details   ? 
# 
_struct_keywords.entry_id        1NPG 
_struct_keywords.pdbx_keywords   'OXYGEN STORAGE/TRANSPORT' 
_struct_keywords.text            
'HEME, OXYGEN STORAGE, NITRIC OXIDE, NITROSOETHANE, MYOGLOBIN, NITROSOALKANE, OXYGEN STORAGE-TRANSPORT COMPLEX' 
# 
loop_
_struct_asym.id 
_struct_asym.pdbx_blank_PDB_chainid_flag 
_struct_asym.pdbx_modified 
_struct_asym.entity_id 
_struct_asym.details 
A N N 1 ? 
B N N 2 ? 
C N N 2 ? 
D N N 3 ? 
E N N 4 ? 
F N N 5 ? 
# 
_struct_biol.id                    1 
_struct_biol.pdbx_parent_biol_id   ? 
_struct_biol.details               ? 
# 
loop_
_struct_conf.conf_type_id 
_struct_conf.id 
_struct_conf.pdbx_PDB_helix_id 
_struct_conf.beg_label_comp_id 
_struct_conf.beg_label_asym_id 
_struct_conf.beg_label_seq_id 
_struct_conf.pdbx_beg_PDB_ins_code 
_struct_conf.end_label_comp_id 
_struct_conf.end_label_asym_id 
_struct_conf.end_label_seq_id 
_struct_conf.pdbx_end_PDB_ins_code 
_struct_conf.beg_auth_comp_id 
_struct_conf.beg_auth_asym_id 
_struct_conf.beg_auth_seq_id 
_struct_conf.end_auth_comp_id 
_struct_conf.end_auth_asym_id 
_struct_conf.end_auth_seq_id 
_struct_conf.pdbx_PDB_helix_class 
_struct_conf.details 
_struct_conf.pdbx_PDB_helix_length 
HELX_P HELX_P1 1 SER A 3   ? ASP A 20  ? SER A 3   ASP A 20  1 ? 18 
HELX_P HELX_P2 2 ASP A 20  ? HIS A 36  ? ASP A 20  HIS A 36  1 ? 17 
HELX_P HELX_P3 3 HIS A 36  ? GLU A 41  ? HIS A 36  GLU A 41  1 ? 6  
HELX_P HELX_P4 4 THR A 51  ? ALA A 57  ? THR A 51  ALA A 57  1 ? 7  
HELX_P HELX_P5 5 SER A 58  ? LYS A 77  ? SER A 58  LYS A 77  1 ? 20 
HELX_P HELX_P6 6 HIS A 82  ? LYS A 96  ? HIS A 82  LYS A 96  1 ? 15 
HELX_P HELX_P7 7 PRO A 100 ? HIS A 119 ? PRO A 100 HIS A 119 1 ? 20 
HELX_P HELX_P8 8 GLY A 124 ? GLY A 150 ? GLY A 124 GLY A 150 1 ? 27 
# 
_struct_conf_type.id          HELX_P 
_struct_conf_type.criteria    ? 
_struct_conf_type.reference   ? 
# 
loop_
_struct_conn.id 
_struct_conn.conn_type_id 
_struct_conn.pdbx_leaving_atom_flag 
_struct_conn.pdbx_PDB_id 
_struct_conn.ptnr1_label_asym_id 
_struct_conn.ptnr1_label_comp_id 
_struct_conn.ptnr1_label_seq_id 
_struct_conn.ptnr1_label_atom_id 
_struct_conn.pdbx_ptnr1_label_alt_id 
_struct_conn.pdbx_ptnr1_PDB_ins_code 
_struct_conn.pdbx_ptnr1_standard_comp_id 
_struct_conn.ptnr1_symmetry 
_struct_conn.ptnr2_label_asym_id 
_struct_conn.ptnr2_label_comp_id 
_struct_conn.ptnr2_label_seq_id 
_struct_conn.ptnr2_label_atom_id 
_struct_conn.pdbx_ptnr2_label_alt_id 
_struct_conn.pdbx_ptnr2_PDB_ins_code 
_struct_conn.ptnr1_auth_asym_id 
_struct_conn.ptnr1_auth_comp_id 
_struct_conn.ptnr1_auth_seq_id 
_struct_conn.ptnr2_auth_asym_id 
_struct_conn.ptnr2_auth_comp_id 
_struct_conn.ptnr2_auth_seq_id 
_struct_conn.ptnr2_symmetry 
_struct_conn.pdbx_ptnr3_label_atom_id 
_struct_conn.pdbx_ptnr3_label_seq_id 
_struct_conn.pdbx_ptnr3_label_comp_id 
_struct_conn.pdbx_ptnr3_label_asym_id 
_struct_conn.pdbx_ptnr3_label_alt_id 
_struct_conn.pdbx_ptnr3_PDB_ins_code 
_struct_conn.details 
_struct_conn.pdbx_dist_value 
_struct_conn.pdbx_value_order 
_struct_conn.pdbx_role 
metalc1 metalc ? ? A HIS 93 NE2 ? ? ? 1_555 D HEM . FE ? ? A HIS 93  A HEM 154  1_555 ? ? ? ? ? ? ? 2.133 ? ? 
metalc2 metalc ? ? D HEM .  FE  ? ? ? 1_555 E NOE . N  ? ? A HEM 154 A NOE 155  1_555 ? ? ? ? ? ? ? 2.143 ? ? 
metalc3 metalc ? ? D HEM .  FE  ? ? ? 1_555 E NOE . O1 ? ? A HEM 154 A NOE 155  1_555 ? ? ? ? ? ? ? 2.964 ? ? 
metalc4 metalc ? ? D HEM .  FE  ? ? ? 1_555 F HOH . O  ? ? A HEM 154 A HOH 1000 1_555 ? ? ? ? ? ? ? 2.297 ? ? 
# 
_struct_conn_type.id          metalc 
_struct_conn_type.criteria    ? 
_struct_conn_type.reference   ? 
# 
loop_
_struct_site.id 
_struct_site.pdbx_evidence_code 
_struct_site.pdbx_auth_asym_id 
_struct_site.pdbx_auth_comp_id 
_struct_site.pdbx_auth_seq_id 
_struct_site.pdbx_auth_ins_code 
_struct_site.pdbx_num_residues 
_struct_site.details 
AC1 Software A SO4 156 ? 6  'BINDING SITE FOR RESIDUE SO4 A 156' 
AC2 Software A SO4 157 ? 7  'BINDING SITE FOR RESIDUE SO4 A 157' 
AC3 Software A HEM 154 ? 24 'BINDING SITE FOR RESIDUE HEM A 154' 
AC4 Software A NOE 155 ? 6  'BINDING SITE FOR RESIDUE NOE A 155' 
# 
loop_
_struct_site_gen.id 
_struct_site_gen.site_id 
_struct_site_gen.pdbx_num_res 
_struct_site_gen.label_comp_id 
_struct_site_gen.label_asym_id 
_struct_site_gen.label_seq_id 
_struct_site_gen.pdbx_auth_ins_code 
_struct_site_gen.auth_comp_id 
_struct_site_gen.auth_asym_id 
_struct_site_gen.auth_seq_id 
_struct_site_gen.label_atom_id 
_struct_site_gen.label_alt_id 
_struct_site_gen.symmetry 
_struct_site_gen.details 
1  AC1 6  HIS A 81  ? HIS A 81   . ? 1_555 ? 
2  AC1 6  HIS A 82  ? HIS A 82   . ? 1_555 ? 
3  AC1 6  GLU A 83  ? GLU A 83   . ? 1_555 ? 
4  AC1 6  HOH F .   ? HOH A 1031 . ? 1_555 ? 
5  AC1 6  HOH F .   ? HOH A 1119 . ? 1_555 ? 
6  AC1 6  HOH F .   ? HOH A 1120 . ? 1_555 ? 
7  AC2 7  ALA A 57  ? ALA A 57   . ? 1_555 ? 
8  AC2 7  SER A 58  ? SER A 58   . ? 1_555 ? 
9  AC2 7  GLU A 59  ? GLU A 59   . ? 1_555 ? 
10 AC2 7  ASP A 60  ? ASP A 60   . ? 1_555 ? 
11 AC2 7  HOH F .   ? HOH A 1077 . ? 1_555 ? 
12 AC2 7  HOH F .   ? HOH A 1094 . ? 1_555 ? 
13 AC2 7  HOH F .   ? HOH A 1099 . ? 1_555 ? 
14 AC3 24 THR A 39  ? THR A 39   . ? 1_555 ? 
15 AC3 24 LYS A 42  ? LYS A 42   . ? 1_555 ? 
16 AC3 24 PHE A 43  ? PHE A 43   . ? 1_555 ? 
17 AC3 24 LYS A 45  ? LYS A 45   . ? 1_555 ? 
18 AC3 24 HIS A 64  ? HIS A 64   . ? 1_555 ? 
19 AC3 24 VAL A 68  ? VAL A 68   . ? 1_555 ? 
20 AC3 24 ALA A 71  ? ALA A 71   . ? 1_555 ? 
21 AC3 24 SER A 92  ? SER A 92   . ? 1_555 ? 
22 AC3 24 HIS A 93  ? HIS A 93   . ? 1_555 ? 
23 AC3 24 HIS A 97  ? HIS A 97   . ? 1_555 ? 
24 AC3 24 ILE A 99  ? ILE A 99   . ? 1_555 ? 
25 AC3 24 TYR A 103 ? TYR A 103  . ? 1_555 ? 
26 AC3 24 LEU A 104 ? LEU A 104  . ? 1_555 ? 
27 AC3 24 HIS A 113 ? HIS A 113  . ? 1_565 ? 
28 AC3 24 HIS A 116 ? HIS A 116  . ? 1_565 ? 
29 AC3 24 GLN A 128 ? GLN A 128  . ? 1_565 ? 
30 AC3 24 PHE A 138 ? PHE A 138  . ? 1_555 ? 
31 AC3 24 NOE E .   ? NOE A 155  . ? 1_555 ? 
32 AC3 24 HOH F .   ? HOH A 1000 . ? 1_555 ? 
33 AC3 24 HOH F .   ? HOH A 1032 . ? 1_565 ? 
34 AC3 24 HOH F .   ? HOH A 1124 . ? 1_555 ? 
35 AC3 24 HOH F .   ? HOH A 1160 . ? 1_555 ? 
36 AC3 24 HOH F .   ? HOH A 1164 . ? 1_555 ? 
37 AC3 24 HOH F .   ? HOH A 1177 . ? 1_555 ? 
38 AC4 6  LEU A 29  ? LEU A 29   . ? 1_555 ? 
39 AC4 6  PHE A 43  ? PHE A 43   . ? 1_555 ? 
40 AC4 6  HIS A 64  ? HIS A 64   . ? 1_555 ? 
41 AC4 6  VAL A 68  ? VAL A 68   . ? 1_555 ? 
42 AC4 6  HEM D .   ? HEM A 154  . ? 1_555 ? 
43 AC4 6  HOH F .   ? HOH A 1000 . ? 1_555 ? 
# 
_atom_sites.entry_id                    1NPG 
_atom_sites.fract_transf_matrix[1][1]   -0.01665195 
_atom_sites.fract_transf_matrix[1][2]   -0.02097350 
_atom_sites.fract_transf_matrix[1][3]   -0.01264636 
_atom_sites.fract_transf_matrix[2][1]   -0.02107848 
_atom_sites.fract_transf_matrix[2][2]   0.00001181 
_atom_sites.fract_transf_matrix[2][3]   0.02773526 
_atom_sites.fract_transf_matrix[3][1]   -0.01153818 
_atom_sites.fract_transf_matrix[3][2]   0.00793267 
_atom_sites.fract_transf_matrix[3][3]   -0.00877227 
_atom_sites.fract_transf_vector[1]      0.501944 
_atom_sites.fract_transf_vector[2]      0.745160 
_atom_sites.fract_transf_vector[3]      0.254377 
# 
loop_
_atom_type.symbol 
C  
FE 
N  
O  
S  
# 
loop_
_atom_site.group_PDB 
_atom_site.id 
_atom_site.type_symbol 
_atom_site.label_atom_id 
_atom_site.label_alt_id 
_atom_site.label_comp_id 
_atom_site.label_asym_id 
_atom_site.label_entity_id 
_atom_site.label_seq_id 
_atom_site.pdbx_PDB_ins_code 
_atom_site.Cartn_x 
_atom_site.Cartn_y 
_atom_site.Cartn_z 
_atom_site.occupancy 
_atom_site.B_iso_or_equiv 
_atom_site.pdbx_formal_charge 
_atom_site.auth_seq_id 
_atom_site.auth_comp_id 
_atom_site.auth_asym_id 
_atom_site.auth_atom_id 
_atom_site.pdbx_PDB_model_num 
ATOM   1    N  N   . GLY A 1 1   ? 18.081  2.076   6.744   1.00 21.17 ? 1    GLY A N   1 
ATOM   2    C  CA  . GLY A 1 1   ? 17.027  3.107   6.541   1.00 17.91 ? 1    GLY A CA  1 
ATOM   3    C  C   . GLY A 1 1   ? 17.256  3.927   5.285   1.00 16.26 ? 1    GLY A C   1 
ATOM   4    O  O   . GLY A 1 1   ? 18.111  3.601   4.466   1.00 18.04 ? 1    GLY A O   1 
ATOM   5    N  N   . LEU A 1 2   ? 16.482  4.995   5.134   1.00 13.84 ? 2    LEU A N   1 
ATOM   6    C  CA  . LEU A 1 2   ? 16.605  5.874   3.975   1.00 12.73 ? 2    LEU A CA  1 
ATOM   7    C  C   . LEU A 1 2   ? 17.367  7.142   4.335   1.00 12.51 ? 2    LEU A C   1 
ATOM   8    O  O   . LEU A 1 2   ? 17.311  7.608   5.477   1.00 12.53 ? 2    LEU A O   1 
ATOM   9    C  CB  . LEU A 1 2   ? 15.222  6.269   3.451   1.00 12.37 ? 2    LEU A CB  1 
ATOM   10   C  CG  . LEU A 1 2   ? 14.405  5.244   2.660   1.00 13.32 ? 2    LEU A CG  1 
ATOM   11   C  CD1 . LEU A 1 2   ? 13.979  4.089   3.561   1.00 10.11 ? 2    LEU A CD1 1 
ATOM   12   C  CD2 . LEU A 1 2   ? 13.188  5.946   2.066   1.00 11.08 ? 2    LEU A CD2 1 
ATOM   13   N  N   . SER A 1 3   ? 18.078  7.701   3.361   1.00 11.12 ? 3    SER A N   1 
ATOM   14   C  CA  . SER A 1 3   ? 18.832  8.931   3.574   1.00 11.93 ? 3    SER A CA  1 
ATOM   15   C  C   . SER A 1 3   ? 17.839  10.089  3.584   1.00 12.93 ? 3    SER A C   1 
ATOM   16   O  O   . SER A 1 3   ? 16.664  9.897   3.286   1.00 9.76  ? 3    SER A O   1 
ATOM   17   C  CB  . SER A 1 3   ? 19.840  9.148   2.442   1.00 13.32 ? 3    SER A CB  1 
ATOM   18   O  OG  . SER A 1 3   ? 19.177  9.397   1.213   1.00 12.69 ? 3    SER A OG  1 
ATOM   19   N  N   . ASP A 1 4   ? 18.306  11.283  3.938   1.00 13.58 ? 4    ASP A N   1 
ATOM   20   C  CA  . ASP A 1 4   ? 17.428  12.447  3.947   1.00 14.88 ? 4    ASP A CA  1 
ATOM   21   C  C   . ASP A 1 4   ? 16.968  12.712  2.521   1.00 13.45 ? 4    ASP A C   1 
ATOM   22   O  O   . ASP A 1 4   ? 15.806  13.031  2.282   1.00 12.62 ? 4    ASP A O   1 
ATOM   23   C  CB  . ASP A 1 4   ? 18.166  13.673  4.499   1.00 18.87 ? 4    ASP A CB  1 
ATOM   24   C  CG  . ASP A 1 4   ? 18.591  13.490  5.940   1.00 22.38 ? 4    ASP A CG  1 
ATOM   25   O  OD1 . ASP A 1 4   ? 17.745  13.054  6.746   1.00 26.70 ? 4    ASP A OD1 1 
ATOM   26   O  OD2 . ASP A 1 4   ? 19.762  13.783  6.267   1.00 25.06 ? 4    ASP A OD2 1 
ATOM   27   N  N   . GLY A 1 5   ? 17.890  12.574  1.575   1.00 13.87 ? 5    GLY A N   1 
ATOM   28   C  CA  . GLY A 1 5   ? 17.554  12.790  0.182   1.00 12.86 ? 5    GLY A CA  1 
ATOM   29   C  C   . GLY A 1 5   ? 16.503  11.809  -0.309  1.00 11.76 ? 5    GLY A C   1 
ATOM   30   O  O   . GLY A 1 5   ? 15.604  12.176  -1.068  1.00 11.64 ? 5    GLY A O   1 
ATOM   31   N  N   . GLU A 1 6   ? 16.610  10.557  0.125   1.00 11.93 ? 6    GLU A N   1 
ATOM   32   C  CA  . GLU A 1 6   ? 15.649  9.545   -0.288  1.00 10.72 ? 6    GLU A CA  1 
ATOM   33   C  C   . GLU A 1 6   ? 14.278  9.820   0.315   1.00 9.95  ? 6    GLU A C   1 
ATOM   34   O  O   . GLU A 1 6   ? 13.258  9.664   -0.356  1.00 9.12  ? 6    GLU A O   1 
ATOM   35   C  CB  . GLU A 1 6   ? 16.147  8.148   0.095   1.00 10.98 ? 6    GLU A CB  1 
ATOM   36   C  CG  . GLU A 1 6   ? 17.419  7.757   -0.656  1.00 12.08 ? 6    GLU A CG  1 
ATOM   37   C  CD  . GLU A 1 6   ? 17.995  6.423   -0.217  1.00 13.74 ? 6    GLU A CD  1 
ATOM   38   O  OE1 . GLU A 1 6   ? 17.966  6.124   0.998   1.00 12.20 ? 6    GLU A OE1 1 
ATOM   39   O  OE2 . GLU A 1 6   ? 18.499  5.680   -1.087  1.00 13.41 ? 6    GLU A OE2 1 
ATOM   40   N  N   . TRP A 1 7   ? 14.246  10.247  1.574   1.00 9.05  ? 7    TRP A N   1 
ATOM   41   C  CA  . TRP A 1 7   ? 12.970  10.552  2.206   1.00 7.90  ? 7    TRP A CA  1 
ATOM   42   C  C   . TRP A 1 7   ? 12.310  11.719  1.480   1.00 8.53  ? 7    TRP A C   1 
ATOM   43   O  O   . TRP A 1 7   ? 11.093  11.737  1.298   1.00 9.37  ? 7    TRP A O   1 
ATOM   44   C  CB  . TRP A 1 7   ? 13.157  10.896  3.685   1.00 8.69  ? 7    TRP A CB  1 
ATOM   45   C  CG  . TRP A 1 7   ? 13.169  9.693   4.577   1.00 9.02  ? 7    TRP A CG  1 
ATOM   46   C  CD1 . TRP A 1 7   ? 14.148  9.335   5.466   1.00 9.60  ? 7    TRP A CD1 1 
ATOM   47   C  CD2 . TRP A 1 7   ? 12.150  8.687   4.676   1.00 9.42  ? 7    TRP A CD2 1 
ATOM   48   N  NE1 . TRP A 1 7   ? 13.801  8.172   6.109   1.00 10.71 ? 7    TRP A NE1 1 
ATOM   49   C  CE2 . TRP A 1 7   ? 12.582  7.751   5.644   1.00 10.35 ? 7    TRP A CE2 1 
ATOM   50   C  CE3 . TRP A 1 7   ? 10.918  8.486   4.043   1.00 9.94  ? 7    TRP A CE3 1 
ATOM   51   C  CZ2 . TRP A 1 7   ? 11.824  6.629   5.992   1.00 10.32 ? 7    TRP A CZ2 1 
ATOM   52   C  CZ3 . TRP A 1 7   ? 10.160  7.365   4.393   1.00 9.60  ? 7    TRP A CZ3 1 
ATOM   53   C  CH2 . TRP A 1 7   ? 10.620  6.454   5.360   1.00 10.09 ? 7    TRP A CH2 1 
ATOM   54   N  N   . GLN A 1 8   ? 13.115  12.687  1.050   1.00 9.53  ? 8    GLN A N   1 
ATOM   55   C  CA  . GLN A 1 8   ? 12.568  13.840  0.345   1.00 11.64 ? 8    GLN A CA  1 
ATOM   56   C  C   . GLN A 1 8   ? 11.925  13.386  -0.962  1.00 11.38 ? 8    GLN A C   1 
ATOM   57   O  O   . GLN A 1 8   ? 10.857  13.871  -1.339  1.00 11.81 ? 8    GLN A O   1 
ATOM   58   C  CB  . GLN A 1 8   ? 13.660  14.879  0.062   1.00 14.22 ? 8    GLN A CB  1 
ATOM   59   C  CG  . GLN A 1 8   ? 13.153  16.095  -0.707  1.00 17.33 ? 8    GLN A CG  1 
ATOM   60   C  CD  . GLN A 1 8   ? 14.156  17.237  -0.737  1.00 19.91 ? 8    GLN A CD  1 
ATOM   61   O  OE1 . GLN A 1 8   ? 15.311  17.057  -1.122  1.00 22.19 ? 8    GLN A OE1 1 
ATOM   62   N  NE2 . GLN A 1 8   ? 13.710  18.424  -0.337  1.00 19.47 ? 8    GLN A NE2 1 
ATOM   63   N  N   . GLN A 1 9   ? 12.573  12.454  -1.655  1.00 12.24 ? 9    GLN A N   1 
ATOM   64   C  CA  . GLN A 1 9   ? 12.012  11.944  -2.900  1.00 11.76 ? 9    GLN A CA  1 
ATOM   65   C  C   . GLN A 1 9   ? 10.720  11.177  -2.639  1.00 10.60 ? 9    GLN A C   1 
ATOM   66   O  O   . GLN A 1 9   ? 9.757   11.291  -3.392  1.00 9.79  ? 9    GLN A O   1 
ATOM   67   C  CB  . GLN A 1 9   ? 13.017  11.038  -3.620  1.00 14.95 ? 9    GLN A CB  1 
ATOM   68   C  CG  . GLN A 1 9   ? 14.103  11.814  -4.341  1.00 18.77 ? 9    GLN A CG  1 
ATOM   69   C  CD  . GLN A 1 9   ? 14.414  11.238  -5.705  1.00 22.10 ? 9    GLN A CD  1 
ATOM   70   O  OE1 . GLN A 1 9   ? 15.216  10.309  -5.835  1.00 23.56 ? 9    GLN A OE1 1 
ATOM   71   N  NE2 . GLN A 1 9   ? 13.767  11.774  -6.736  1.00 25.51 ? 9    GLN A NE2 1 
ATOM   72   N  N   . VAL A 1 10  ? 10.700  10.394  -1.568  1.00 9.97  ? 10   VAL A N   1 
ATOM   73   C  CA  . VAL A 1 10  ? 9.505   9.627   -1.236  1.00 8.74  ? 10   VAL A CA  1 
ATOM   74   C  C   . VAL A 1 10  ? 8.315   10.561  -1.021  1.00 9.32  ? 10   VAL A C   1 
ATOM   75   O  O   . VAL A 1 10  ? 7.235   10.347  -1.570  1.00 9.01  ? 10   VAL A O   1 
ATOM   76   C  CB  . VAL A 1 10  ? 9.707   8.784   0.044   1.00 9.08  ? 10   VAL A CB  1 
ATOM   77   C  CG1 . VAL A 1 10  ? 8.394   8.116   0.438   1.00 10.42 ? 10   VAL A CG1 1 
ATOM   78   C  CG2 . VAL A 1 10  ? 10.776  7.722   -0.192  1.00 9.93  ? 10   VAL A CG2 1 
ATOM   79   N  N   . LEU A 1 11  ? 8.521   11.607  -0.225  1.00 8.70  ? 11   LEU A N   1 
ATOM   80   C  CA  . LEU A 1 11  ? 7.447   12.540  0.068   1.00 8.90  ? 11   LEU A CA  1 
ATOM   81   C  C   . LEU A 1 11  ? 7.108   13.460  -1.097  1.00 9.90  ? 11   LEU A C   1 
ATOM   82   O  O   . LEU A 1 11  ? 6.031   14.052  -1.126  1.00 11.27 ? 11   LEU A O   1 
ATOM   83   C  CB  . LEU A 1 11  ? 7.790   13.342  1.328   1.00 9.64  ? 11   LEU A CB  1 
ATOM   84   C  CG  . LEU A 1 11  ? 7.909   12.412  2.541   1.00 8.26  ? 11   LEU A CG  1 
ATOM   85   C  CD1 . LEU A 1 11  ? 8.215   13.207  3.805   1.00 10.73 ? 11   LEU A CD1 1 
ATOM   86   C  CD2 . LEU A 1 11  ? 6.592   11.645  2.710   1.00 9.93  ? 11   LEU A CD2 1 
ATOM   87   N  N   . ASN A 1 12  ? 8.021   13.578  -2.059  1.00 9.33  ? 12   ASN A N   1 
ATOM   88   C  CA  . ASN A 1 12  ? 7.753   14.407  -3.230  1.00 10.50 ? 12   ASN A CA  1 
ATOM   89   C  C   . ASN A 1 12  ? 6.853   13.571  -4.132  1.00 9.96  ? 12   ASN A C   1 
ATOM   90   O  O   . ASN A 1 12  ? 5.863   14.062  -4.675  1.00 11.31 ? 12   ASN A O   1 
ATOM   91   C  CB  . ASN A 1 12  ? 9.049   14.769  -3.958  1.00 11.70 ? 12   ASN A CB  1 
ATOM   92   C  CG  . ASN A 1 12  ? 8.804   15.653  -5.164  1.00 16.98 ? 12   ASN A CG  1 
ATOM   93   O  OD1 . ASN A 1 12  ? 8.738   15.177  -6.293  1.00 18.34 ? 12   ASN A OD1 1 
ATOM   94   N  ND2 . ASN A 1 12  ? 8.646   16.949  -4.924  1.00 18.49 ? 12   ASN A ND2 1 
ATOM   95   N  N   . VAL A 1 13  ? 7.196   12.297  -4.272  1.00 9.28  ? 13   VAL A N   1 
ATOM   96   C  CA  . VAL A 1 13  ? 6.396   11.387  -5.077  1.00 10.29 ? 13   VAL A CA  1 
ATOM   97   C  C   . VAL A 1 13  ? 5.004   11.296  -4.463  1.00 10.35 ? 13   VAL A C   1 
ATOM   98   O  O   . VAL A 1 13  ? 4.001   11.311  -5.176  1.00 12.18 ? 13   VAL A O   1 
ATOM   99   C  CB  . VAL A 1 13  ? 7.011   9.972   -5.102  1.00 11.42 ? 13   VAL A CB  1 
ATOM   100  C  CG1 . VAL A 1 13  ? 6.014   8.975   -5.691  1.00 10.91 ? 13   VAL A CG1 1 
ATOM   101  C  CG2 . VAL A 1 13  ? 8.299   9.982   -5.914  1.00 12.52 ? 13   VAL A CG2 1 
ATOM   102  N  N   . TRP A 1 14  ? 4.940   11.223  -3.137  1.00 10.70 ? 14   TRP A N   1 
ATOM   103  C  CA  . TRP A 1 14  ? 3.655   11.094  -2.464  1.00 10.39 ? 14   TRP A CA  1 
ATOM   104  C  C   . TRP A 1 14  ? 2.718   12.265  -2.756  1.00 12.35 ? 14   TRP A C   1 
ATOM   105  O  O   . TRP A 1 14  ? 1.500   12.125  -2.671  1.00 12.06 ? 14   TRP A O   1 
ATOM   106  C  CB  . TRP A 1 14  ? 3.851   10.925  -0.955  1.00 13.01 ? 14   TRP A CB  1 
ATOM   107  C  CG  . TRP A 1 14  ? 2.627   10.388  -0.279  1.00 12.20 ? 14   TRP A CG  1 
ATOM   108  C  CD1 . TRP A 1 14  ? 1.743   11.084  0.491   1.00 14.85 ? 14   TRP A CD1 1 
ATOM   109  C  CD2 . TRP A 1 14  ? 2.114   9.053   -0.376  1.00 13.00 ? 14   TRP A CD2 1 
ATOM   110  N  NE1 . TRP A 1 14  ? 0.704   10.266  0.877   1.00 13.28 ? 14   TRP A NE1 1 
ATOM   111  C  CE2 . TRP A 1 14  ? 0.908   9.015   0.359   1.00 13.42 ? 14   TRP A CE2 1 
ATOM   112  C  CE3 . TRP A 1 14  ? 2.557   7.886   -1.014  1.00 13.08 ? 14   TRP A CE3 1 
ATOM   113  C  CZ2 . TRP A 1 14  ? 0.137   7.855   0.474   1.00 13.07 ? 14   TRP A CZ2 1 
ATOM   114  C  CZ3 . TRP A 1 14  ? 1.789   6.730   -0.896  1.00 15.81 ? 14   TRP A CZ3 1 
ATOM   115  C  CH2 . TRP A 1 14  ? 0.591   6.726   -0.157  1.00 13.55 ? 14   TRP A CH2 1 
ATOM   116  N  N   . GLY A 1 15  ? 3.287   13.413  -3.109  1.00 10.22 ? 15   GLY A N   1 
ATOM   117  C  CA  . GLY A 1 15  ? 2.475   14.575  -3.430  1.00 12.96 ? 15   GLY A CA  1 
ATOM   118  C  C   . GLY A 1 15  ? 1.555   14.254  -4.591  1.00 12.79 ? 15   GLY A C   1 
ATOM   119  O  O   . GLY A 1 15  ? 0.458   14.806  -4.702  1.00 13.26 ? 15   GLY A O   1 
ATOM   120  N  N   . LYS A 1 16  ? 2.009   13.357  -5.463  1.00 12.80 ? 16   LYS A N   1 
ATOM   121  C  CA  . LYS A 1 16  ? 1.218   12.941  -6.619  1.00 14.20 ? 16   LYS A CA  1 
ATOM   122  C  C   . LYS A 1 16  ? 0.000   12.169  -6.144  1.00 13.79 ? 16   LYS A C   1 
ATOM   123  O  O   . LYS A 1 16  ? -1.108  12.351  -6.650  1.00 11.63 ? 16   LYS A O   1 
ATOM   124  C  CB  . LYS A 1 16  ? 2.043   12.035  -7.537  1.00 15.86 ? 16   LYS A CB  1 
ATOM   125  C  CG  . LYS A 1 16  ? 3.186   12.725  -8.251  1.00 19.36 ? 16   LYS A CG  1 
ATOM   126  C  CD  . LYS A 1 16  ? 3.953   11.730  -9.110  1.00 19.87 ? 16   LYS A CD  1 
ATOM   127  C  CE  . LYS A 1 16  ? 4.785   12.436  -10.169 1.00 23.32 ? 16   LYS A CE  1 
ATOM   128  N  NZ  . LYS A 1 16  ? 5.716   13.450  -9.608  1.00 21.17 ? 16   LYS A NZ  1 
ATOM   129  N  N   . VAL A 1 17  ? 0.214   11.292  -5.171  1.00 11.25 ? 17   VAL A N   1 
ATOM   130  C  CA  . VAL A 1 17  ? -0.869  10.484  -4.631  1.00 12.37 ? 17   VAL A CA  1 
ATOM   131  C  C   . VAL A 1 17  ? -1.917  11.348  -3.936  1.00 12.08 ? 17   VAL A C   1 
ATOM   132  O  O   . VAL A 1 17  ? -3.122  11.122  -4.082  1.00 13.64 ? 17   VAL A O   1 
ATOM   133  C  CB  . VAL A 1 17  ? -0.333  9.440   -3.618  1.00 12.53 ? 17   VAL A CB  1 
ATOM   134  C  CG1 . VAL A 1 17  ? -1.484  8.623   -3.051  1.00 13.44 ? 17   VAL A CG1 1 
ATOM   135  C  CG2 . VAL A 1 17  ? 0.683   8.528   -4.299  1.00 14.58 ? 17   VAL A CG2 1 
ATOM   136  N  N   . GLU A 1 18  ? -1.459  12.352  -3.196  1.00 12.26 ? 18   GLU A N   1 
ATOM   137  C  CA  . GLU A 1 18  ? -2.372  13.216  -2.463  1.00 13.33 ? 18   GLU A CA  1 
ATOM   138  C  C   . GLU A 1 18  ? -3.222  14.115  -3.341  1.00 13.01 ? 18   GLU A C   1 
ATOM   139  O  O   . GLU A 1 18  ? -4.240  14.635  -2.887  1.00 15.27 ? 18   GLU A O   1 
ATOM   140  C  CB  . GLU A 1 18  ? -1.606  14.062  -1.449  1.00 14.49 ? 18   GLU A CB  1 
ATOM   141  C  CG  . GLU A 1 18  ? -0.761  13.231  -0.514  1.00 16.60 ? 18   GLU A CG  1 
ATOM   142  C  CD  . GLU A 1 18  ? -0.307  14.008  0.697   1.00 19.17 ? 18   GLU A CD  1 
ATOM   143  O  OE1 . GLU A 1 18  ? 0.143   15.163  0.534   1.00 21.41 ? 18   GLU A OE1 1 
ATOM   144  O  OE2 . GLU A 1 18  ? -0.395  13.459  1.813   1.00 17.35 ? 18   GLU A OE2 1 
ATOM   145  N  N   . ALA A 1 19  ? -2.813  14.310  -4.592  1.00 13.11 ? 19   ALA A N   1 
ATOM   146  C  CA  . ALA A 1 19  ? -3.595  15.144  -5.501  1.00 13.15 ? 19   ALA A CA  1 
ATOM   147  C  C   . ALA A 1 19  ? -4.886  14.412  -5.869  1.00 12.66 ? 19   ALA A C   1 
ATOM   148  O  O   . ALA A 1 19  ? -5.885  15.037  -6.209  1.00 12.49 ? 19   ALA A O   1 
ATOM   149  C  CB  . ALA A 1 19  ? -2.800  15.459  -6.756  1.00 12.44 ? 19   ALA A CB  1 
ATOM   150  N  N   . ASP A 1 20  ? -4.850  13.082  -5.801  1.00 11.22 ? 20   ASP A N   1 
ATOM   151  C  CA  . ASP A 1 20  ? -6.015  12.249  -6.103  1.00 12.20 ? 20   ASP A CA  1 
ATOM   152  C  C   . ASP A 1 20  ? -5.874  10.944  -5.336  1.00 12.52 ? 20   ASP A C   1 
ATOM   153  O  O   . ASP A 1 20  ? -5.578  9.896   -5.908  1.00 13.27 ? 20   ASP A O   1 
ATOM   154  C  CB  . ASP A 1 20  ? -6.115  11.961  -7.602  1.00 13.60 ? 20   ASP A CB  1 
ATOM   155  C  CG  . ASP A 1 20  ? -7.247  11.003  -7.936  1.00 14.66 ? 20   ASP A CG  1 
ATOM   156  O  OD1 . ASP A 1 20  ? -8.183  10.876  -7.120  1.00 16.81 ? 20   ASP A OD1 1 
ATOM   157  O  OD2 . ASP A 1 20  ? -7.208  10.384  -9.017  1.00 16.73 ? 20   ASP A OD2 1 
ATOM   158  N  N   . ILE A 1 21  ? -6.093  11.031  -4.031  1.00 12.98 ? 21   ILE A N   1 
ATOM   159  C  CA  . ILE A 1 21  ? -5.972  9.893   -3.132  1.00 14.39 ? 21   ILE A CA  1 
ATOM   160  C  C   . ILE A 1 21  ? -6.962  8.767   -3.439  1.00 16.33 ? 21   ILE A C   1 
ATOM   161  O  O   . ILE A 1 21  ? -6.611  7.585   -3.370  1.00 14.39 ? 21   ILE A O   1 
ATOM   162  C  CB  . ILE A 1 21  ? -6.142  10.362  -1.663  1.00 16.58 ? 21   ILE A CB  1 
ATOM   163  C  CG1 . ILE A 1 21  ? -5.806  9.224   -0.704  1.00 19.73 ? 21   ILE A CG1 1 
ATOM   164  C  CG2 . ILE A 1 21  ? -7.548  10.875  -1.440  1.00 18.04 ? 21   ILE A CG2 1 
ATOM   165  C  CD1 . ILE A 1 21  ? -4.327  8.909   -0.649  1.00 21.67 ? 21   ILE A CD1 1 
ATOM   166  N  N   . ALA A 1 22  ? -8.191  9.134   -3.792  1.00 16.80 ? 22   ALA A N   1 
ATOM   167  C  CA  . ALA A 1 22  ? -9.220  8.146   -4.103  1.00 15.55 ? 22   ALA A CA  1 
ATOM   168  C  C   . ALA A 1 22  ? -8.914  7.397   -5.399  1.00 14.78 ? 22   ALA A C   1 
ATOM   169  O  O   . ALA A 1 22  ? -9.132  6.185   -5.493  1.00 14.48 ? 22   ALA A O   1 
ATOM   170  C  CB  . ALA A 1 22  ? -10.583 8.828   -4.204  1.00 18.19 ? 22   ALA A CB  1 
ATOM   171  N  N   . GLY A 1 23  ? -8.422  8.125   -6.398  1.00 13.69 ? 23   GLY A N   1 
ATOM   172  C  CA  . GLY A 1 23  ? -8.091  7.518   -7.672  1.00 11.95 ? 23   GLY A CA  1 
ATOM   173  C  C   . GLY A 1 23  ? -6.905  6.583   -7.545  1.00 11.97 ? 23   GLY A C   1 
ATOM   174  O  O   . GLY A 1 23  ? -6.930  5.460   -8.053  1.00 11.63 ? 23   GLY A O   1 
ATOM   175  N  N   . HIS A 1 24  ? -5.855  7.038   -6.870  1.00 11.32 ? 24   HIS A N   1 
ATOM   176  C  CA  . HIS A 1 24  ? -4.682  6.190   -6.692  1.00 8.50  ? 24   HIS A CA  1 
ATOM   177  C  C   . HIS A 1 24  ? -5.045  4.985   -5.829  1.00 10.42 ? 24   HIS A C   1 
ATOM   178  O  O   . HIS A 1 24  ? -4.596  3.870   -6.089  1.00 9.64  ? 24   HIS A O   1 
ATOM   179  C  CB  . HIS A 1 24  ? -3.532  6.961   -6.038  1.00 10.74 ? 24   HIS A CB  1 
ATOM   180  C  CG  . HIS A 1 24  ? -2.814  7.892   -6.966  1.00 10.20 ? 24   HIS A CG  1 
ATOM   181  N  ND1 . HIS A 1 24  ? -3.320  9.125   -7.324  1.00 11.12 ? 24   HIS A ND1 1 
ATOM   182  C  CD2 . HIS A 1 24  ? -1.633  7.767   -7.617  1.00 11.06 ? 24   HIS A CD2 1 
ATOM   183  C  CE1 . HIS A 1 24  ? -2.480  9.719   -8.155  1.00 11.83 ? 24   HIS A CE1 1 
ATOM   184  N  NE2 . HIS A 1 24  ? -1.449  8.916   -8.350  1.00 12.19 ? 24   HIS A NE2 1 
ATOM   185  N  N   . GLY A 1 25  ? -5.858  5.219   -4.803  1.00 10.14 ? 25   GLY A N   1 
ATOM   186  C  CA  . GLY A 1 25  ? -6.262  4.144   -3.913  1.00 10.25 ? 25   GLY A CA  1 
ATOM   187  C  C   . GLY A 1 25  ? -7.040  3.059   -4.629  1.00 10.96 ? 25   GLY A C   1 
ATOM   188  O  O   . GLY A 1 25  ? -6.798  1.866   -4.442  1.00 10.92 ? 25   GLY A O   1 
ATOM   189  N  N   . GLN A 1 26  ? -7.992  3.478   -5.452  1.00 11.28 ? 26   GLN A N   1 
ATOM   190  C  CA  . GLN A 1 26  ? -8.809  2.541   -6.208  1.00 13.16 ? 26   GLN A CA  1 
ATOM   191  C  C   . GLN A 1 26  ? -7.935  1.690   -7.130  1.00 13.40 ? 26   GLN A C   1 
ATOM   192  O  O   . GLN A 1 26  ? -8.027  0.460   -7.123  1.00 12.69 ? 26   GLN A O   1 
ATOM   193  C  CB  . GLN A 1 26  ? -9.847  3.315   -7.029  1.00 14.24 ? 26   GLN A CB  1 
ATOM   194  C  CG  . GLN A 1 26  ? -10.604 2.483   -8.055  1.00 19.60 ? 26   GLN A CG  1 
ATOM   195  C  CD  . GLN A 1 26  ? -11.526 3.337   -8.909  1.00 21.52 ? 26   GLN A CD  1 
ATOM   196  O  OE1 . GLN A 1 26  ? -12.686 3.566   -8.564  1.00 25.73 ? 26   GLN A OE1 1 
ATOM   197  N  NE2 . GLN A 1 26  ? -11.001 3.832   -10.022 1.00 25.20 ? 26   GLN A NE2 1 
ATOM   198  N  N   . GLU A 1 27  ? -7.084  2.347   -7.916  1.00 12.38 ? 27   GLU A N   1 
ATOM   199  C  CA  . GLU A 1 27  ? -6.212  1.634   -8.843  1.00 12.45 ? 27   GLU A CA  1 
ATOM   200  C  C   . GLU A 1 27  ? -5.262  0.658   -8.148  1.00 12.28 ? 27   GLU A C   1 
ATOM   201  O  O   . GLU A 1 27  ? -4.979  -0.413  -8.681  1.00 13.75 ? 27   GLU A O   1 
ATOM   202  C  CB  . GLU A 1 27  ? -5.423  2.628   -9.705  1.00 12.64 ? 27   GLU A CB  1 
ATOM   203  C  CG  . GLU A 1 27  ? -6.286  3.324   -10.757 1.00 15.26 ? 27   GLU A CG  1 
ATOM   204  C  CD  . GLU A 1 27  ? -5.487  4.176   -11.727 1.00 18.77 ? 27   GLU A CD  1 
ATOM   205  O  OE1 . GLU A 1 27  ? -4.398  3.738   -12.153 1.00 19.38 ? 27   GLU A OE1 1 
ATOM   206  O  OE2 . GLU A 1 27  ? -5.961  5.279   -12.080 1.00 20.62 ? 27   GLU A OE2 1 
ATOM   207  N  N   . VAL A 1 28  ? -4.776  1.016   -6.963  1.00 9.91  ? 28   VAL A N   1 
ATOM   208  C  CA  . VAL A 1 28  ? -3.871  0.128   -6.232  1.00 9.75  ? 28   VAL A CA  1 
ATOM   209  C  C   . VAL A 1 28  ? -4.623  -1.141  -5.813  1.00 10.09 ? 28   VAL A C   1 
ATOM   210  O  O   . VAL A 1 28  ? -4.136  -2.257  -6.001  1.00 10.94 ? 28   VAL A O   1 
ATOM   211  C  CB  . VAL A 1 28  ? -3.278  0.830   -4.976  1.00 9.85  ? 28   VAL A CB  1 
ATOM   212  C  CG1 . VAL A 1 28  ? -2.616  -0.194  -4.055  1.00 9.79  ? 28   VAL A CG1 1 
ATOM   213  C  CG2 . VAL A 1 28  ? -2.248  1.868   -5.400  1.00 9.89  ? 28   VAL A CG2 1 
ATOM   214  N  N   . LEU A 1 29  ? -5.816  -0.973  -5.256  1.00 10.23 ? 29   LEU A N   1 
ATOM   215  C  CA  . LEU A 1 29  ? -6.596  -2.129  -4.838  1.00 11.01 ? 29   LEU A CA  1 
ATOM   216  C  C   . LEU A 1 29  ? -6.982  -3.002  -6.034  1.00 11.73 ? 29   LEU A C   1 
ATOM   217  O  O   . LEU A 1 29  ? -6.835  -4.220  -5.986  1.00 12.51 ? 29   LEU A O   1 
ATOM   218  C  CB  . LEU A 1 29  ? -7.855  -1.687  -4.088  1.00 11.08 ? 29   LEU A CB  1 
ATOM   219  C  CG  . LEU A 1 29  ? -7.588  -1.026  -2.735  1.00 12.75 ? 29   LEU A CG  1 
ATOM   220  C  CD1 . LEU A 1 29  ? -8.893  -0.684  -2.042  1.00 12.65 ? 29   LEU A CD1 1 
ATOM   221  C  CD2 . LEU A 1 29  ? -6.776  -1.972  -1.885  1.00 13.89 ? 29   LEU A CD2 1 
ATOM   222  N  N   . ILE A 1 30  ? -7.467  -2.379  -7.105  1.00 11.66 ? 30   ILE A N   1 
ATOM   223  C  CA  . ILE A 1 30  ? -7.860  -3.131  -8.293  1.00 13.68 ? 30   ILE A CA  1 
ATOM   224  C  C   . ILE A 1 30  ? -6.685  -3.907  -8.879  1.00 12.45 ? 30   ILE A C   1 
ATOM   225  O  O   . ILE A 1 30  ? -6.852  -5.033  -9.347  1.00 11.57 ? 30   ILE A O   1 
ATOM   226  C  CB  . ILE A 1 30  ? -8.464  -2.200  -9.378  1.00 14.24 ? 30   ILE A CB  1 
ATOM   227  C  CG1 . ILE A 1 30  ? -9.824  -1.677  -8.897  1.00 14.68 ? 30   ILE A CG1 1 
ATOM   228  C  CG2 . ILE A 1 30  ? -8.607  -2.951  -10.695 1.00 17.08 ? 30   ILE A CG2 1 
ATOM   229  C  CD1 . ILE A 1 30  ? -10.519 -0.735  -9.861  1.00 13.75 ? 30   ILE A CD1 1 
ATOM   230  N  N   . ARG A 1 31  ? -5.501  -3.302  -8.854  1.00 11.95 ? 31   ARG A N   1 
ATOM   231  C  CA  . ARG A 1 31  ? -4.303  -3.955  -9.371  1.00 11.98 ? 31   ARG A CA  1 
ATOM   232  C  C   . ARG A 1 31  ? -4.003  -5.166  -8.497  1.00 12.10 ? 31   ARG A C   1 
ATOM   233  O  O   . ARG A 1 31  ? -3.674  -6.241  -8.995  1.00 12.71 ? 31   ARG A O   1 
ATOM   234  C  CB  . ARG A 1 31  ? -3.118  -2.985  -9.347  1.00 13.02 ? 31   ARG A CB  1 
ATOM   235  C  CG  . ARG A 1 31  ? -1.788  -3.591  -9.771  1.00 15.88 ? 31   ARG A CG  1 
ATOM   236  C  CD  . ARG A 1 31  ? -1.765  -3.919  -11.254 1.00 17.27 ? 31   ARG A CD  1 
ATOM   237  N  NE  . ARG A 1 31  ? -0.485  -4.500  -11.652 1.00 19.64 ? 31   ARG A NE  1 
ATOM   238  C  CZ  . ARG A 1 31  ? -0.184  -4.865  -12.893 1.00 21.30 ? 31   ARG A CZ  1 
ATOM   239  N  NH1 . ARG A 1 31  ? -1.074  -4.706  -13.866 1.00 22.35 ? 31   ARG A NH1 1 
ATOM   240  N  NH2 . ARG A 1 31  ? 1.004   -5.388  -13.163 1.00 20.03 ? 31   ARG A NH2 1 
ATOM   241  N  N   . LEU A 1 32  ? -4.119  -4.983  -7.185  1.00 10.49 ? 32   LEU A N   1 
ATOM   242  C  CA  . LEU A 1 32  ? -3.877  -6.057  -6.225  1.00 10.54 ? 32   LEU A CA  1 
ATOM   243  C  C   . LEU A 1 32  ? -4.860  -7.216  -6.418  1.00 11.34 ? 32   LEU A C   1 
ATOM   244  O  O   . LEU A 1 32  ? -4.462  -8.387  -6.493  1.00 10.18 ? 32   LEU A O   1 
ATOM   245  C  CB  . LEU A 1 32  ? -4.023  -5.511  -4.802  1.00 10.59 ? 32   LEU A CB  1 
ATOM   246  C  CG  . LEU A 1 32  ? -3.878  -6.490  -3.634  1.00 10.02 ? 32   LEU A CG  1 
ATOM   247  C  CD1 . LEU A 1 32  ? -2.433  -6.936  -3.521  1.00 11.48 ? 32   LEU A CD1 1 
ATOM   248  C  CD2 . LEU A 1 32  ? -4.319  -5.821  -2.344  1.00 12.22 ? 32   LEU A CD2 1 
ATOM   249  N  N   . PHE A 1 33  ? -6.144  -6.875  -6.493  1.00 10.11 ? 33   PHE A N   1 
ATOM   250  C  CA  . PHE A 1 33  ? -7.209  -7.865  -6.641  1.00 11.29 ? 33   PHE A CA  1 
ATOM   251  C  C   . PHE A 1 33  ? -7.197  -8.611  -7.970  1.00 12.94 ? 33   PHE A C   1 
ATOM   252  O  O   . PHE A 1 33  ? -7.443  -9.813  -8.010  1.00 12.85 ? 33   PHE A O   1 
ATOM   253  C  CB  . PHE A 1 33  ? -8.587  -7.212  -6.469  1.00 10.94 ? 33   PHE A CB  1 
ATOM   254  C  CG  . PHE A 1 33  ? -8.817  -6.595  -5.114  1.00 11.37 ? 33   PHE A CG  1 
ATOM   255  C  CD1 . PHE A 1 33  ? -8.152  -7.070  -3.988  1.00 9.38  ? 33   PHE A CD1 1 
ATOM   256  C  CD2 . PHE A 1 33  ? -9.739  -5.561  -4.961  1.00 12.99 ? 33   PHE A CD2 1 
ATOM   257  C  CE1 . PHE A 1 33  ? -8.404  -6.525  -2.723  1.00 10.83 ? 33   PHE A CE1 1 
ATOM   258  C  CE2 . PHE A 1 33  ? -10.000 -5.009  -3.703  1.00 12.64 ? 33   PHE A CE2 1 
ATOM   259  C  CZ  . PHE A 1 33  ? -9.334  -5.491  -2.586  1.00 12.85 ? 33   PHE A CZ  1 
ATOM   260  N  N   . THR A 1 34  ? -6.933  -7.899  -9.058  1.00 13.74 ? 34   THR A N   1 
ATOM   261  C  CA  . THR A 1 34  ? -6.918  -8.540  -10.364 1.00 15.17 ? 34   THR A CA  1 
ATOM   262  C  C   . THR A 1 34  ? -5.680  -9.402  -10.561 1.00 15.46 ? 34   THR A C   1 
ATOM   263  O  O   . THR A 1 34  ? -5.755  -10.486 -11.147 1.00 15.88 ? 34   THR A O   1 
ATOM   264  C  CB  . THR A 1 34  ? -7.005  -7.505  -11.515 1.00 14.93 ? 34   THR A CB  1 
ATOM   265  O  OG1 . THR A 1 34  ? -5.901  -6.595  -11.433 1.00 16.72 ? 34   THR A OG1 1 
ATOM   266  C  CG2 . THR A 1 34  ? -8.313  -6.730  -11.441 1.00 17.20 ? 34   THR A CG2 1 
ATOM   267  N  N   . GLY A 1 35  ? -4.541  -8.940  -10.060 1.00 14.34 ? 35   GLY A N   1 
ATOM   268  C  CA  . GLY A 1 35  ? -3.324  -9.711  -10.219 1.00 13.54 ? 35   GLY A CA  1 
ATOM   269  C  C   . GLY A 1 35  ? -3.184  -10.851 -9.226  1.00 13.72 ? 35   GLY A C   1 
ATOM   270  O  O   . GLY A 1 35  ? -2.472  -11.820 -9.487  1.00 14.30 ? 35   GLY A O   1 
ATOM   271  N  N   . HIS A 1 36  ? -3.868  -10.741 -8.092  1.00 12.64 ? 36   HIS A N   1 
ATOM   272  C  CA  . HIS A 1 36  ? -3.793  -11.756 -7.042  1.00 12.14 ? 36   HIS A CA  1 
ATOM   273  C  C   . HIS A 1 36  ? -5.179  -11.961 -6.424  1.00 11.15 ? 36   HIS A C   1 
ATOM   274  O  O   . HIS A 1 36  ? -5.460  -11.474 -5.333  1.00 12.15 ? 36   HIS A O   1 
ATOM   275  C  CB  . HIS A 1 36  ? -2.794  -11.291 -5.977  1.00 12.28 ? 36   HIS A CB  1 
ATOM   276  C  CG  . HIS A 1 36  ? -1.474  -10.852 -6.540  1.00 13.77 ? 36   HIS A CG  1 
ATOM   277  N  ND1 . HIS A 1 36  ? -0.474  -11.739 -6.878  1.00 15.26 ? 36   HIS A ND1 1 
ATOM   278  C  CD2 . HIS A 1 36  ? -1.008  -9.622  -6.860  1.00 13.31 ? 36   HIS A CD2 1 
ATOM   279  C  CE1 . HIS A 1 36  ? 0.550   -11.075 -7.381  1.00 14.35 ? 36   HIS A CE1 1 
ATOM   280  N  NE2 . HIS A 1 36  ? 0.253   -9.787  -7.383  1.00 15.28 ? 36   HIS A NE2 1 
ATOM   281  N  N   . PRO A 1 37  ? -6.064  -12.692 -7.125  1.00 11.13 ? 37   PRO A N   1 
ATOM   282  C  CA  . PRO A 1 37  ? -7.435  -12.976 -6.682  1.00 10.54 ? 37   PRO A CA  1 
ATOM   283  C  C   . PRO A 1 37  ? -7.589  -13.514 -5.260  1.00 12.49 ? 37   PRO A C   1 
ATOM   284  O  O   . PRO A 1 37  ? -8.652  -13.371 -4.654  1.00 13.15 ? 37   PRO A O   1 
ATOM   285  C  CB  . PRO A 1 37  ? -7.933  -13.969 -7.732  1.00 12.56 ? 37   PRO A CB  1 
ATOM   286  C  CG  . PRO A 1 37  ? -7.218  -13.527 -8.969  1.00 10.54 ? 37   PRO A CG  1 
ATOM   287  C  CD  . PRO A 1 37  ? -5.810  -13.301 -8.442  1.00 10.15 ? 37   PRO A CD  1 
ATOM   288  N  N   . GLU A 1 38  ? -6.545  -14.146 -4.731  1.00 12.94 ? 38   GLU A N   1 
ATOM   289  C  CA  . GLU A 1 38  ? -6.611  -14.682 -3.380  1.00 12.46 ? 38   GLU A CA  1 
ATOM   290  C  C   . GLU A 1 38  ? -6.722  -13.549 -2.365  1.00 13.66 ? 38   GLU A C   1 
ATOM   291  O  O   . GLU A 1 38  ? -7.192  -13.751 -1.246  1.00 14.29 ? 38   GLU A O   1 
ATOM   292  C  CB  . GLU A 1 38  ? -5.365  -15.518 -3.056  1.00 12.65 ? 38   GLU A CB  1 
ATOM   293  C  CG  . GLU A 1 38  ? -4.059  -14.732 -3.040  1.00 13.55 ? 38   GLU A CG  1 
ATOM   294  C  CD  . GLU A 1 38  ? -3.342  -14.753 -4.368  1.00 12.24 ? 38   GLU A CD  1 
ATOM   295  O  OE1 . GLU A 1 38  ? -4.002  -14.558 -5.410  1.00 13.89 ? 38   GLU A OE1 1 
ATOM   296  O  OE2 . GLU A 1 38  ? -2.111  -14.957 -4.368  1.00 15.08 ? 38   GLU A OE2 1 
ATOM   297  N  N   . THR A 1 39  ? -6.282  -12.358 -2.754  1.00 10.48 ? 39   THR A N   1 
ATOM   298  C  CA  . THR A 1 39  ? -6.337  -11.221 -1.845  1.00 12.23 ? 39   THR A CA  1 
ATOM   299  C  C   . THR A 1 39  ? -7.765  -10.720 -1.695  1.00 11.49 ? 39   THR A C   1 
ATOM   300  O  O   . THR A 1 39  ? -8.170  -10.310 -0.612  1.00 12.09 ? 39   THR A O   1 
ATOM   301  C  CB  . THR A 1 39  ? -5.432  -10.057 -2.322  1.00 13.43 ? 39   THR A CB  1 
ATOM   302  O  OG1 . THR A 1 39  ? -5.870  -9.591  -3.604  1.00 12.47 ? 39   THR A OG1 1 
ATOM   303  C  CG2 . THR A 1 39  ? -3.983  -10.521 -2.427  1.00 15.08 ? 39   THR A CG2 1 
ATOM   304  N  N   . LEU A 1 40  ? -8.529  -10.763 -2.779  1.00 12.44 ? 40   LEU A N   1 
ATOM   305  C  CA  . LEU A 1 40  ? -9.913  -10.307 -2.736  1.00 13.07 ? 40   LEU A CA  1 
ATOM   306  C  C   . LEU A 1 40  ? -10.724 -11.130 -1.736  1.00 14.05 ? 40   LEU A C   1 
ATOM   307  O  O   . LEU A 1 40  ? -11.619 -10.612 -1.066  1.00 13.53 ? 40   LEU A O   1 
ATOM   308  C  CB  . LEU A 1 40  ? -10.555 -10.421 -4.121  1.00 12.93 ? 40   LEU A CB  1 
ATOM   309  C  CG  . LEU A 1 40  ? -11.983 -9.877  -4.226  1.00 14.32 ? 40   LEU A CG  1 
ATOM   310  C  CD1 . LEU A 1 40  ? -11.957 -8.363  -4.076  1.00 12.06 ? 40   LEU A CD1 1 
ATOM   311  C  CD2 . LEU A 1 40  ? -12.591 -10.268 -5.567  1.00 15.54 ? 40   LEU A CD2 1 
ATOM   312  N  N   . GLU A 1 41  ? -10.405 -12.417 -1.634  1.00 13.83 ? 41   GLU A N   1 
ATOM   313  C  CA  . GLU A 1 41  ? -11.127 -13.296 -0.722  1.00 16.60 ? 41   GLU A CA  1 
ATOM   314  C  C   . GLU A 1 41  ? -10.947 -12.926 0.744   1.00 16.01 ? 41   GLU A C   1 
ATOM   315  O  O   . GLU A 1 41  ? -11.720 -13.359 1.597   1.00 17.35 ? 41   GLU A O   1 
ATOM   316  C  CB  . GLU A 1 41  ? -10.711 -14.753 -0.953  1.00 18.00 ? 41   GLU A CB  1 
ATOM   317  C  CG  . GLU A 1 41  ? -11.122 -15.268 -2.317  1.00 22.35 ? 41   GLU A CG  1 
ATOM   318  C  CD  . GLU A 1 41  ? -12.585 -14.991 -2.615  1.00 23.86 ? 41   GLU A CD  1 
ATOM   319  O  OE1 . GLU A 1 41  ? -13.447 -15.542 -1.900  1.00 24.57 ? 41   GLU A OE1 1 
ATOM   320  O  OE2 . GLU A 1 41  ? -12.873 -14.215 -3.556  1.00 24.56 ? 41   GLU A OE2 1 
ATOM   321  N  N   . LYS A 1 42  ? -9.930  -12.121 1.039   1.00 15.34 ? 42   LYS A N   1 
ATOM   322  C  CA  . LYS A 1 42  ? -9.682  -11.697 2.412   1.00 15.29 ? 42   LYS A CA  1 
ATOM   323  C  C   . LYS A 1 42  ? -10.648 -10.585 2.812   1.00 14.04 ? 42   LYS A C   1 
ATOM   324  O  O   . LYS A 1 42  ? -10.737 -10.225 3.988   1.00 12.13 ? 42   LYS A O   1 
ATOM   325  C  CB  . LYS A 1 42  ? -8.242  -11.207 2.566   1.00 15.86 ? 42   LYS A CB  1 
ATOM   326  C  CG  . LYS A 1 42  ? -7.198  -12.303 2.425   1.00 17.92 ? 42   LYS A CG  1 
ATOM   327  C  CD  . LYS A 1 42  ? -7.273  -13.293 3.579   1.00 17.84 ? 42   LYS A CD  1 
ATOM   328  C  CE  . LYS A 1 42  ? -6.200  -14.362 3.461   1.00 18.55 ? 42   LYS A CE  1 
ATOM   329  N  NZ  . LYS A 1 42  ? -6.137  -15.211 4.688   1.00 19.20 ? 42   LYS A NZ  1 
ATOM   330  N  N   . PHE A 1 43  ? -11.359 -10.043 1.826   1.00 13.79 ? 43   PHE A N   1 
ATOM   331  C  CA  . PHE A 1 43  ? -12.329 -8.973  2.059   1.00 14.88 ? 43   PHE A CA  1 
ATOM   332  C  C   . PHE A 1 43  ? -13.753 -9.475  1.876   1.00 17.09 ? 43   PHE A C   1 
ATOM   333  O  O   . PHE A 1 43  ? -14.198 -9.658  0.744   1.00 17.34 ? 43   PHE A O   1 
ATOM   334  C  CB  . PHE A 1 43  ? -12.155 -7.818  1.067   1.00 11.90 ? 43   PHE A CB  1 
ATOM   335  C  CG  . PHE A 1 43  ? -10.882 -7.052  1.223   1.00 11.46 ? 43   PHE A CG  1 
ATOM   336  C  CD1 . PHE A 1 43  ? -9.722  -7.475  0.593   1.00 14.31 ? 43   PHE A CD1 1 
ATOM   337  C  CD2 . PHE A 1 43  ? -10.856 -5.875  1.960   1.00 12.27 ? 43   PHE A CD2 1 
ATOM   338  C  CE1 . PHE A 1 43  ? -8.551  -6.731  0.689   1.00 13.30 ? 43   PHE A CE1 1 
ATOM   339  C  CE2 . PHE A 1 43  ? -9.692  -5.127  2.061   1.00 12.35 ? 43   PHE A CE2 1 
ATOM   340  C  CZ  . PHE A 1 43  ? -8.541  -5.561  1.420   1.00 12.37 ? 43   PHE A CZ  1 
ATOM   341  N  N   . ASP A 1 44  ? -14.479 -9.678  2.970   1.00 19.89 ? 44   ASP A N   1 
ATOM   342  C  CA  . ASP A 1 44  ? -15.855 -10.140 2.843   1.00 22.79 ? 44   ASP A CA  1 
ATOM   343  C  C   . ASP A 1 44  ? -16.676 -9.079  2.124   1.00 22.37 ? 44   ASP A C   1 
ATOM   344  O  O   . ASP A 1 44  ? -17.617 -9.399  1.401   1.00 24.04 ? 44   ASP A O   1 
ATOM   345  C  CB  . ASP A 1 44  ? -16.478 -10.411 4.215   1.00 26.33 ? 44   ASP A CB  1 
ATOM   346  C  CG  . ASP A 1 44  ? -15.823 -11.569 4.933   1.00 29.51 ? 44   ASP A CG  1 
ATOM   347  O  OD1 . ASP A 1 44  ? -15.575 -12.610 4.284   1.00 29.64 ? 44   ASP A OD1 1 
ATOM   348  O  OD2 . ASP A 1 44  ? -15.566 -11.444 6.150   1.00 31.69 ? 44   ASP A OD2 1 
ATOM   349  N  N   . LYS A 1 45  ? -16.304 -7.815  2.311   1.00 20.86 ? 45   LYS A N   1 
ATOM   350  C  CA  . LYS A 1 45  ? -17.032 -6.714  1.693   1.00 20.49 ? 45   LYS A CA  1 
ATOM   351  C  C   . LYS A 1 45  ? -16.653 -6.407  0.244   1.00 18.76 ? 45   LYS A C   1 
ATOM   352  O  O   . LYS A 1 45  ? -17.161 -5.447  -0.336  1.00 18.46 ? 45   LYS A O   1 
ATOM   353  C  CB  . LYS A 1 45  ? -16.887 -5.443  2.532   1.00 21.07 ? 45   LYS A CB  1 
ATOM   354  C  CG  . LYS A 1 45  ? -15.519 -4.783  2.467   1.00 21.89 ? 45   LYS A CG  1 
ATOM   355  C  CD  . LYS A 1 45  ? -15.520 -3.493  3.277   1.00 22.00 ? 45   LYS A CD  1 
ATOM   356  C  CE  . LYS A 1 45  ? -14.205 -2.740  3.142   1.00 22.71 ? 45   LYS A CE  1 
ATOM   357  N  NZ  . LYS A 1 45  ? -14.189 -1.506  3.983   1.00 24.58 ? 45   LYS A NZ  1 
ATOM   358  N  N   . PHE A 1 46  ? -15.761 -7.199  -0.341  1.00 17.08 ? 46   PHE A N   1 
ATOM   359  C  CA  . PHE A 1 46  ? -15.374 -6.990  -1.734  1.00 17.70 ? 46   PHE A CA  1 
ATOM   360  C  C   . PHE A 1 46  ? -15.445 -8.288  -2.536  1.00 18.35 ? 46   PHE A C   1 
ATOM   361  O  O   . PHE A 1 46  ? -15.262 -8.281  -3.751  1.00 18.43 ? 46   PHE A O   1 
ATOM   362  C  CB  . PHE A 1 46  ? -13.957 -6.411  -1.844  1.00 17.41 ? 46   PHE A CB  1 
ATOM   363  C  CG  . PHE A 1 46  ? -13.827 -5.001  -1.332  1.00 17.21 ? 46   PHE A CG  1 
ATOM   364  C  CD1 . PHE A 1 46  ? -14.798 -4.046  -1.614  1.00 17.82 ? 46   PHE A CD1 1 
ATOM   365  C  CD2 . PHE A 1 46  ? -12.713 -4.619  -0.585  1.00 14.97 ? 46   PHE A CD2 1 
ATOM   366  C  CE1 . PHE A 1 46  ? -14.664 -2.733  -1.161  1.00 17.08 ? 46   PHE A CE1 1 
ATOM   367  C  CE2 . PHE A 1 46  ? -12.570 -3.314  -0.128  1.00 16.35 ? 46   PHE A CE2 1 
ATOM   368  C  CZ  . PHE A 1 46  ? -13.548 -2.366  -0.416  1.00 17.10 ? 46   PHE A CZ  1 
ATOM   369  N  N   . LYS A 1 47  ? -15.723 -9.396  -1.855  1.00 20.38 ? 47   LYS A N   1 
ATOM   370  C  CA  . LYS A 1 47  ? -15.803 -10.697 -2.514  1.00 21.38 ? 47   LYS A CA  1 
ATOM   371  C  C   . LYS A 1 47  ? -16.946 -10.788 -3.520  1.00 23.27 ? 47   LYS A C   1 
ATOM   372  O  O   . LYS A 1 47  ? -16.959 -11.675 -4.374  1.00 23.22 ? 47   LYS A O   1 
ATOM   373  C  CB  . LYS A 1 47  ? -15.944 -11.810 -1.470  0.50 22.28 ? 47   LYS A CB  1 
ATOM   374  C  CG  . LYS A 1 47  ? -17.185 -11.702 -0.601  0.50 23.68 ? 47   LYS A CG  1 
ATOM   375  C  CD  . LYS A 1 47  ? -17.216 -12.801 0.451   0.50 25.83 ? 47   LYS A CD  1 
ATOM   376  C  CE  . LYS A 1 47  ? -18.405 -12.644 1.392   0.50 25.60 ? 47   LYS A CE  1 
ATOM   377  N  NZ  . LYS A 1 47  ? -19.706 -12.708 0.669   0.50 27.27 ? 47   LYS A NZ  1 
ATOM   378  N  N   . HIS A 1 48  ? -17.903 -9.870  -3.423  1.00 23.36 ? 48   HIS A N   1 
ATOM   379  C  CA  . HIS A 1 48  ? -19.046 -9.855  -4.332  1.00 24.55 ? 48   HIS A CA  1 
ATOM   380  C  C   . HIS A 1 48  ? -18.638 -9.290  -5.687  1.00 24.87 ? 48   HIS A C   1 
ATOM   381  O  O   . HIS A 1 48  ? -19.365 -9.430  -6.670  1.00 25.81 ? 48   HIS A O   1 
ATOM   382  C  CB  . HIS A 1 48  ? -20.166 -8.996  -3.747  1.00 25.27 ? 48   HIS A CB  1 
ATOM   383  C  CG  . HIS A 1 48  ? -19.829 -7.539  -3.684  1.00 24.78 ? 48   HIS A CG  1 
ATOM   384  N  ND1 . HIS A 1 48  ? -19.989 -6.691  -4.761  1.00 23.93 ? 48   HIS A ND1 1 
ATOM   385  C  CD2 . HIS A 1 48  ? -19.298 -6.790  -2.690  1.00 23.31 ? 48   HIS A CD2 1 
ATOM   386  C  CE1 . HIS A 1 48  ? -19.572 -5.483  -4.430  1.00 23.29 ? 48   HIS A CE1 1 
ATOM   387  N  NE2 . HIS A 1 48  ? -19.146 -5.515  -3.179  1.00 24.60 ? 48   HIS A NE2 1 
ATOM   388  N  N   . LEU A 1 49  ? -17.483 -8.634  -5.733  1.00 23.61 ? 49   LEU A N   1 
ATOM   389  C  CA  . LEU A 1 49  ? -16.986 -8.057  -6.975  1.00 24.59 ? 49   LEU A CA  1 
ATOM   390  C  C   . LEU A 1 49  ? -16.400 -9.162  -7.843  1.00 25.48 ? 49   LEU A C   1 
ATOM   391  O  O   . LEU A 1 49  ? -15.329 -9.693  -7.551  1.00 25.76 ? 49   LEU A O   1 
ATOM   392  C  CB  . LEU A 1 49  ? -15.926 -6.992  -6.678  1.00 23.89 ? 49   LEU A CB  1 
ATOM   393  C  CG  . LEU A 1 49  ? -16.444 -5.743  -5.955  1.00 22.91 ? 49   LEU A CG  1 
ATOM   394  C  CD1 . LEU A 1 49  ? -15.282 -4.875  -5.510  1.00 22.64 ? 49   LEU A CD1 1 
ATOM   395  C  CD2 . LEU A 1 49  ? -17.371 -4.967  -6.885  1.00 24.25 ? 49   LEU A CD2 1 
ATOM   396  N  N   . LYS A 1 50  ? -17.110 -9.511  -8.912  1.00 26.69 ? 50   LYS A N   1 
ATOM   397  C  CA  . LYS A 1 50  ? -16.669 -10.573 -9.811  1.00 27.10 ? 50   LYS A CA  1 
ATOM   398  C  C   . LYS A 1 50  ? -15.908 -10.082 -11.040 1.00 26.37 ? 50   LYS A C   1 
ATOM   399  O  O   . LYS A 1 50  ? -15.159 -10.840 -11.652 1.00 26.36 ? 50   LYS A O   1 
ATOM   400  C  CB  . LYS A 1 50  ? -17.873 -11.408 -10.258 1.00 29.86 ? 50   LYS A CB  1 
ATOM   401  C  CG  . LYS A 1 50  ? -18.471 -12.281 -9.164  1.00 31.08 ? 50   LYS A CG  1 
ATOM   402  C  CD  . LYS A 1 50  ? -17.478 -13.343 -8.703  1.00 33.39 ? 50   LYS A CD  1 
ATOM   403  C  CE  . LYS A 1 50  ? -18.107 -14.293 -7.691  1.00 34.23 ? 50   LYS A CE  1 
ATOM   404  N  NZ  . LYS A 1 50  ? -18.592 -13.576 -6.480  1.00 35.38 ? 50   LYS A NZ  1 
ATOM   405  N  N   . THR A 1 51  ? -16.099 -8.818  -11.401 1.00 23.62 ? 51   THR A N   1 
ATOM   406  C  CA  . THR A 1 51  ? -15.421 -8.257  -12.566 1.00 22.15 ? 51   THR A CA  1 
ATOM   407  C  C   . THR A 1 51  ? -14.736 -6.943  -12.223 1.00 20.61 ? 51   THR A C   1 
ATOM   408  O  O   . THR A 1 51  ? -15.128 -6.260  -11.279 1.00 19.83 ? 51   THR A O   1 
ATOM   409  C  CB  . THR A 1 51  ? -16.412 -7.982  -13.705 1.00 21.62 ? 51   THR A CB  1 
ATOM   410  O  OG1 . THR A 1 51  ? -17.291 -6.914  -13.320 1.00 20.26 ? 51   THR A OG1 1 
ATOM   411  C  CG2 . THR A 1 51  ? -17.238 -9.224  -14.002 1.00 22.87 ? 51   THR A CG2 1 
ATOM   412  N  N   . GLU A 1 52  ? -13.715 -6.587  -12.997 1.00 20.06 ? 52   GLU A N   1 
ATOM   413  C  CA  . GLU A 1 52  ? -13.001 -5.342  -12.764 1.00 19.70 ? 52   GLU A CA  1 
ATOM   414  C  C   . GLU A 1 52  ? -13.962 -4.170  -12.948 1.00 19.41 ? 52   GLU A C   1 
ATOM   415  O  O   . GLU A 1 52  ? -13.832 -3.141  -12.288 1.00 18.33 ? 52   GLU A O   1 
ATOM   416  C  CB  . GLU A 1 52  ? -11.825 -5.204  -13.734 1.00 18.62 ? 52   GLU A CB  1 
ATOM   417  C  CG  . GLU A 1 52  ? -10.863 -4.085  -13.357 1.00 20.52 ? 52   GLU A CG  1 
ATOM   418  C  CD  . GLU A 1 52  ? -9.638  -4.024  -14.247 1.00 21.00 ? 52   GLU A CD  1 
ATOM   419  O  OE1 . GLU A 1 52  ? -9.088  -5.095  -14.589 1.00 24.33 ? 52   GLU A OE1 1 
ATOM   420  O  OE2 . GLU A 1 52  ? -9.213  -2.901  -14.589 1.00 23.02 ? 52   GLU A OE2 1 
ATOM   421  N  N   . ALA A 1 53  ? -14.922 -4.331  -13.854 1.00 19.09 ? 53   ALA A N   1 
ATOM   422  C  CA  . ALA A 1 53  ? -15.908 -3.288  -14.111 1.00 19.01 ? 53   ALA A CA  1 
ATOM   423  C  C   . ALA A 1 53  ? -16.666 -3.006  -12.823 1.00 18.90 ? 53   ALA A C   1 
ATOM   424  O  O   . ALA A 1 53  ? -16.916 -1.855  -12.476 1.00 19.65 ? 53   ALA A O   1 
ATOM   425  C  CB  . ALA A 1 53  ? -16.880 -3.734  -15.202 1.00 19.04 ? 53   ALA A CB  1 
ATOM   426  N  N   . GLU A 1 54  ? -17.027 -4.068  -12.112 1.00 18.76 ? 54   GLU A N   1 
ATOM   427  C  CA  . GLU A 1 54  ? -17.750 -3.918  -10.860 1.00 18.93 ? 54   GLU A CA  1 
ATOM   428  C  C   . GLU A 1 54  ? -16.837 -3.256  -9.829  1.00 18.80 ? 54   GLU A C   1 
ATOM   429  O  O   . GLU A 1 54  ? -17.288 -2.450  -9.014  1.00 18.49 ? 54   GLU A O   1 
ATOM   430  C  CB  . GLU A 1 54  ? -18.239 -5.283  -10.371 1.00 21.49 ? 54   GLU A CB  1 
ATOM   431  C  CG  . GLU A 1 54  ? -19.153 -5.980  -11.379 1.00 24.52 ? 54   GLU A CG  1 
ATOM   432  C  CD  . GLU A 1 54  ? -19.630 -7.344  -10.920 1.00 28.63 ? 54   GLU A CD  1 
ATOM   433  O  OE1 . GLU A 1 54  ? -18.780 -8.190  -10.566 1.00 28.24 ? 54   GLU A OE1 1 
ATOM   434  O  OE2 . GLU A 1 54  ? -20.860 -7.572  -10.923 1.00 27.85 ? 54   GLU A OE2 1 
ATOM   435  N  N   . MET A 1 55  ? -15.551 -3.592  -9.875  1.00 17.89 ? 55   MET A N   1 
ATOM   436  C  CA  . MET A 1 55  ? -14.581 -3.010  -8.950  1.00 16.55 ? 55   MET A CA  1 
ATOM   437  C  C   . MET A 1 55  ? -14.465 -1.514  -9.202  1.00 17.01 ? 55   MET A C   1 
ATOM   438  O  O   . MET A 1 55  ? -14.499 -0.708  -8.272  1.00 15.90 ? 55   MET A O   1 
ATOM   439  C  CB  . MET A 1 55  ? -13.204 -3.646  -9.144  1.00 17.15 ? 55   MET A CB  1 
ATOM   440  C  CG  . MET A 1 55  ? -13.091 -5.082  -8.684  1.00 17.43 ? 55   MET A CG  1 
ATOM   441  S  SD  . MET A 1 55  ? -11.444 -5.735  -9.014  1.00 16.97 ? 55   MET A SD  1 
ATOM   442  C  CE  . MET A 1 55  ? -11.772 -7.509  -8.919  1.00 18.18 ? 55   MET A CE  1 
ATOM   443  N  N   . LYS A 1 56  ? -14.325 -1.156  -10.473 1.00 18.08 ? 56   LYS A N   1 
ATOM   444  C  CA  . LYS A 1 56  ? -14.189 0.237   -10.881 1.00 19.76 ? 56   LYS A CA  1 
ATOM   445  C  C   . LYS A 1 56  ? -15.423 1.056   -10.517 1.00 19.94 ? 56   LYS A C   1 
ATOM   446  O  O   . LYS A 1 56  ? -15.325 2.253   -10.245 1.00 21.23 ? 56   LYS A O   1 
ATOM   447  C  CB  . LYS A 1 56  ? -13.953 0.308   -12.391 1.00 22.09 ? 56   LYS A CB  1 
ATOM   448  C  CG  . LYS A 1 56  ? -13.506 1.672   -12.897 1.00 26.99 ? 56   LYS A CG  1 
ATOM   449  C  CD  . LYS A 1 56  ? -12.097 1.998   -12.429 1.00 30.09 ? 56   LYS A CD  1 
ATOM   450  C  CE  . LYS A 1 56  ? -11.648 3.352   -12.957 1.00 32.60 ? 56   LYS A CE  1 
ATOM   451  N  NZ  . LYS A 1 56  ? -10.249 3.675   -12.556 1.00 34.94 ? 56   LYS A NZ  1 
ATOM   452  N  N   . ALA A 1 57  ? -16.583 0.405   -10.510 1.00 19.40 ? 57   ALA A N   1 
ATOM   453  C  CA  . ALA A 1 57  ? -17.840 1.078   -10.196 1.00 18.66 ? 57   ALA A CA  1 
ATOM   454  C  C   . ALA A 1 57  ? -18.181 1.043   -8.709  1.00 18.45 ? 57   ALA A C   1 
ATOM   455  O  O   . ALA A 1 57  ? -19.170 1.637   -8.279  1.00 17.85 ? 57   ALA A O   1 
ATOM   456  C  CB  . ALA A 1 57  ? -18.975 0.459   -11.003 1.00 19.33 ? 57   ALA A CB  1 
ATOM   457  N  N   . SER A 1 58  ? -17.362 0.356   -7.922  1.00 17.47 ? 58   SER A N   1 
ATOM   458  C  CA  . SER A 1 58  ? -17.608 0.264   -6.489  1.00 15.60 ? 58   SER A CA  1 
ATOM   459  C  C   . SER A 1 58  ? -17.130 1.507   -5.751  1.00 15.83 ? 58   SER A C   1 
ATOM   460  O  O   . SER A 1 58  ? -15.933 1.772   -5.677  1.00 15.02 ? 58   SER A O   1 
ATOM   461  C  CB  . SER A 1 58  ? -16.912 -0.964  -5.907  1.00 15.60 ? 58   SER A CB  1 
ATOM   462  O  OG  . SER A 1 58  ? -17.103 -1.007  -4.505  1.00 12.55 ? 58   SER A OG  1 
ATOM   463  N  N   . GLU A 1 59  ? -18.068 2.275   -5.206  1.00 16.02 ? 59   GLU A N   1 
ATOM   464  C  CA  . GLU A 1 59  ? -17.703 3.479   -4.482  1.00 14.58 ? 59   GLU A CA  1 
ATOM   465  C  C   . GLU A 1 59  ? -17.115 3.127   -3.121  1.00 14.12 ? 59   GLU A C   1 
ATOM   466  O  O   . GLU A 1 59  ? -16.360 3.909   -2.546  1.00 13.45 ? 59   GLU A O   1 
ATOM   467  C  CB  . GLU A 1 59  ? -18.915 4.397   -4.312  1.00 16.50 ? 59   GLU A CB  1 
ATOM   468  C  CG  . GLU A 1 59  ? -19.460 4.987   -5.620  1.00 18.36 ? 59   GLU A CG  1 
ATOM   469  C  CD  . GLU A 1 59  ? -18.398 5.690   -6.450  1.00 20.07 ? 59   GLU A CD  1 
ATOM   470  O  OE1 . GLU A 1 59  ? -17.567 6.427   -5.877  1.00 18.77 ? 59   GLU A OE1 1 
ATOM   471  O  OE2 . GLU A 1 59  ? -18.400 5.517   -7.688  1.00 22.93 ? 59   GLU A OE2 1 
ATOM   472  N  N   . ASP A 1 60  ? -17.455 1.949   -2.605  1.00 13.18 ? 60   ASP A N   1 
ATOM   473  C  CA  . ASP A 1 60  ? -16.926 1.536   -1.311  1.00 14.34 ? 60   ASP A CA  1 
ATOM   474  C  C   . ASP A 1 60  ? -15.469 1.115   -1.462  1.00 13.30 ? 60   ASP A C   1 
ATOM   475  O  O   . ASP A 1 60  ? -14.680 1.259   -0.526  1.00 13.27 ? 60   ASP A O   1 
ATOM   476  C  CB  . ASP A 1 60  ? -17.747 0.383   -0.725  1.00 16.77 ? 60   ASP A CB  1 
ATOM   477  C  CG  . ASP A 1 60  ? -17.373 0.085   0.712   1.00 20.98 ? 60   ASP A CG  1 
ATOM   478  O  OD1 . ASP A 1 60  ? -17.542 0.980   1.568   1.00 21.68 ? 60   ASP A OD1 1 
ATOM   479  O  OD2 . ASP A 1 60  ? -16.906 -1.039  0.987   1.00 23.55 ? 60   ASP A OD2 1 
ATOM   480  N  N   . LEU A 1 61  ? -15.109 0.600   -2.636  1.00 12.40 ? 61   LEU A N   1 
ATOM   481  C  CA  . LEU A 1 61  ? -13.728 0.189   -2.881  1.00 12.46 ? 61   LEU A CA  1 
ATOM   482  C  C   . LEU A 1 61  ? -12.869 1.450   -2.959  1.00 12.53 ? 61   LEU A C   1 
ATOM   483  O  O   . LEU A 1 61  ? -11.745 1.484   -2.467  1.00 11.86 ? 61   LEU A O   1 
ATOM   484  C  CB  . LEU A 1 61  ? -13.627 -0.617  -4.185  1.00 12.61 ? 61   LEU A CB  1 
ATOM   485  C  CG  . LEU A 1 61  ? -12.259 -1.230  -4.518  1.00 13.91 ? 61   LEU A CG  1 
ATOM   486  C  CD1 . LEU A 1 61  ? -12.434 -2.461  -5.400  1.00 13.63 ? 61   LEU A CD1 1 
ATOM   487  C  CD2 . LEU A 1 61  ? -11.393 -0.195  -5.205  1.00 14.85 ? 61   LEU A CD2 1 
ATOM   488  N  N   . LYS A 1 62  ? -13.408 2.491   -3.581  1.00 13.28 ? 62   LYS A N   1 
ATOM   489  C  CA  . LYS A 1 62  ? -12.692 3.753   -3.691  1.00 13.16 ? 62   LYS A CA  1 
ATOM   490  C  C   . LYS A 1 62  ? -12.544 4.304   -2.278  1.00 11.96 ? 62   LYS A C   1 
ATOM   491  O  O   . LYS A 1 62  ? -11.490 4.817   -1.898  1.00 11.32 ? 62   LYS A O   1 
ATOM   492  C  CB  . LYS A 1 62  ? -13.481 4.741   -4.553  1.00 16.00 ? 62   LYS A CB  1 
ATOM   493  C  CG  . LYS A 1 62  ? -12.896 6.142   -4.558  1.00 20.91 ? 62   LYS A CG  1 
ATOM   494  C  CD  . LYS A 1 62  ? -13.690 7.096   -5.438  1.00 24.40 ? 62   LYS A CD  1 
ATOM   495  C  CE  . LYS A 1 62  ? -13.548 6.748   -6.905  1.00 27.10 ? 62   LYS A CE  1 
ATOM   496  N  NZ  . LYS A 1 62  ? -14.204 7.772   -7.764  1.00 29.00 ? 62   LYS A NZ  1 
ATOM   497  N  N   . LYS A 1 63  ? -13.614 4.179   -1.502  1.00 10.30 ? 63   LYS A N   1 
ATOM   498  C  CA  . LYS A 1 63  ? -13.627 4.646   -0.126  1.00 10.27 ? 63   LYS A CA  1 
ATOM   499  C  C   . LYS A 1 63  ? -12.509 3.963   0.661   1.00 9.22  ? 63   LYS A C   1 
ATOM   500  O  O   . LYS A 1 63  ? -11.707 4.634   1.315   1.00 9.89  ? 63   LYS A O   1 
ATOM   501  C  CB  . LYS A 1 63  ? -14.984 4.333   0.514   1.00 11.39 ? 63   LYS A CB  1 
ATOM   502  C  CG  . LYS A 1 63  ? -15.166 4.882   1.927   1.00 12.65 ? 63   LYS A CG  1 
ATOM   503  C  CD  . LYS A 1 63  ? -16.490 4.400   2.511   1.00 11.45 ? 63   LYS A CD  1 
ATOM   504  C  CE  . LYS A 1 63  ? -16.794 5.016   3.873   1.00 13.46 ? 63   LYS A CE  1 
ATOM   505  N  NZ  . LYS A 1 63  ? -18.092 4.490   4.425   1.00 13.58 ? 63   LYS A NZ  1 
ATOM   506  N  N   . HIS A 1 64  ? -12.445 2.636   0.588   1.00 10.18 ? 64   HIS A N   1 
ATOM   507  C  CA  . HIS A 1 64  ? -11.406 1.915   1.314   1.00 9.38  ? 64   HIS A CA  1 
ATOM   508  C  C   . HIS A 1 64  ? -10.023 2.260   0.777   1.00 10.94 ? 64   HIS A C   1 
ATOM   509  O  O   . HIS A 1 64  ? -9.054  2.283   1.525   1.00 8.54  ? 64   HIS A O   1 
ATOM   510  C  CB  . HIS A 1 64  ? -11.615 0.404   1.239   1.00 11.27 ? 64   HIS A CB  1 
ATOM   511  C  CG  . HIS A 1 64  ? -10.779 -0.342  2.234   1.00 11.57 ? 64   HIS A CG  1 
ATOM   512  N  ND1 . HIS A 1 64  ? -10.898 -0.147  3.594   1.00 11.26 ? 64   HIS A ND1 1 
ATOM   513  C  CD2 . HIS A 1 64  ? -9.774  -1.233  2.069   1.00 14.21 ? 64   HIS A CD2 1 
ATOM   514  C  CE1 . HIS A 1 64  ? -9.998  -0.881  4.221   1.00 12.70 ? 64   HIS A CE1 1 
ATOM   515  N  NE2 . HIS A 1 64  ? -9.302  -1.549  3.319   1.00 13.73 ? 64   HIS A NE2 1 
ATOM   516  N  N   . GLY A 1 65  ? -9.932  2.530   -0.519  1.00 10.02 ? 65   GLY A N   1 
ATOM   517  C  CA  . GLY A 1 65  ? -8.642  2.887   -1.090  1.00 10.73 ? 65   GLY A CA  1 
ATOM   518  C  C   . GLY A 1 65  ? -8.131  4.148   -0.419  1.00 11.57 ? 65   GLY A C   1 
ATOM   519  O  O   . GLY A 1 65  ? -6.934  4.299   -0.152  1.00 10.39 ? 65   GLY A O   1 
ATOM   520  N  N   . THR A 1 66  ? -9.048  5.069   -0.148  1.00 10.43 ? 66   THR A N   1 
ATOM   521  C  CA  . THR A 1 66  ? -8.694  6.311   0.516   1.00 11.63 ? 66   THR A CA  1 
ATOM   522  C  C   . THR A 1 66  ? -8.214  6.044   1.944   1.00 11.42 ? 66   THR A C   1 
ATOM   523  O  O   . THR A 1 66  ? -7.272  6.676   2.415   1.00 10.32 ? 66   THR A O   1 
ATOM   524  C  CB  . THR A 1 66  ? -9.893  7.283   0.554   1.00 12.35 ? 66   THR A CB  1 
ATOM   525  O  OG1 . THR A 1 66  ? -10.205 7.707   -0.780  1.00 16.41 ? 66   THR A OG1 1 
ATOM   526  C  CG2 . THR A 1 66  ? -9.565  8.497   1.402   1.00 14.78 ? 66   THR A CG2 1 
ATOM   527  N  N   . VAL A 1 67  ? -8.867  5.115   2.637   1.00 9.88  ? 67   VAL A N   1 
ATOM   528  C  CA  . VAL A 1 67  ? -8.483  4.788   4.008   1.00 8.68  ? 67   VAL A CA  1 
ATOM   529  C  C   . VAL A 1 67  ? -7.090  4.167   4.025   1.00 10.09 ? 67   VAL A C   1 
ATOM   530  O  O   . VAL A 1 67  ? -6.261  4.476   4.890   1.00 9.98  ? 67   VAL A O   1 
ATOM   531  C  CB  . VAL A 1 67  ? -9.502  3.809   4.643   1.00 8.85  ? 67   VAL A CB  1 
ATOM   532  C  CG1 . VAL A 1 67  ? -8.968  3.261   5.964   1.00 9.03  ? 67   VAL A CG1 1 
ATOM   533  C  CG2 . VAL A 1 67  ? -10.836 4.529   4.868   1.00 8.20  ? 67   VAL A CG2 1 
ATOM   534  N  N   . VAL A 1 68  ? -6.831  3.296   3.057   1.00 9.58  ? 68   VAL A N   1 
ATOM   535  C  CA  . VAL A 1 68  ? -5.540  2.627   2.970   1.00 9.08  ? 68   VAL A CA  1 
ATOM   536  C  C   . VAL A 1 68  ? -4.388  3.590   2.682   1.00 8.70  ? 68   VAL A C   1 
ATOM   537  O  O   . VAL A 1 68  ? -3.402  3.615   3.415   1.00 8.63  ? 68   VAL A O   1 
ATOM   538  C  CB  . VAL A 1 68  ? -5.574  1.517   1.897   1.00 7.05  ? 68   VAL A CB  1 
ATOM   539  C  CG1 . VAL A 1 68  ? -4.178  0.951   1.670   1.00 7.41  ? 68   VAL A CG1 1 
ATOM   540  C  CG2 . VAL A 1 68  ? -6.510  0.404   2.351   1.00 8.24  ? 68   VAL A CG2 1 
ATOM   541  N  N   . LEU A 1 69  ? -4.505  4.402   1.636   1.00 9.19  ? 69   LEU A N   1 
ATOM   542  C  CA  . LEU A 1 69  ? -3.417  5.321   1.323   1.00 9.20  ? 69   LEU A CA  1 
ATOM   543  C  C   . LEU A 1 69  ? -3.250  6.457   2.330   1.00 8.75  ? 69   LEU A C   1 
ATOM   544  O  O   . LEU A 1 69  ? -2.159  6.995   2.475   1.00 9.70  ? 69   LEU A O   1 
ATOM   545  C  CB  . LEU A 1 69  ? -3.574  5.882   -0.093  1.00 9.74  ? 69   LEU A CB  1 
ATOM   546  C  CG  . LEU A 1 69  ? -3.413  4.852   -1.216  1.00 10.60 ? 69   LEU A CG  1 
ATOM   547  C  CD1 . LEU A 1 69  ? -3.328  5.585   -2.550  1.00 10.67 ? 69   LEU A CD1 1 
ATOM   548  C  CD2 . LEU A 1 69  ? -2.156  4.013   -0.998  1.00 10.60 ? 69   LEU A CD2 1 
ATOM   549  N  N   . THR A 1 70  ? -4.320  6.828   3.026   1.00 9.15  ? 70   THR A N   1 
ATOM   550  C  CA  . THR A 1 70  ? -4.201  7.890   4.023   1.00 9.04  ? 70   THR A CA  1 
ATOM   551  C  C   . THR A 1 70  ? -3.340  7.351   5.153   1.00 8.45  ? 70   THR A C   1 
ATOM   552  O  O   . THR A 1 70  ? -2.473  8.044   5.677   1.00 9.19  ? 70   THR A O   1 
ATOM   553  C  CB  . THR A 1 70  ? -5.575  8.300   4.580   1.00 10.91 ? 70   THR A CB  1 
ATOM   554  O  OG1 . THR A 1 70  ? -6.324  8.947   3.547   1.00 10.72 ? 70   THR A OG1 1 
ATOM   555  C  CG2 . THR A 1 70  ? -5.413  9.252   5.755   1.00 11.18 ? 70   THR A CG2 1 
ATOM   556  N  N   . ALA A 1 71  ? -3.580  6.099   5.516   1.00 8.41  ? 71   ALA A N   1 
ATOM   557  C  CA  . ALA A 1 71  ? -2.815  5.460   6.576   1.00 7.61  ? 71   ALA A CA  1 
ATOM   558  C  C   . ALA A 1 71  ? -1.337  5.369   6.197   1.00 8.50  ? 71   ALA A C   1 
ATOM   559  O  O   . ALA A 1 71  ? -0.459  5.735   6.986   1.00 8.55  ? 71   ALA A O   1 
ATOM   560  C  CB  . ALA A 1 71  ? -3.368  4.074   6.846   1.00 9.91  ? 71   ALA A CB  1 
ATOM   561  N  N   . LEU A 1 72  ? -1.066  4.879   4.990   1.00 8.30  ? 72   LEU A N   1 
ATOM   562  C  CA  . LEU A 1 72  ? 0.311   4.741   4.515   1.00 9.66  ? 72   LEU A CA  1 
ATOM   563  C  C   . LEU A 1 72  ? 0.992   6.102   4.432   1.00 10.20 ? 72   LEU A C   1 
ATOM   564  O  O   . LEU A 1 72  ? 2.164   6.252   4.799   1.00 10.51 ? 72   LEU A O   1 
ATOM   565  C  CB  . LEU A 1 72  ? 0.335   4.062   3.137   1.00 9.34  ? 72   LEU A CB  1 
ATOM   566  C  CG  . LEU A 1 72  ? 1.705   3.885   2.469   1.00 10.42 ? 72   LEU A CG  1 
ATOM   567  C  CD1 . LEU A 1 72  ? 2.614   3.068   3.382   1.00 12.89 ? 72   LEU A CD1 1 
ATOM   568  C  CD2 . LEU A 1 72  ? 1.543   3.194   1.119   1.00 9.75  ? 72   LEU A CD2 1 
ATOM   569  N  N   . GLY A 1 73  ? 0.254   7.094   3.945   1.00 9.69  ? 73   GLY A N   1 
ATOM   570  C  CA  . GLY A 1 73  ? 0.808   8.430   3.823   1.00 9.79  ? 73   GLY A CA  1 
ATOM   571  C  C   . GLY A 1 73  ? 1.252   8.960   5.168   1.00 9.77  ? 73   GLY A C   1 
ATOM   572  O  O   . GLY A 1 73  ? 2.324   9.548   5.291   1.00 9.87  ? 73   GLY A O   1 
ATOM   573  N  N   . GLY A 1 74  ? 0.421   8.749   6.185   1.00 10.92 ? 74   GLY A N   1 
ATOM   574  C  CA  . GLY A 1 74  ? 0.767   9.210   7.516   1.00 11.86 ? 74   GLY A CA  1 
ATOM   575  C  C   . GLY A 1 74  ? 2.033   8.533   7.998   1.00 12.12 ? 74   GLY A C   1 
ATOM   576  O  O   . GLY A 1 74  ? 2.899   9.162   8.608   1.00 12.59 ? 74   GLY A O   1 
ATOM   577  N  N   . ILE A 1 75  ? 2.147   7.242   7.713   1.00 11.63 ? 75   ILE A N   1 
ATOM   578  C  CA  . ILE A 1 75  ? 3.320   6.482   8.113   1.00 11.68 ? 75   ILE A CA  1 
ATOM   579  C  C   . ILE A 1 75  ? 4.572   6.972   7.385   1.00 11.19 ? 75   ILE A C   1 
ATOM   580  O  O   . ILE A 1 75  ? 5.628   7.128   7.993   1.00 9.92  ? 75   ILE A O   1 
ATOM   581  C  CB  . ILE A 1 75  ? 3.094   4.973   7.853   1.00 10.97 ? 75   ILE A CB  1 
ATOM   582  C  CG1 . ILE A 1 75  ? 2.057   4.445   8.847   1.00 12.24 ? 75   ILE A CG1 1 
ATOM   583  C  CG2 . ILE A 1 75  ? 4.398   4.204   7.974   1.00 13.18 ? 75   ILE A CG2 1 
ATOM   584  C  CD1 . ILE A 1 75  ? 1.694   2.993   8.663   1.00 14.59 ? 75   ILE A CD1 1 
ATOM   585  N  N   . LEU A 1 76  ? 4.457   7.230   6.086   1.00 10.28 ? 76   LEU A N   1 
ATOM   586  C  CA  . LEU A 1 76  ? 5.600   7.700   5.310   1.00 10.44 ? 76   LEU A CA  1 
ATOM   587  C  C   . LEU A 1 76  ? 6.109   9.057   5.777   1.00 11.27 ? 76   LEU A C   1 
ATOM   588  O  O   . LEU A 1 76  ? 7.314   9.317   5.770   1.00 11.07 ? 76   LEU A O   1 
ATOM   589  C  CB  . LEU A 1 76  ? 5.241   7.772   3.823   1.00 10.29 ? 76   LEU A CB  1 
ATOM   590  C  CG  . LEU A 1 76  ? 4.945   6.434   3.144   1.00 9.90  ? 76   LEU A CG  1 
ATOM   591  C  CD1 . LEU A 1 76  ? 4.511   6.684   1.704   1.00 9.56  ? 76   LEU A CD1 1 
ATOM   592  C  CD2 . LEU A 1 76  ? 6.187   5.548   3.182   1.00 10.73 ? 76   LEU A CD2 1 
ATOM   593  N  N   . LYS A 1 77  ? 5.195   9.929   6.185   1.00 11.39 ? 77   LYS A N   1 
ATOM   594  C  CA  . LYS A 1 77  ? 5.580   11.255  6.647   1.00 11.98 ? 77   LYS A CA  1 
ATOM   595  C  C   . LYS A 1 77  ? 6.335   11.203  7.977   1.00 11.64 ? 77   LYS A C   1 
ATOM   596  O  O   . LYS A 1 77  ? 6.877   12.211  8.432   1.00 12.27 ? 77   LYS A O   1 
ATOM   597  C  CB  . LYS A 1 77  ? 4.338   12.150  6.750   1.00 12.86 ? 77   LYS A CB  1 
ATOM   598  C  CG  . LYS A 1 77  ? 3.660   12.388  5.406   1.00 15.66 ? 77   LYS A CG  1 
ATOM   599  C  CD  . LYS A 1 77  ? 2.453   13.302  5.538   1.00 18.52 ? 77   LYS A CD  1 
ATOM   600  C  CE  . LYS A 1 77  ? 1.737   13.489  4.210   1.00 19.40 ? 77   LYS A CE  1 
ATOM   601  N  NZ  . LYS A 1 77  ? 2.616   14.088  3.172   1.00 22.99 ? 77   LYS A NZ  1 
ATOM   602  N  N   . LYS A 1 78  ? 6.389   10.026  8.596   1.00 12.46 ? 78   LYS A N   1 
ATOM   603  C  CA  . LYS A 1 78  ? 7.111   9.886   9.858   1.00 12.31 ? 78   LYS A CA  1 
ATOM   604  C  C   . LYS A 1 78  ? 8.572   9.565   9.563   1.00 11.74 ? 78   LYS A C   1 
ATOM   605  O  O   . LYS A 1 78  ? 9.415   9.554   10.460  1.00 12.95 ? 78   LYS A O   1 
ATOM   606  C  CB  . LYS A 1 78  ? 6.504   8.778   10.725  1.00 14.10 ? 78   LYS A CB  1 
ATOM   607  C  CG  . LYS A 1 78  ? 5.062   9.023   11.159  1.00 16.17 ? 78   LYS A CG  1 
ATOM   608  C  CD  . LYS A 1 78  ? 4.880   10.387  11.814  1.00 21.15 ? 78   LYS A CD  1 
ATOM   609  C  CE  . LYS A 1 78  ? 5.709   10.543  13.082  1.00 23.63 ? 78   LYS A CE  1 
ATOM   610  N  NZ  . LYS A 1 78  ? 5.267   9.630   14.174  1.00 27.16 ? 78   LYS A NZ  1 
ATOM   611  N  N   . LYS A 1 79  ? 8.861   9.309   8.292   1.00 10.67 ? 79   LYS A N   1 
ATOM   612  C  CA  . LYS A 1 79  ? 10.215  8.997   7.850   1.00 11.28 ? 79   LYS A CA  1 
ATOM   613  C  C   . LYS A 1 79  ? 10.923  7.960   8.722   1.00 12.47 ? 79   LYS A C   1 
ATOM   614  O  O   . LYS A 1 79  ? 12.027  8.203   9.209   1.00 11.18 ? 79   LYS A O   1 
ATOM   615  C  CB  . LYS A 1 79  ? 11.061  10.275  7.789   1.00 10.47 ? 79   LYS A CB  1 
ATOM   616  C  CG  . LYS A 1 79  ? 10.495  11.366  6.881   1.00 10.16 ? 79   LYS A CG  1 
ATOM   617  C  CD  . LYS A 1 79  ? 11.516  12.489  6.626   1.00 11.92 ? 79   LYS A CD  1 
ATOM   618  C  CE  . LYS A 1 79  ? 11.985  13.164  7.905   1.00 14.07 ? 79   LYS A CE  1 
ATOM   619  N  NZ  . LYS A 1 79  ? 12.996  14.233  7.621   1.00 12.35 ? 79   LYS A NZ  1 
ATOM   620  N  N   . GLY A 1 80  ? 10.287  6.811   8.920   1.00 12.74 ? 80   GLY A N   1 
ATOM   621  C  CA  . GLY A 1 80  ? 10.906  5.756   9.708   1.00 13.67 ? 80   GLY A CA  1 
ATOM   622  C  C   . GLY A 1 80  ? 10.550  5.699   11.183  1.00 14.23 ? 80   GLY A C   1 
ATOM   623  O  O   . GLY A 1 80  ? 10.641  4.630   11.792  1.00 15.40 ? 80   GLY A O   1 
ATOM   624  N  N   . HIS A 1 81  ? 10.161  6.827   11.767  1.00 11.98 ? 81   HIS A N   1 
ATOM   625  C  CA  . HIS A 1 81  ? 9.797   6.857   13.186  1.00 13.66 ? 81   HIS A CA  1 
ATOM   626  C  C   . HIS A 1 81  ? 8.300   6.606   13.278  1.00 13.08 ? 81   HIS A C   1 
ATOM   627  O  O   . HIS A 1 81  ? 7.532   7.462   13.726  1.00 12.70 ? 81   HIS A O   1 
ATOM   628  C  CB  . HIS A 1 81  ? 10.143  8.216   13.797  1.00 16.66 ? 81   HIS A CB  1 
ATOM   629  C  CG  . HIS A 1 81  ? 11.583  8.592   13.649  1.00 21.50 ? 81   HIS A CG  1 
ATOM   630  N  ND1 . HIS A 1 81  ? 12.100  9.110   12.481  1.00 24.86 ? 81   HIS A ND1 1 
ATOM   631  C  CD2 . HIS A 1 81  ? 12.622  8.496   14.512  1.00 22.64 ? 81   HIS A CD2 1 
ATOM   632  C  CE1 . HIS A 1 81  ? 13.397  9.316   12.631  1.00 23.51 ? 81   HIS A CE1 1 
ATOM   633  N  NE2 . HIS A 1 81  ? 13.738  8.953   13.854  1.00 24.92 ? 81   HIS A NE2 1 
ATOM   634  N  N   . HIS A 1 82  ? 7.908   5.404   12.871  1.00 12.07 ? 82   HIS A N   1 
ATOM   635  C  CA  . HIS A 1 82  ? 6.505   5.015   12.805  1.00 10.73 ? 82   HIS A CA  1 
ATOM   636  C  C   . HIS A 1 82  ? 6.053   3.844   13.676  1.00 10.45 ? 82   HIS A C   1 
ATOM   637  O  O   . HIS A 1 82  ? 5.041   3.215   13.375  1.00 10.19 ? 82   HIS A O   1 
ATOM   638  C  CB  . HIS A 1 82  ? 6.184   4.697   11.344  1.00 10.30 ? 82   HIS A CB  1 
ATOM   639  C  CG  . HIS A 1 82  ? 7.076   3.644   10.756  1.00 10.77 ? 82   HIS A CG  1 
ATOM   640  N  ND1 . HIS A 1 82  ? 7.505   3.676   9.447   1.00 10.41 ? 82   HIS A ND1 1 
ATOM   641  C  CD2 . HIS A 1 82  ? 7.619   2.528   11.301  1.00 9.69  ? 82   HIS A CD2 1 
ATOM   642  C  CE1 . HIS A 1 82  ? 8.274   2.627   9.210   1.00 10.62 ? 82   HIS A CE1 1 
ATOM   643  N  NE2 . HIS A 1 82  ? 8.358   1.914   10.319  1.00 10.45 ? 82   HIS A NE2 1 
ATOM   644  N  N   . GLU A 1 83  ? 6.773   3.546   14.750  1.00 11.01 ? 83   GLU A N   1 
ATOM   645  C  CA  . GLU A 1 83  ? 6.385   2.422   15.601  1.00 12.11 ? 83   GLU A CA  1 
ATOM   646  C  C   . GLU A 1 83  ? 4.923   2.492   16.045  1.00 11.69 ? 83   GLU A C   1 
ATOM   647  O  O   . GLU A 1 83  ? 4.176   1.527   15.899  1.00 14.04 ? 83   GLU A O   1 
ATOM   648  C  CB  . GLU A 1 83  ? 7.303   2.348   16.826  1.00 12.46 ? 83   GLU A CB  1 
ATOM   649  C  CG  . GLU A 1 83  ? 6.838   1.409   17.947  1.00 13.03 ? 83   GLU A CG  1 
ATOM   650  C  CD  . GLU A 1 83  ? 6.823   -0.059  17.558  1.00 16.53 ? 83   GLU A CD  1 
ATOM   651  O  OE1 . GLU A 1 83  ? 7.547   -0.448  16.614  1.00 18.07 ? 83   GLU A OE1 1 
ATOM   652  O  OE2 . GLU A 1 83  ? 6.094   -0.835  18.218  1.00 14.66 ? 83   GLU A OE2 1 
ATOM   653  N  N   . ALA A 1 84  ? 4.515   3.642   16.571  1.00 12.55 ? 84   ALA A N   1 
ATOM   654  C  CA  . ALA A 1 84  ? 3.147   3.818   17.052  1.00 12.86 ? 84   ALA A CA  1 
ATOM   655  C  C   . ALA A 1 84  ? 2.089   3.669   15.968  1.00 14.21 ? 84   ALA A C   1 
ATOM   656  O  O   . ALA A 1 84  ? 1.030   3.082   16.202  1.00 14.06 ? 84   ALA A O   1 
ATOM   657  C  CB  . ALA A 1 84  ? 3.007   5.179   17.734  1.00 15.48 ? 84   ALA A CB  1 
ATOM   658  N  N   . GLU A 1 85  ? 2.365   4.206   14.784  1.00 13.72 ? 85   GLU A N   1 
ATOM   659  C  CA  . GLU A 1 85  ? 1.418   4.128   13.678  1.00 13.82 ? 85   GLU A CA  1 
ATOM   660  C  C   . GLU A 1 85  ? 1.404   2.746   13.035  1.00 14.03 ? 85   GLU A C   1 
ATOM   661  O  O   . GLU A 1 85  ? 0.366   2.271   12.572  1.00 14.77 ? 85   GLU A O   1 
ATOM   662  C  CB  . GLU A 1 85  ? 1.771   5.152   12.592  1.00 16.47 ? 85   GLU A CB  1 
ATOM   663  C  CG  . GLU A 1 85  ? 1.733   6.616   13.001  1.00 17.78 ? 85   GLU A CG  1 
ATOM   664  C  CD  . GLU A 1 85  ? 2.826   6.988   13.991  1.00 19.47 ? 85   GLU A CD  1 
ATOM   665  O  OE1 . GLU A 1 85  ? 3.915   6.385   13.934  1.00 16.01 ? 85   GLU A OE1 1 
ATOM   666  O  OE2 . GLU A 1 85  ? 2.604   7.900   14.816  1.00 23.08 ? 85   GLU A OE2 1 
ATOM   667  N  N   . LEU A 1 86  ? 2.564   2.103   13.009  1.00 12.88 ? 86   LEU A N   1 
ATOM   668  C  CA  . LEU A 1 86  ? 2.697   0.804   12.371  1.00 13.94 ? 86   LEU A CA  1 
ATOM   669  C  C   . LEU A 1 86  ? 2.262   -0.414  13.183  1.00 14.38 ? 86   LEU A C   1 
ATOM   670  O  O   . LEU A 1 86  ? 1.579   -1.289  12.659  1.00 12.55 ? 86   LEU A O   1 
ATOM   671  C  CB  . LEU A 1 86  ? 4.144   0.627   11.892  1.00 15.82 ? 86   LEU A CB  1 
ATOM   672  C  CG  . LEU A 1 86  ? 4.430   -0.519  10.922  1.00 17.72 ? 86   LEU A CG  1 
ATOM   673  C  CD1 . LEU A 1 86  ? 5.636   -0.171  10.063  1.00 19.97 ? 86   LEU A CD1 1 
ATOM   674  C  CD2 . LEU A 1 86  ? 4.665   -1.809  11.692  1.00 17.58 ? 86   LEU A CD2 1 
ATOM   675  N  N   . LYS A 1 87  ? 2.640   -0.478  14.457  1.00 13.84 ? 87   LYS A N   1 
ATOM   676  C  CA  . LYS A 1 87  ? 2.276   -1.628  15.287  1.00 13.55 ? 87   LYS A CA  1 
ATOM   677  C  C   . LYS A 1 87  ? 0.801   -2.046  15.206  1.00 13.49 ? 87   LYS A C   1 
ATOM   678  O  O   . LYS A 1 87  ? 0.497   -3.223  14.998  1.00 13.04 ? 87   LYS A O   1 
ATOM   679  C  CB  . LYS A 1 87  ? 2.654   -1.377  16.751  1.00 15.03 ? 87   LYS A CB  1 
ATOM   680  C  CG  . LYS A 1 87  ? 2.358   -2.570  17.660  1.00 17.43 ? 87   LYS A CG  1 
ATOM   681  C  CD  . LYS A 1 87  ? 2.677   -2.269  19.113  1.00 18.15 ? 87   LYS A CD  1 
ATOM   682  C  CE  . LYS A 1 87  ? 2.306   -3.447  19.998  1.00 18.99 ? 87   LYS A CE  1 
ATOM   683  N  NZ  . LYS A 1 87  ? 2.600   -3.176  21.433  1.00 19.51 ? 87   LYS A NZ  1 
ATOM   684  N  N   . PRO A 1 88  ? -0.136  -1.095  15.369  1.00 12.77 ? 88   PRO A N   1 
ATOM   685  C  CA  . PRO A 1 88  ? -1.559  -1.449  15.303  1.00 12.07 ? 88   PRO A CA  1 
ATOM   686  C  C   . PRO A 1 88  ? -2.016  -2.026  13.961  1.00 11.24 ? 88   PRO A C   1 
ATOM   687  O  O   . PRO A 1 88  ? -2.882  -2.902  13.920  1.00 10.87 ? 88   PRO A O   1 
ATOM   688  C  CB  . PRO A 1 88  ? -2.266  -0.139  15.660  1.00 14.52 ? 88   PRO A CB  1 
ATOM   689  C  CG  . PRO A 1 88  ? -1.275  0.924   15.253  1.00 12.37 ? 88   PRO A CG  1 
ATOM   690  C  CD  . PRO A 1 88  ? 0.038   0.333   15.693  1.00 13.41 ? 88   PRO A CD  1 
ATOM   691  N  N   . LEU A 1 89  ? -1.440  -1.533  12.869  1.00 11.62 ? 89   LEU A N   1 
ATOM   692  C  CA  . LEU A 1 89  ? -1.798  -2.034  11.548  1.00 11.43 ? 89   LEU A CA  1 
ATOM   693  C  C   . LEU A 1 89  ? -1.247  -3.441  11.377  1.00 11.13 ? 89   LEU A C   1 
ATOM   694  O  O   . LEU A 1 89  ? -1.924  -4.325  10.854  1.00 9.95  ? 89   LEU A O   1 
ATOM   695  C  CB  . LEU A 1 89  ? -1.248  -1.121  10.446  1.00 14.74 ? 89   LEU A CB  1 
ATOM   696  C  CG  . LEU A 1 89  ? -2.067  0.125   10.104  1.00 18.15 ? 89   LEU A CG  1 
ATOM   697  C  CD1 . LEU A 1 89  ? -1.352  0.908   9.014   1.00 21.89 ? 89   LEU A CD1 1 
ATOM   698  C  CD2 . LEU A 1 89  ? -3.464  -0.284  9.640   1.00 20.65 ? 89   LEU A CD2 1 
ATOM   699  N  N   . ALA A 1 90  ? -0.013  -3.643  11.824  1.00 9.84  ? 90   ALA A N   1 
ATOM   700  C  CA  . ALA A 1 90  ? 0.619   -4.946  11.726  1.00 11.17 ? 90   ALA A CA  1 
ATOM   701  C  C   . ALA A 1 90  ? -0.191  -5.984  12.490  1.00 11.15 ? 90   ALA A C   1 
ATOM   702  O  O   . ALA A 1 90  ? -0.409  -7.094  12.006  1.00 12.27 ? 90   ALA A O   1 
ATOM   703  C  CB  . ALA A 1 90  ? 2.028   -4.877  12.286  1.00 10.66 ? 90   ALA A CB  1 
ATOM   704  N  N   . GLN A 1 91  ? -0.646  -5.624  13.684  1.00 11.53 ? 91   GLN A N   1 
ATOM   705  C  CA  . GLN A 1 91  ? -1.410  -6.567  14.485  1.00 12.14 ? 91   GLN A CA  1 
ATOM   706  C  C   . GLN A 1 91  ? -2.833  -6.796  13.991  1.00 11.09 ? 91   GLN A C   1 
ATOM   707  O  O   . GLN A 1 91  ? -3.363  -7.900  14.124  1.00 10.57 ? 91   GLN A O   1 
ATOM   708  C  CB  . GLN A 1 91  ? -1.421  -6.138  15.955  1.00 13.18 ? 91   GLN A CB  1 
ATOM   709  C  CG  . GLN A 1 91  ? -0.025  -6.058  16.565  1.00 16.42 ? 91   GLN A CG  1 
ATOM   710  C  CD  . GLN A 1 91  ? -0.024  -6.197  18.078  1.00 19.36 ? 91   GLN A CD  1 
ATOM   711  O  OE1 . GLN A 1 91  ? -0.913  -5.694  18.760  1.00 20.48 ? 91   GLN A OE1 1 
ATOM   712  N  NE2 . GLN A 1 91  ? 0.994   -6.870  18.611  1.00 20.33 ? 91   GLN A NE2 1 
ATOM   713  N  N   . SER A 1 92  ? -3.459  -5.771  13.416  1.00 10.26 ? 92   SER A N   1 
ATOM   714  C  CA  . SER A 1 92  ? -4.820  -5.945  12.922  1.00 10.06 ? 92   SER A CA  1 
ATOM   715  C  C   . SER A 1 92  ? -4.785  -6.810  11.668  1.00 10.13 ? 92   SER A C   1 
ATOM   716  O  O   . SER A 1 92  ? -5.663  -7.647  11.453  1.00 10.49 ? 92   SER A O   1 
ATOM   717  C  CB  . SER A 1 92  ? -5.469  -4.594  12.602  1.00 8.74  ? 92   SER A CB  1 
ATOM   718  O  OG  . SER A 1 92  ? -4.953  -4.040  11.407  1.00 9.14  ? 92   SER A OG  1 
ATOM   719  N  N   . HIS A 1 93  ? -3.756  -6.628  10.847  1.00 9.93  ? 93   HIS A N   1 
ATOM   720  C  CA  . HIS A 1 93  ? -3.659  -7.405  9.622   1.00 11.00 ? 93   HIS A CA  1 
ATOM   721  C  C   . HIS A 1 93  ? -3.241  -8.845  9.840   1.00 11.61 ? 93   HIS A C   1 
ATOM   722  O  O   . HIS A 1 93  ? -3.643  -9.735  9.093   1.00 13.02 ? 93   HIS A O   1 
ATOM   723  C  CB  . HIS A 1 93  ? -2.738  -6.701  8.628   1.00 11.80 ? 93   HIS A CB  1 
ATOM   724  C  CG  . HIS A 1 93  ? -3.387  -5.523  7.978   1.00 12.42 ? 93   HIS A CG  1 
ATOM   725  N  ND1 . HIS A 1 93  ? -3.786  -4.414  8.692   1.00 12.90 ? 93   HIS A ND1 1 
ATOM   726  C  CD2 . HIS A 1 93  ? -3.811  -5.327  6.709   1.00 8.59  ? 93   HIS A CD2 1 
ATOM   727  C  CE1 . HIS A 1 93  ? -4.433  -3.588  7.892   1.00 12.43 ? 93   HIS A CE1 1 
ATOM   728  N  NE2 . HIS A 1 93  ? -4.464  -4.118  6.683   1.00 9.29  ? 93   HIS A NE2 1 
ATOM   729  N  N   . ALA A 1 94  ? -2.459  -9.087  10.883  1.00 10.85 ? 94   ALA A N   1 
ATOM   730  C  CA  . ALA A 1 94  ? -2.034  -10.446 11.168  1.00 11.84 ? 94   ALA A CA  1 
ATOM   731  C  C   . ALA A 1 94  ? -3.104  -11.216 11.931  1.00 13.44 ? 94   ALA A C   1 
ATOM   732  O  O   . ALA A 1 94  ? -3.515  -12.298 11.516  1.00 15.70 ? 94   ALA A O   1 
ATOM   733  C  CB  . ALA A 1 94  ? -0.738  -10.433 11.968  1.00 8.79  ? 94   ALA A CB  1 
ATOM   734  N  N   . THR A 1 95  ? -3.568  -10.644 13.037  1.00 15.22 ? 95   THR A N   1 
ATOM   735  C  CA  . THR A 1 95  ? -4.550  -11.309 13.887  1.00 16.12 ? 95   THR A CA  1 
ATOM   736  C  C   . THR A 1 95  ? -6.008  -11.249 13.455  1.00 16.99 ? 95   THR A C   1 
ATOM   737  O  O   . THR A 1 95  ? -6.740  -12.225 13.611  1.00 18.03 ? 95   THR A O   1 
ATOM   738  C  CB  . THR A 1 95  ? -4.461  -10.781 15.331  1.00 17.25 ? 95   THR A CB  1 
ATOM   739  O  OG1 . THR A 1 95  ? -3.097  -10.818 15.768  1.00 17.91 ? 95   THR A OG1 1 
ATOM   740  C  CG2 . THR A 1 95  ? -5.301  -11.637 16.260  1.00 17.81 ? 95   THR A CG2 1 
ATOM   741  N  N   . LYS A 1 96  ? -6.445  -10.117 12.922  1.00 15.61 ? 96   LYS A N   1 
ATOM   742  C  CA  . LYS A 1 96  ? -7.840  -10.007 12.519  1.00 15.88 ? 96   LYS A CA  1 
ATOM   743  C  C   . LYS A 1 96  ? -8.098  -10.334 11.054  1.00 15.05 ? 96   LYS A C   1 
ATOM   744  O  O   . LYS A 1 96  ? -8.998  -11.119 10.741  1.00 17.02 ? 96   LYS A O   1 
ATOM   745  C  CB  . LYS A 1 96  ? -8.370  -8.603  12.820  1.00 16.02 ? 96   LYS A CB  1 
ATOM   746  C  CG  . LYS A 1 96  ? -9.880  -8.485  12.686  1.00 19.80 ? 96   LYS A CG  1 
ATOM   747  C  CD  . LYS A 1 96  ? -10.359 -7.071  12.970  1.00 22.78 ? 96   LYS A CD  1 
ATOM   748  C  CE  . LYS A 1 96  ? -11.876 -7.026  13.069  1.00 25.22 ? 96   LYS A CE  1 
ATOM   749  N  NZ  . LYS A 1 96  ? -12.518 -7.655  11.881  1.00 28.45 ? 96   LYS A NZ  1 
ATOM   750  N  N   . HIS A 1 97  ? -7.308  -9.747  10.161  1.00 14.01 ? 97   HIS A N   1 
ATOM   751  C  CA  . HIS A 1 97  ? -7.505  -9.962  8.734   1.00 12.31 ? 97   HIS A CA  1 
ATOM   752  C  C   . HIS A 1 97  ? -6.776  -11.168 8.152   1.00 13.69 ? 97   HIS A C   1 
ATOM   753  O  O   . HIS A 1 97  ? -7.088  -11.600 7.042   1.00 13.63 ? 97   HIS A O   1 
ATOM   754  C  CB  . HIS A 1 97  ? -7.133  -8.690  7.965   1.00 12.11 ? 97   HIS A CB  1 
ATOM   755  C  CG  . HIS A 1 97  ? -7.704  -7.442  8.567   1.00 9.80  ? 97   HIS A CG  1 
ATOM   756  N  ND1 . HIS A 1 97  ? -9.013  -7.357  8.994   1.00 10.73 ? 97   HIS A ND1 1 
ATOM   757  C  CD2 . HIS A 1 97  ? -7.136  -6.248  8.856   1.00 10.73 ? 97   HIS A CD2 1 
ATOM   758  C  CE1 . HIS A 1 97  ? -9.223  -6.166  9.526   1.00 10.40 ? 97   HIS A CE1 1 
ATOM   759  N  NE2 . HIS A 1 97  ? -8.100  -5.473  9.454   1.00 10.15 ? 97   HIS A NE2 1 
ATOM   760  N  N   . LYS A 1 98  ? -5.817  -11.709 8.900   1.00 13.48 ? 98   LYS A N   1 
ATOM   761  C  CA  . LYS A 1 98  ? -5.059  -12.879 8.461   1.00 14.33 ? 98   LYS A CA  1 
ATOM   762  C  C   . LYS A 1 98  ? -4.403  -12.657 7.101   1.00 14.03 ? 98   LYS A C   1 
ATOM   763  O  O   . LYS A 1 98  ? -4.571  -13.453 6.175   1.00 12.35 ? 98   LYS A O   1 
ATOM   764  C  CB  . LYS A 1 98  ? -5.978  -14.102 8.389   1.00 18.78 ? 98   LYS A CB  1 
ATOM   765  C  CG  . LYS A 1 98  ? -6.837  -14.320 9.623   1.00 21.13 ? 98   LYS A CG  1 
ATOM   766  C  CD  . LYS A 1 98  ? -6.005  -14.567 10.865  1.00 25.34 ? 98   LYS A CD  1 
ATOM   767  C  CE  . LYS A 1 98  ? -6.895  -14.880 12.063  1.00 28.89 ? 98   LYS A CE  1 
ATOM   768  N  NZ  . LYS A 1 98  ? -6.102  -15.137 13.302  1.00 30.71 ? 98   LYS A NZ  1 
ATOM   769  N  N   . ILE A 1 99  ? -3.635  -11.582 7.000   1.00 12.39 ? 99   ILE A N   1 
ATOM   770  C  CA  . ILE A 1 99  ? -2.955  -11.227 5.761   1.00 12.28 ? 99   ILE A CA  1 
ATOM   771  C  C   . ILE A 1 99  ? -1.483  -11.650 5.745   1.00 13.02 ? 99   ILE A C   1 
ATOM   772  O  O   . ILE A 1 99  ? -0.661  -11.094 6.484   1.00 13.98 ? 99   ILE A O   1 
ATOM   773  C  CB  . ILE A 1 99  ? -3.032  -9.705  5.541   1.00 12.60 ? 99   ILE A CB  1 
ATOM   774  C  CG1 . ILE A 1 99  ? -4.489  -9.237  5.644   1.00 12.85 ? 99   ILE A CG1 1 
ATOM   775  C  CG2 . ILE A 1 99  ? -2.398  -9.343  4.213   1.00 11.19 ? 99   ILE A CG2 1 
ATOM   776  C  CD1 . ILE A 1 99  ? -5.457  -9.995  4.760   1.00 11.56 ? 99   ILE A CD1 1 
ATOM   777  N  N   . PRO A 1 100 ? -1.132  -12.645 4.910   1.00 12.75 ? 100  PRO A N   1 
ATOM   778  C  CA  . PRO A 1 100 ? 0.255   -13.117 4.814   1.00 13.09 ? 100  PRO A CA  1 
ATOM   779  C  C   . PRO A 1 100 ? 1.164   -11.958 4.398   1.00 13.31 ? 100  PRO A C   1 
ATOM   780  O  O   . PRO A 1 100 ? 0.748   -11.080 3.640   1.00 13.85 ? 100  PRO A O   1 
ATOM   781  C  CB  . PRO A 1 100 ? 0.185   -14.194 3.729   1.00 12.77 ? 100  PRO A CB  1 
ATOM   782  C  CG  . PRO A 1 100 ? -1.224  -14.689 3.813   1.00 13.43 ? 100  PRO A CG  1 
ATOM   783  C  CD  . PRO A 1 100 ? -2.011  -13.416 4.013   1.00 13.36 ? 100  PRO A CD  1 
ATOM   784  N  N   . ILE A 1 101 ? 2.403   -11.955 4.877   1.00 12.44 ? 101  ILE A N   1 
ATOM   785  C  CA  . ILE A 1 101 ? 3.326   -10.880 4.532   1.00 13.35 ? 101  ILE A CA  1 
ATOM   786  C  C   . ILE A 1 101 ? 3.491   -10.761 3.011   1.00 12.58 ? 101  ILE A C   1 
ATOM   787  O  O   . ILE A 1 101 ? 3.737   -9.675  2.488   1.00 13.40 ? 101  ILE A O   1 
ATOM   788  C  CB  . ILE A 1 101 ? 4.709   -11.100 5.203   1.00 15.44 ? 101  ILE A CB  1 
ATOM   789  C  CG1 . ILE A 1 101 ? 5.619   -9.900  4.936   1.00 17.90 ? 101  ILE A CG1 1 
ATOM   790  C  CG2 . ILE A 1 101 ? 5.346   -12.383 4.700   1.00 18.50 ? 101  ILE A CG2 1 
ATOM   791  C  CD1 . ILE A 1 101 ? 5.226   -8.653  5.705   1.00 18.91 ? 101  ILE A CD1 1 
ATOM   792  N  N   . LYS A 1 102 ? 3.335   -11.880 2.311   1.00 12.05 ? 102  LYS A N   1 
ATOM   793  C  CA  . LYS A 1 102 ? 3.449   -11.917 0.855   1.00 12.72 ? 102  LYS A CA  1 
ATOM   794  C  C   . LYS A 1 102 ? 2.464   -10.946 0.196   1.00 12.84 ? 102  LYS A C   1 
ATOM   795  O  O   . LYS A 1 102 ? 2.774   -10.343 -0.832  1.00 12.60 ? 102  LYS A O   1 
ATOM   796  C  CB  . LYS A 1 102 ? 3.168   -13.339 0.353   1.00 15.09 ? 102  LYS A CB  1 
ATOM   797  C  CG  . LYS A 1 102 ? 3.395   -13.554 -1.137  1.00 19.23 ? 102  LYS A CG  1 
ATOM   798  C  CD  . LYS A 1 102 ? 4.878   -13.523 -1.480  1.00 23.65 ? 102  LYS A CD  1 
ATOM   799  C  CE  . LYS A 1 102 ? 5.116   -13.850 -2.949  1.00 25.64 ? 102  LYS A CE  1 
ATOM   800  N  NZ  . LYS A 1 102 ? 6.565   -13.767 -3.300  1.00 26.78 ? 102  LYS A NZ  1 
ATOM   801  N  N   . TYR A 1 103 ? 1.273   -10.809 0.776   1.00 12.61 ? 103  TYR A N   1 
ATOM   802  C  CA  . TYR A 1 103 ? 0.258   -9.903  0.227   1.00 12.45 ? 103  TYR A CA  1 
ATOM   803  C  C   . TYR A 1 103 ? 0.733   -8.457  0.318   1.00 12.40 ? 103  TYR A C   1 
ATOM   804  O  O   . TYR A 1 103 ? 0.380   -7.625  -0.515  1.00 11.14 ? 103  TYR A O   1 
ATOM   805  C  CB  . TYR A 1 103 ? -1.069  -10.046 0.985   1.00 13.21 ? 103  TYR A CB  1 
ATOM   806  C  CG  . TYR A 1 103 ? -1.837  -11.330 0.722   1.00 12.54 ? 103  TYR A CG  1 
ATOM   807  C  CD1 . TYR A 1 103 ? -1.232  -12.426 0.101   1.00 15.13 ? 103  TYR A CD1 1 
ATOM   808  C  CD2 . TYR A 1 103 ? -3.156  -11.465 1.149   1.00 12.52 ? 103  TYR A CD2 1 
ATOM   809  C  CE1 . TYR A 1 103 ? -1.926  -13.631 -0.082  1.00 13.66 ? 103  TYR A CE1 1 
ATOM   810  C  CE2 . TYR A 1 103 ? -3.856  -12.658 0.974   1.00 13.06 ? 103  TYR A CE2 1 
ATOM   811  C  CZ  . TYR A 1 103 ? -3.236  -13.736 0.360   1.00 15.05 ? 103  TYR A CZ  1 
ATOM   812  O  OH  . TYR A 1 103 ? -3.927  -14.918 0.212   1.00 14.25 ? 103  TYR A OH  1 
ATOM   813  N  N   . LEU A 1 104 ? 1.516   -8.153  1.347   1.00 11.94 ? 104  LEU A N   1 
ATOM   814  C  CA  . LEU A 1 104 ? 2.040   -6.804  1.516   1.00 12.74 ? 104  LEU A CA  1 
ATOM   815  C  C   . LEU A 1 104 ? 3.081   -6.570  0.429   1.00 12.38 ? 104  LEU A C   1 
ATOM   816  O  O   . LEU A 1 104 ? 3.300   -5.442  -0.006  1.00 11.51 ? 104  LEU A O   1 
ATOM   817  C  CB  . LEU A 1 104 ? 2.650   -6.652  2.911   1.00 14.38 ? 104  LEU A CB  1 
ATOM   818  C  CG  . LEU A 1 104 ? 1.586   -6.823  4.000   1.00 17.56 ? 104  LEU A CG  1 
ATOM   819  C  CD1 . LEU A 1 104 ? 2.229   -6.791  5.373   1.00 21.26 ? 104  LEU A CD1 1 
ATOM   820  C  CD2 . LEU A 1 104 ? 0.550   -5.719  3.866   1.00 19.18 ? 104  LEU A CD2 1 
ATOM   821  N  N   . GLU A 1 105 ? 3.724   -7.648  -0.010  1.00 11.68 ? 105  GLU A N   1 
ATOM   822  C  CA  . GLU A 1 105 ? 4.695   -7.546  -1.084  1.00 11.25 ? 105  GLU A CA  1 
ATOM   823  C  C   . GLU A 1 105 ? 3.890   -7.200  -2.338  1.00 11.30 ? 105  GLU A C   1 
ATOM   824  O  O   . GLU A 1 105 ? 4.260   -6.302  -3.096  1.00 11.57 ? 105  GLU A O   1 
ATOM   825  C  CB  . GLU A 1 105 ? 5.416   -8.876  -1.288  1.00 12.82 ? 105  GLU A CB  1 
ATOM   826  C  CG  . GLU A 1 105 ? 6.506   -8.828  -2.341  1.00 15.47 ? 105  GLU A CG  1 
ATOM   827  C  CD  . GLU A 1 105 ? 6.998   -10.206 -2.729  1.00 18.82 ? 105  GLU A CD  1 
ATOM   828  O  OE1 . GLU A 1 105 ? 6.711   -11.171 -1.990  1.00 20.48 ? 105  GLU A OE1 1 
ATOM   829  O  OE2 . GLU A 1 105 ? 7.676   -10.325 -3.770  1.00 20.49 ? 105  GLU A OE2 1 
ATOM   830  N  N   . PHE A 1 106 ? 2.777   -7.907  -2.538  1.00 11.00 ? 106  PHE A N   1 
ATOM   831  C  CA  . PHE A 1 106 ? 1.919   -7.660  -3.701  1.00 10.20 ? 106  PHE A CA  1 
ATOM   832  C  C   . PHE A 1 106 ? 1.466   -6.198  -3.787  1.00 10.68 ? 106  PHE A C   1 
ATOM   833  O  O   . PHE A 1 106 ? 1.543   -5.572  -4.845  1.00 9.24  ? 106  PHE A O   1 
ATOM   834  C  CB  . PHE A 1 106 ? 0.641   -8.517  -3.671  1.00 10.35 ? 106  PHE A CB  1 
ATOM   835  C  CG  . PHE A 1 106 ? 0.869   -10.005 -3.757  1.00 10.95 ? 106  PHE A CG  1 
ATOM   836  C  CD1 . PHE A 1 106 ? 2.021   -10.528 -4.332  1.00 12.08 ? 106  PHE A CD1 1 
ATOM   837  C  CD2 . PHE A 1 106 ? -0.110  -10.885 -3.294  1.00 11.34 ? 106  PHE A CD2 1 
ATOM   838  C  CE1 . PHE A 1 106 ? 2.197   -11.911 -4.446  1.00 14.92 ? 106  PHE A CE1 1 
ATOM   839  C  CE2 . PHE A 1 106 ? 0.057   -12.269 -3.404  1.00 13.81 ? 106  PHE A CE2 1 
ATOM   840  C  CZ  . PHE A 1 106 ? 1.214   -12.779 -3.982  1.00 14.63 ? 106  PHE A CZ  1 
ATOM   841  N  N   . ILE A 1 107 ? 0.966   -5.660  -2.681  1.00 9.59  ? 107  ILE A N   1 
ATOM   842  C  CA  . ILE A 1 107 ? 0.470   -4.289  -2.704  1.00 9.17  ? 107  ILE A CA  1 
ATOM   843  C  C   . ILE A 1 107 ? 1.596   -3.269  -2.874  1.00 8.62  ? 107  ILE A C   1 
ATOM   844  O  O   . ILE A 1 107 ? 1.383   -2.191  -3.419  1.00 9.78  ? 107  ILE A O   1 
ATOM   845  C  CB  . ILE A 1 107 ? -0.385  -3.989  -1.438  1.00 8.18  ? 107  ILE A CB  1 
ATOM   846  C  CG1 . ILE A 1 107 ? -1.354  -2.840  -1.727  1.00 10.59 ? 107  ILE A CG1 1 
ATOM   847  C  CG2 . ILE A 1 107 ? 0.502   -3.627  -0.262  1.00 8.90  ? 107  ILE A CG2 1 
ATOM   848  C  CD1 . ILE A 1 107 ? -2.323  -2.541  -0.584  1.00 7.33  ? 107  ILE A CD1 1 
ATOM   849  N  N   . SER A 1 108 ? 2.798   -3.614  -2.425  1.00 9.00  ? 108  SER A N   1 
ATOM   850  C  CA  . SER A 1 108 ? 3.940   -2.717  -2.585  1.00 9.85  ? 108  SER A CA  1 
ATOM   851  C  C   . SER A 1 108 ? 4.236   -2.629  -4.084  1.00 9.95  ? 108  SER A C   1 
ATOM   852  O  O   . SER A 1 108 ? 4.421   -1.545  -4.635  1.00 11.04 ? 108  SER A O   1 
ATOM   853  C  CB  . SER A 1 108 ? 5.164   -3.266  -1.843  1.00 11.12 ? 108  SER A CB  1 
ATOM   854  O  OG  . SER A 1 108 ? 4.945   -3.288  -0.442  1.00 11.42 ? 108  SER A OG  1 
ATOM   855  N  N   . ASP A 1 109 ? 4.264   -3.784  -4.741  1.00 11.58 ? 109  ASP A N   1 
ATOM   856  C  CA  . ASP A 1 109 ? 4.510   -3.831  -6.174  1.00 11.41 ? 109  ASP A CA  1 
ATOM   857  C  C   . ASP A 1 109 ? 3.383   -3.112  -6.916  1.00 10.70 ? 109  ASP A C   1 
ATOM   858  O  O   . ASP A 1 109 ? 3.627   -2.438  -7.911  1.00 10.41 ? 109  ASP A O   1 
ATOM   859  C  CB  . ASP A 1 109 ? 4.615   -5.283  -6.654  1.00 14.27 ? 109  ASP A CB  1 
ATOM   860  C  CG  . ASP A 1 109 ? 5.936   -5.923  -6.276  1.00 14.22 ? 109  ASP A CG  1 
ATOM   861  O  OD1 . ASP A 1 109 ? 6.840   -5.186  -5.848  1.00 18.96 ? 109  ASP A OD1 1 
ATOM   862  O  OD2 . ASP A 1 109 ? 6.076   -7.158  -6.422  1.00 18.34 ? 109  ASP A OD2 1 
ATOM   863  N  N   . ALA A 1 110 ? 2.154   -3.252  -6.423  1.00 10.72 ? 110  ALA A N   1 
ATOM   864  C  CA  . ALA A 1 110 ? 1.003   -2.596  -7.043  1.00 10.15 ? 110  ALA A CA  1 
ATOM   865  C  C   . ALA A 1 110 ? 1.138   -1.074  -6.980  1.00 10.30 ? 110  ALA A C   1 
ATOM   866  O  O   . ALA A 1 110 ? 0.790   -0.373  -7.929  1.00 10.24 ? 110  ALA A O   1 
ATOM   867  C  CB  . ALA A 1 110 ? -0.298  -3.037  -6.355  1.00 10.52 ? 110  ALA A CB  1 
ATOM   868  N  N   . ILE A 1 111 ? 1.637   -0.557  -5.860  1.00 9.49  ? 111  ILE A N   1 
ATOM   869  C  CA  . ILE A 1 111 ? 1.813   0.885   -5.717  1.00 8.82  ? 111  ILE A CA  1 
ATOM   870  C  C   . ILE A 1 111 ? 2.832   1.396   -6.736  1.00 10.18 ? 111  ILE A C   1 
ATOM   871  O  O   . ILE A 1 111 ? 2.618   2.426   -7.376  1.00 10.50 ? 111  ILE A O   1 
ATOM   872  C  CB  . ILE A 1 111 ? 2.260   1.234   -4.276  1.00 6.91  ? 111  ILE A CB  1 
ATOM   873  C  CG1 . ILE A 1 111 ? 1.075   1.027   -3.324  1.00 7.69  ? 111  ILE A CG1 1 
ATOM   874  C  CG2 . ILE A 1 111 ? 2.804   2.658   -4.210  1.00 10.23 ? 111  ILE A CG2 1 
ATOM   875  C  CD1 . ILE A 1 111 ? 1.443   1.096   -1.839  1.00 5.31  ? 111  ILE A CD1 1 
ATOM   876  N  N   . ILE A 1 112 ? 3.930   0.667   -6.903  1.00 9.33  ? 112  ILE A N   1 
ATOM   877  C  CA  . ILE A 1 112 ? 4.943   1.069   -7.870  1.00 9.65  ? 112  ILE A CA  1 
ATOM   878  C  C   . ILE A 1 112 ? 4.346   1.023   -9.273  1.00 9.22  ? 112  ILE A C   1 
ATOM   879  O  O   . ILE A 1 112 ? 4.583   1.917   -10.077 1.00 10.40 ? 112  ILE A O   1 
ATOM   880  C  CB  . ILE A 1 112 ? 6.177   0.139   -7.823  1.00 11.61 ? 112  ILE A CB  1 
ATOM   881  C  CG1 . ILE A 1 112 ? 6.904   0.299   -6.484  1.00 13.15 ? 112  ILE A CG1 1 
ATOM   882  C  CG2 . ILE A 1 112 ? 7.108   0.443   -8.991  1.00 12.16 ? 112  ILE A CG2 1 
ATOM   883  C  CD1 . ILE A 1 112 ? 7.447   1.697   -6.215  1.00 12.29 ? 112  ILE A CD1 1 
ATOM   884  N  N   . HIS A 1 113 ? 3.562   -0.015  -9.557  1.00 8.52  ? 113  HIS A N   1 
ATOM   885  C  CA  . HIS A 1 113 ? 2.943   -0.161  -10.874 1.00 8.86  ? 113  HIS A CA  1 
ATOM   886  C  C   . HIS A 1 113 ? 1.995   0.996   -11.173 1.00 7.80  ? 113  HIS A C   1 
ATOM   887  O  O   . HIS A 1 113 ? 2.029   1.573   -12.263 1.00 8.57  ? 113  HIS A O   1 
ATOM   888  C  CB  . HIS A 1 113 ? 2.159   -1.470  -10.952 1.00 12.36 ? 113  HIS A CB  1 
ATOM   889  C  CG  . HIS A 1 113 ? 1.537   -1.716  -12.292 1.00 17.70 ? 113  HIS A CG  1 
ATOM   890  N  ND1 . HIS A 1 113 ? 2.245   -2.218  -13.362 1.00 18.76 ? 113  HIS A ND1 1 
ATOM   891  C  CD2 . HIS A 1 113 ? 0.278   -1.496  -12.743 1.00 18.31 ? 113  HIS A CD2 1 
ATOM   892  C  CE1 . HIS A 1 113 ? 1.451   -2.298  -14.415 1.00 19.76 ? 113  HIS A CE1 1 
ATOM   893  N  NE2 . HIS A 1 113 ? 0.253   -1.865  -14.066 1.00 20.10 ? 113  HIS A NE2 1 
ATOM   894  N  N   . VAL A 1 114 ? 1.142   1.318   -10.205 1.00 7.58  ? 114  VAL A N   1 
ATOM   895  C  CA  . VAL A 1 114 ? 0.172   2.399   -10.362 1.00 7.64  ? 114  VAL A CA  1 
ATOM   896  C  C   . VAL A 1 114 ? 0.850   3.756   -10.552 1.00 9.18  ? 114  VAL A C   1 
ATOM   897  O  O   . VAL A 1 114 ? 0.385   4.584   -11.337 1.00 7.90  ? 114  VAL A O   1 
ATOM   898  C  CB  . VAL A 1 114 ? -0.788  2.458   -9.145  1.00 8.23  ? 114  VAL A CB  1 
ATOM   899  C  CG1 . VAL A 1 114 ? -1.691  3.687   -9.240  1.00 8.37  ? 114  VAL A CG1 1 
ATOM   900  C  CG2 . VAL A 1 114 ? -1.628  1.190   -9.096  1.00 11.26 ? 114  VAL A CG2 1 
ATOM   901  N  N   . LEU A 1 115 ? 1.948   3.994   -9.837  1.00 8.31  ? 115  LEU A N   1 
ATOM   902  C  CA  . LEU A 1 115 ? 2.648   5.266   -9.983  1.00 9.05  ? 115  LEU A CA  1 
ATOM   903  C  C   . LEU A 1 115 ? 3.149   5.429   -11.420 1.00 9.84  ? 115  LEU A C   1 
ATOM   904  O  O   . LEU A 1 115 ? 3.032   6.501   -12.011 1.00 8.23  ? 115  LEU A O   1 
ATOM   905  C  CB  . LEU A 1 115 ? 3.808   5.354   -8.985  1.00 9.68  ? 115  LEU A CB  1 
ATOM   906  C  CG  . LEU A 1 115 ? 3.360   5.597   -7.536  1.00 9.32  ? 115  LEU A CG  1 
ATOM   907  C  CD1 . LEU A 1 115 ? 4.549   5.552   -6.600  1.00 8.36  ? 115  LEU A CD1 1 
ATOM   908  C  CD2 . LEU A 1 115 ? 2.660   6.942   -7.440  1.00 12.69 ? 115  LEU A CD2 1 
ATOM   909  N  N   . HIS A 1 116 ? 3.696   4.361   -11.989 1.00 9.38  ? 116  HIS A N   1 
ATOM   910  C  CA  . HIS A 1 116 ? 4.176   4.424   -13.360 1.00 10.27 ? 116  HIS A CA  1 
ATOM   911  C  C   . HIS A 1 116 ? 3.031   4.566   -14.357 1.00 11.69 ? 116  HIS A C   1 
ATOM   912  O  O   . HIS A 1 116 ? 3.158   5.258   -15.368 1.00 13.16 ? 116  HIS A O   1 
ATOM   913  C  CB  . HIS A 1 116 ? 4.992   3.174   -13.701 1.00 9.85  ? 116  HIS A CB  1 
ATOM   914  C  CG  . HIS A 1 116 ? 6.437   3.279   -13.331 1.00 10.18 ? 116  HIS A CG  1 
ATOM   915  N  ND1 . HIS A 1 116 ? 7.252   4.287   -13.798 1.00 8.67  ? 116  HIS A ND1 1 
ATOM   916  C  CD2 . HIS A 1 116 ? 7.216   2.501   -12.542 1.00 9.79  ? 116  HIS A CD2 1 
ATOM   917  C  CE1 . HIS A 1 116 ? 8.470   4.129   -13.311 1.00 10.41 ? 116  HIS A CE1 1 
ATOM   918  N  NE2 . HIS A 1 116 ? 8.474   3.053   -12.545 1.00 11.07 ? 116  HIS A NE2 1 
ATOM   919  N  N   . SER A 1 117 ? 1.908   3.917   -14.065 1.00 11.48 ? 117  SER A N   1 
ATOM   920  C  CA  . SER A 1 117 ? 0.755   3.963   -14.956 1.00 11.27 ? 117  SER A CA  1 
ATOM   921  C  C   . SER A 1 117 ? 0.106   5.340   -15.005 1.00 11.68 ? 117  SER A C   1 
ATOM   922  O  O   . SER A 1 117 ? -0.307  5.799   -16.070 1.00 9.79  ? 117  SER A O   1 
ATOM   923  C  CB  . SER A 1 117 ? -0.284  2.928   -14.525 1.00 13.08 ? 117  SER A CB  1 
ATOM   924  O  OG  . SER A 1 117 ? -1.395  2.926   -15.407 1.00 14.19 ? 117  SER A OG  1 
ATOM   925  N  N   . LYS A 1 118 ? 0.019   5.997   -13.853 1.00 11.58 ? 118  LYS A N   1 
ATOM   926  C  CA  . LYS A 1 118 ? -0.609  7.315   -13.785 1.00 10.81 ? 118  LYS A CA  1 
ATOM   927  C  C   . LYS A 1 118 ? 0.339   8.477   -14.077 1.00 10.08 ? 118  LYS A C   1 
ATOM   928  O  O   . LYS A 1 118 ? -0.105  9.562   -14.458 1.00 10.07 ? 118  LYS A O   1 
ATOM   929  C  CB  . LYS A 1 118 ? -1.247  7.524   -12.403 1.00 10.21 ? 118  LYS A CB  1 
ATOM   930  C  CG  . LYS A 1 118 ? -2.333  6.517   -12.047 1.00 11.65 ? 118  LYS A CG  1 
ATOM   931  C  CD  . LYS A 1 118 ? -2.992  6.855   -10.717 1.00 12.95 ? 118  LYS A CD  1 
ATOM   932  C  CE  . LYS A 1 118 ? -3.904  8.075   -10.839 1.00 14.64 ? 118  LYS A CE  1 
ATOM   933  N  NZ  . LYS A 1 118 ? -5.068  7.828   -11.746 1.00 17.58 ? 118  LYS A NZ  1 
ATOM   934  N  N   . HIS A 1 119 ? 1.639   8.257   -13.895 1.00 10.90 ? 119  HIS A N   1 
ATOM   935  C  CA  . HIS A 1 119 ? 2.626   9.313   -14.120 1.00 11.74 ? 119  HIS A CA  1 
ATOM   936  C  C   . HIS A 1 119 ? 3.783   8.803   -14.975 1.00 10.89 ? 119  HIS A C   1 
ATOM   937  O  O   . HIS A 1 119 ? 4.946   8.895   -14.579 1.00 10.77 ? 119  HIS A O   1 
ATOM   938  C  CB  . HIS A 1 119 ? 3.158   9.801   -12.773 1.00 12.07 ? 119  HIS A CB  1 
ATOM   939  C  CG  . HIS A 1 119 ? 2.088   9.989   -11.744 1.00 13.33 ? 119  HIS A CG  1 
ATOM   940  N  ND1 . HIS A 1 119 ? 1.278   11.102  -11.706 1.00 13.63 ? 119  HIS A ND1 1 
ATOM   941  C  CD2 . HIS A 1 119 ? 1.650   9.169   -10.760 1.00 13.21 ? 119  HIS A CD2 1 
ATOM   942  C  CE1 . HIS A 1 119 ? 0.384   10.960  -10.744 1.00 14.88 ? 119  HIS A CE1 1 
ATOM   943  N  NE2 . HIS A 1 119 ? 0.587   9.796   -10.154 1.00 13.15 ? 119  HIS A NE2 1 
ATOM   944  N  N   . PRO A 1 120 ? 3.475   8.273   -16.168 1.00 12.37 ? 120  PRO A N   1 
ATOM   945  C  CA  . PRO A 1 120 ? 4.517   7.753   -17.057 1.00 12.96 ? 120  PRO A CA  1 
ATOM   946  C  C   . PRO A 1 120 ? 5.552   8.806   -17.408 1.00 13.92 ? 120  PRO A C   1 
ATOM   947  O  O   . PRO A 1 120 ? 5.211   9.897   -17.863 1.00 13.04 ? 120  PRO A O   1 
ATOM   948  C  CB  . PRO A 1 120 ? 3.728   7.281   -18.274 1.00 12.15 ? 120  PRO A CB  1 
ATOM   949  C  CG  . PRO A 1 120 ? 2.585   8.263   -18.321 1.00 12.40 ? 120  PRO A CG  1 
ATOM   950  C  CD  . PRO A 1 120 ? 2.173   8.327   -16.862 1.00 12.08 ? 120  PRO A CD  1 
ATOM   951  N  N   . GLY A 1 121 ? 6.820   8.472   -17.189 1.00 14.19 ? 121  GLY A N   1 
ATOM   952  C  CA  . GLY A 1 121 ? 7.887   9.404   -17.493 1.00 15.04 ? 121  GLY A CA  1 
ATOM   953  C  C   . GLY A 1 121 ? 8.086   10.453  -16.418 1.00 16.64 ? 121  GLY A C   1 
ATOM   954  O  O   . GLY A 1 121 ? 8.999   11.274  -16.511 1.00 16.74 ? 121  GLY A O   1 
ATOM   955  N  N   . ASP A 1 122 ? 7.241   10.428  -15.391 1.00 15.62 ? 122  ASP A N   1 
ATOM   956  C  CA  . ASP A 1 122 ? 7.346   11.396  -14.308 1.00 14.82 ? 122  ASP A CA  1 
ATOM   957  C  C   . ASP A 1 122 ? 7.610   10.715  -12.964 1.00 14.17 ? 122  ASP A C   1 
ATOM   958  O  O   . ASP A 1 122 ? 7.370   11.292  -11.904 1.00 15.73 ? 122  ASP A O   1 
ATOM   959  C  CB  . ASP A 1 122 ? 6.069   12.242  -14.236 1.00 18.05 ? 122  ASP A CB  1 
ATOM   960  C  CG  . ASP A 1 122 ? 6.231   13.472  -13.365 1.00 22.41 ? 122  ASP A CG  1 
ATOM   961  O  OD1 . ASP A 1 122 ? 7.282   14.137  -13.469 1.00 25.19 ? 122  ASP A OD1 1 
ATOM   962  O  OD2 . ASP A 1 122 ? 5.308   13.786  -12.584 1.00 22.91 ? 122  ASP A OD2 1 
ATOM   963  N  N   . PHE A 1 123 ? 8.115   9.481   -13.027 1.00 12.62 ? 123  PHE A N   1 
ATOM   964  C  CA  . PHE A 1 123 ? 8.451   8.687   -11.842 1.00 11.04 ? 123  PHE A CA  1 
ATOM   965  C  C   . PHE A 1 123 ? 9.816   8.095   -12.194 1.00 11.73 ? 123  PHE A C   1 
ATOM   966  O  O   . PHE A 1 123 ? 9.931   6.927   -12.584 1.00 12.41 ? 123  PHE A O   1 
ATOM   967  C  CB  . PHE A 1 123 ? 7.394   7.587   -11.632 1.00 12.25 ? 123  PHE A CB  1 
ATOM   968  C  CG  . PHE A 1 123 ? 7.572   6.779   -10.367 1.00 11.94 ? 123  PHE A CG  1 
ATOM   969  C  CD1 . PHE A 1 123 ? 7.959   7.387   -9.175  1.00 11.60 ? 123  PHE A CD1 1 
ATOM   970  C  CD2 . PHE A 1 123 ? 7.290   5.415   -10.360 1.00 10.54 ? 123  PHE A CD2 1 
ATOM   971  C  CE1 . PHE A 1 123 ? 8.059   6.648   -7.994  1.00 10.87 ? 123  PHE A CE1 1 
ATOM   972  C  CE2 . PHE A 1 123 ? 7.384   4.666   -9.191  1.00 10.34 ? 123  PHE A CE2 1 
ATOM   973  C  CZ  . PHE A 1 123 ? 7.769   5.285   -8.002  1.00 9.16  ? 123  PHE A CZ  1 
ATOM   974  N  N   . GLY A 1 124 ? 10.841  8.937   -12.060 1.00 10.97 ? 124  GLY A N   1 
ATOM   975  C  CA  . GLY A 1 124 ? 12.205  8.572   -12.403 1.00 11.84 ? 124  GLY A CA  1 
ATOM   976  C  C   . GLY A 1 124 ? 12.867  7.474   -11.600 1.00 12.24 ? 124  GLY A C   1 
ATOM   977  O  O   . GLY A 1 124 ? 12.347  7.026   -10.581 1.00 12.53 ? 124  GLY A O   1 
ATOM   978  N  N   . ALA A 1 125 ? 14.038  7.054   -12.070 1.00 11.19 ? 125  ALA A N   1 
ATOM   979  C  CA  . ALA A 1 125 ? 14.802  5.995   -11.425 1.00 12.41 ? 125  ALA A CA  1 
ATOM   980  C  C   . ALA A 1 125 ? 15.066  6.280   -9.952  1.00 12.16 ? 125  ALA A C   1 
ATOM   981  O  O   . ALA A 1 125 ? 14.882  5.405   -9.105  1.00 13.85 ? 125  ALA A O   1 
ATOM   982  C  CB  . ALA A 1 125 ? 16.121  5.785   -12.158 1.00 13.45 ? 125  ALA A CB  1 
ATOM   983  N  N   . ASP A 1 126 ? 15.513  7.492   -9.638  1.00 12.19 ? 126  ASP A N   1 
ATOM   984  C  CA  . ASP A 1 126 ? 15.782  7.824   -8.243  1.00 12.66 ? 126  ASP A CA  1 
ATOM   985  C  C   . ASP A 1 126 ? 14.499  7.772   -7.414  1.00 12.75 ? 126  ASP A C   1 
ATOM   986  O  O   . ASP A 1 126 ? 14.502  7.272   -6.288  1.00 13.79 ? 126  ASP A O   1 
ATOM   987  C  CB  . ASP A 1 126 ? 16.458  9.201   -8.118  1.00 15.76 ? 126  ASP A CB  1 
ATOM   988  C  CG  . ASP A 1 126 ? 15.734  10.300  -8.879  1.00 19.69 ? 126  ASP A CG  1 
ATOM   989  O  OD1 . ASP A 1 126 ? 14.617  10.071  -9.384  1.00 20.88 ? 126  ASP A OD1 1 
ATOM   990  O  OD2 . ASP A 1 126 ? 16.302  11.415  -8.968  1.00 24.02 ? 126  ASP A OD2 1 
ATOM   991  N  N   . ALA A 1 127 ? 13.404  8.266   -7.981  1.00 11.51 ? 127  ALA A N   1 
ATOM   992  C  CA  . ALA A 1 127 ? 12.119  8.261   -7.282  1.00 10.46 ? 127  ALA A CA  1 
ATOM   993  C  C   . ALA A 1 127 ? 11.620  6.838   -7.008  1.00 11.59 ? 127  ALA A C   1 
ATOM   994  O  O   . ALA A 1 127 ? 11.160  6.534   -5.908  1.00 9.29  ? 127  ALA A O   1 
ATOM   995  C  CB  . ALA A 1 127 ? 11.078  9.036   -8.093  1.00 11.01 ? 127  ALA A CB  1 
ATOM   996  N  N   . GLN A 1 128 ? 11.697  5.966   -8.008  1.00 11.04 ? 128  GLN A N   1 
ATOM   997  C  CA  . GLN A 1 128 ? 11.247  4.592   -7.811  1.00 10.20 ? 128  GLN A CA  1 
ATOM   998  C  C   . GLN A 1 128 ? 12.146  3.913   -6.782  1.00 10.60 ? 128  GLN A C   1 
ATOM   999  O  O   . GLN A 1 128 ? 11.677  3.130   -5.960  1.00 10.63 ? 128  GLN A O   1 
ATOM   1000 C  CB  . GLN A 1 128 ? 11.277  3.806   -9.124  1.00 10.59 ? 128  GLN A CB  1 
ATOM   1001 C  CG  . GLN A 1 128 ? 11.079  2.315   -8.918  1.00 11.25 ? 128  GLN A CG  1 
ATOM   1002 C  CD  . GLN A 1 128 ? 11.115  1.530   -10.209 1.00 11.71 ? 128  GLN A CD  1 
ATOM   1003 O  OE1 . GLN A 1 128 ? 11.262  0.306   -10.197 1.00 17.85 ? 128  GLN A OE1 1 
ATOM   1004 N  NE2 . GLN A 1 128 ? 10.965  2.223   -11.328 1.00 9.54  ? 128  GLN A NE2 1 
ATOM   1005 N  N   . GLY A 1 129 ? 13.438  4.223   -6.829  1.00 9.91  ? 129  GLY A N   1 
ATOM   1006 C  CA  . GLY A 1 129 ? 14.366  3.635   -5.879  1.00 10.27 ? 129  GLY A CA  1 
ATOM   1007 C  C   . GLY A 1 129 ? 14.037  4.015   -4.446  1.00 10.25 ? 129  GLY A C   1 
ATOM   1008 O  O   . GLY A 1 129 ? 14.050  3.174   -3.546  1.00 10.08 ? 129  GLY A O   1 
ATOM   1009 N  N   . ALA A 1 130 ? 13.730  5.287   -4.232  1.00 9.71  ? 130  ALA A N   1 
ATOM   1010 C  CA  . ALA A 1 130 ? 13.406  5.784   -2.899  1.00 9.99  ? 130  ALA A CA  1 
ATOM   1011 C  C   . ALA A 1 130 ? 12.081  5.224   -2.399  1.00 10.77 ? 130  ALA A C   1 
ATOM   1012 O  O   . ALA A 1 130 ? 11.984  4.756   -1.263  1.00 10.61 ? 130  ALA A O   1 
ATOM   1013 C  CB  . ALA A 1 130 ? 13.358  7.305   -2.913  1.00 10.99 ? 130  ALA A CB  1 
ATOM   1014 N  N   . MET A 1 131 ? 11.058  5.274   -3.246  1.00 9.68  ? 131  MET A N   1 
ATOM   1015 C  CA  . MET A 1 131 ? 9.746   4.765   -2.870  1.00 8.78  ? 131  MET A CA  1 
ATOM   1016 C  C   . MET A 1 131 ? 9.823   3.266   -2.586  1.00 10.05 ? 131  MET A C   1 
ATOM   1017 O  O   . MET A 1 131 ? 9.155   2.760   -1.687  1.00 8.70  ? 131  MET A O   1 
ATOM   1018 C  CB  . MET A 1 131 ? 8.732   5.044   -3.985  1.00 11.29 ? 131  MET A CB  1 
ATOM   1019 C  CG  . MET A 1 131 ? 7.300   4.641   -3.644  1.00 13.20 ? 131  MET A CG  1 
ATOM   1020 S  SD  . MET A 1 131 ? 6.670   5.423   -2.127  1.00 14.92 ? 131  MET A SD  1 
ATOM   1021 C  CE  . MET A 1 131 ? 6.314   7.071   -2.684  1.00 16.49 ? 131  MET A CE  1 
ATOM   1022 N  N   . THR A 1 132 ? 10.639  2.556   -3.357  1.00 9.53  ? 132  THR A N   1 
ATOM   1023 C  CA  . THR A 1 132 ? 10.796  1.123   -3.151  1.00 10.13 ? 132  THR A CA  1 
ATOM   1024 C  C   . THR A 1 132 ? 11.401  0.872   -1.764  1.00 11.72 ? 132  THR A C   1 
ATOM   1025 O  O   . THR A 1 132 ? 10.912  0.028   -1.016  1.00 13.15 ? 132  THR A O   1 
ATOM   1026 C  CB  . THR A 1 132 ? 11.696  0.507   -4.241  1.00 10.24 ? 132  THR A CB  1 
ATOM   1027 O  OG1 . THR A 1 132 ? 11.039  0.622   -5.511  1.00 11.83 ? 132  THR A OG1 1 
ATOM   1028 C  CG2 . THR A 1 132 ? 11.976  -0.960  -3.951  1.00 10.64 ? 132  THR A CG2 1 
ATOM   1029 N  N   . LYS A 1 133 ? 12.452  1.612   -1.417  1.00 11.73 ? 133  LYS A N   1 
ATOM   1030 C  CA  . LYS A 1 133 ? 13.077  1.451   -0.101  1.00 11.12 ? 133  LYS A CA  1 
ATOM   1031 C  C   . LYS A 1 133 ? 12.100  1.763   1.025   1.00 10.47 ? 133  LYS A C   1 
ATOM   1032 O  O   . LYS A 1 133 ? 12.114  1.111   2.073   1.00 10.14 ? 133  LYS A O   1 
ATOM   1033 C  CB  . LYS A 1 133 ? 14.303  2.359   0.048   1.00 14.34 ? 133  LYS A CB  1 
ATOM   1034 C  CG  . LYS A 1 133 ? 15.590  1.783   -0.532  1.00 14.50 ? 133  LYS A CG  1 
ATOM   1035 C  CD  . LYS A 1 133 ? 16.799  2.673   -0.234  1.00 15.25 ? 133  LYS A CD  1 
ATOM   1036 C  CE  . LYS A 1 133 ? 17.209  2.606   1.234   1.00 16.82 ? 133  LYS A CE  1 
ATOM   1037 N  NZ  . LYS A 1 133 ? 18.446  3.402   1.521   1.00 18.32 ? 133  LYS A NZ  1 
ATOM   1038 N  N   . ALA A 1 134 ? 11.257  2.770   0.822   1.00 9.80  ? 134  ALA A N   1 
ATOM   1039 C  CA  . ALA A 1 134 ? 10.294  3.141   1.851   1.00 9.88  ? 134  ALA A CA  1 
ATOM   1040 C  C   . ALA A 1 134 ? 9.259   2.044   2.059   1.00 8.91  ? 134  ALA A C   1 
ATOM   1041 O  O   . ALA A 1 134 ? 8.855   1.773   3.187   1.00 8.60  ? 134  ALA A O   1 
ATOM   1042 C  CB  . ALA A 1 134 ? 9.606   4.452   1.487   1.00 7.67  ? 134  ALA A CB  1 
ATOM   1043 N  N   . LEU A 1 135 ? 8.825   1.419   0.968   1.00 9.60  ? 135  LEU A N   1 
ATOM   1044 C  CA  . LEU A 1 135 ? 7.834   0.350   1.056   1.00 9.13  ? 135  LEU A CA  1 
ATOM   1045 C  C   . LEU A 1 135 ? 8.434   -0.908  1.673   1.00 8.80  ? 135  LEU A C   1 
ATOM   1046 O  O   . LEU A 1 135 ? 7.744   -1.646  2.377   1.00 10.27 ? 135  LEU A O   1 
ATOM   1047 C  CB  . LEU A 1 135 ? 7.261   0.047   -0.334  1.00 9.65  ? 135  LEU A CB  1 
ATOM   1048 C  CG  . LEU A 1 135 ? 6.438   1.203   -0.919  1.00 9.24  ? 135  LEU A CG  1 
ATOM   1049 C  CD1 . LEU A 1 135 ? 6.133   0.930   -2.388  1.00 10.71 ? 135  LEU A CD1 1 
ATOM   1050 C  CD2 . LEU A 1 135 ? 5.147   1.374   -0.123  1.00 13.44 ? 135  LEU A CD2 1 
ATOM   1051 N  N   . GLU A 1 136 ? 9.714   -1.153  1.405   1.00 9.91  ? 136  GLU A N   1 
ATOM   1052 C  CA  . GLU A 1 136 ? 10.397  -2.316  1.961   1.00 9.95  ? 136  GLU A CA  1 
ATOM   1053 C  C   . GLU A 1 136 ? 10.578  -2.110  3.465   1.00 10.20 ? 136  GLU A C   1 
ATOM   1054 O  O   . GLU A 1 136 ? 10.458  -3.052  4.247   1.00 10.81 ? 136  GLU A O   1 
ATOM   1055 C  CB  . GLU A 1 136 ? 11.764  -2.509  1.299   1.00 10.80 ? 136  GLU A CB  1 
ATOM   1056 C  CG  . GLU A 1 136 ? 11.699  -2.809  -0.194  1.00 13.43 ? 136  GLU A CG  1 
ATOM   1057 C  CD  . GLU A 1 136 ? 13.071  -2.943  -0.831  1.00 15.22 ? 136  GLU A CD  1 
ATOM   1058 O  OE1 . GLU A 1 136 ? 13.947  -2.100  -0.546  1.00 16.22 ? 136  GLU A OE1 1 
ATOM   1059 O  OE2 . GLU A 1 136 ? 13.272  -3.883  -1.627  1.00 18.60 ? 136  GLU A OE2 1 
ATOM   1060 N  N   . LEU A 1 137 ? 10.877  -0.878  3.865   1.00 9.06  ? 137  LEU A N   1 
ATOM   1061 C  CA  . LEU A 1 137 ? 11.056  -0.569  5.284   1.00 10.12 ? 137  LEU A CA  1 
ATOM   1062 C  C   . LEU A 1 137 ? 9.730   -0.847  5.985   1.00 10.16 ? 137  LEU A C   1 
ATOM   1063 O  O   . LEU A 1 137 ? 9.684   -1.505  7.021   1.00 9.75  ? 137  LEU A O   1 
ATOM   1064 C  CB  . LEU A 1 137 ? 11.444  0.902   5.476   1.00 11.21 ? 137  LEU A CB  1 
ATOM   1065 C  CG  . LEU A 1 137 ? 11.634  1.356   6.926   1.00 12.02 ? 137  LEU A CG  1 
ATOM   1066 C  CD1 . LEU A 1 137 ? 12.796  0.593   7.555   1.00 13.29 ? 137  LEU A CD1 1 
ATOM   1067 C  CD2 . LEU A 1 137 ? 11.904  2.850   6.973   1.00 12.00 ? 137  LEU A CD2 1 
ATOM   1068 N  N   . PHE A 1 138 ? 8.661   -0.330  5.394   1.00 11.18 ? 138  PHE A N   1 
ATOM   1069 C  CA  . PHE A 1 138 ? 7.306   -0.498  5.898   1.00 11.49 ? 138  PHE A CA  1 
ATOM   1070 C  C   . PHE A 1 138 ? 7.030   -1.990  6.051   1.00 12.08 ? 138  PHE A C   1 
ATOM   1071 O  O   . PHE A 1 138 ? 6.633   -2.461  7.118   1.00 11.43 ? 138  PHE A O   1 
ATOM   1072 C  CB  . PHE A 1 138 ? 6.335   0.117   4.889   1.00 12.86 ? 138  PHE A CB  1 
ATOM   1073 C  CG  . PHE A 1 138 ? 4.889   -0.197  5.148   1.00 13.63 ? 138  PHE A CG  1 
ATOM   1074 C  CD1 . PHE A 1 138 ? 4.226   0.352   6.238   1.00 16.02 ? 138  PHE A CD1 1 
ATOM   1075 C  CD2 . PHE A 1 138 ? 4.186   -1.018  4.278   1.00 15.38 ? 138  PHE A CD2 1 
ATOM   1076 C  CE1 . PHE A 1 138 ? 2.877   0.092   6.454   1.00 17.07 ? 138  PHE A CE1 1 
ATOM   1077 C  CE2 . PHE A 1 138 ? 2.835   -1.286  4.485   1.00 16.91 ? 138  PHE A CE2 1 
ATOM   1078 C  CZ  . PHE A 1 138 ? 2.180   -0.728  5.575   1.00 17.23 ? 138  PHE A CZ  1 
ATOM   1079 N  N   . ARG A 1 139 ? 7.262   -2.720  4.968   1.00 10.62 ? 139  ARG A N   1 
ATOM   1080 C  CA  . ARG A 1 139 ? 7.047   -4.157  4.916   1.00 12.29 ? 139  ARG A CA  1 
ATOM   1081 C  C   . ARG A 1 139 ? 7.904   -4.921  5.924   1.00 11.88 ? 139  ARG A C   1 
ATOM   1082 O  O   . ARG A 1 139 ? 7.422   -5.839  6.598   1.00 11.77 ? 139  ARG A O   1 
ATOM   1083 C  CB  . ARG A 1 139 ? 7.339   -4.650  3.492   1.00 13.70 ? 139  ARG A CB  1 
ATOM   1084 C  CG  . ARG A 1 139 ? 6.913   -6.065  3.207   1.00 16.79 ? 139  ARG A CG  1 
ATOM   1085 C  CD  . ARG A 1 139 ? 6.626   -6.263  1.724   1.00 12.87 ? 139  ARG A CD  1 
ATOM   1086 N  NE  . ARG A 1 139 ? 7.818   -6.440  0.895   1.00 12.84 ? 139  ARG A NE  1 
ATOM   1087 C  CZ  . ARG A 1 139 ? 8.258   -5.556  0.003   1.00 12.20 ? 139  ARG A CZ  1 
ATOM   1088 N  NH1 . ARG A 1 139 ? 7.616   -4.411  -0.182  1.00 14.16 ? 139  ARG A NH1 1 
ATOM   1089 N  NH2 . ARG A 1 139 ? 9.317   -5.840  -0.749  1.00 10.73 ? 139  ARG A NH2 1 
ATOM   1090 N  N   . ASN A 1 140 ? 9.171   -4.539  6.041   1.00 10.45 ? 140  ASN A N   1 
ATOM   1091 C  CA  . ASN A 1 140 ? 10.067  -5.226  6.953   1.00 10.61 ? 140  ASN A CA  1 
ATOM   1092 C  C   . ASN A 1 140 ? 9.701   -5.009  8.415   1.00 11.01 ? 140  ASN A C   1 
ATOM   1093 O  O   . ASN A 1 140 ? 9.830   -5.927  9.240   1.00 10.54 ? 140  ASN A O   1 
ATOM   1094 C  CB  . ASN A 1 140 ? 11.505  -4.788  6.707   1.00 10.65 ? 140  ASN A CB  1 
ATOM   1095 C  CG  . ASN A 1 140 ? 12.506  -5.712  7.364   1.00 17.29 ? 140  ASN A CG  1 
ATOM   1096 O  OD1 . ASN A 1 140 ? 12.592  -6.894  7.022   1.00 20.24 ? 140  ASN A OD1 1 
ATOM   1097 N  ND2 . ASN A 1 140 ? 13.260  -5.184  8.318   1.00 16.00 ? 140  ASN A ND2 1 
ATOM   1098 N  N   . ASP A 1 141 ? 9.247   -3.804  8.747   1.00 10.28 ? 141  ASP A N   1 
ATOM   1099 C  CA  . ASP A 1 141 ? 8.867   -3.514  10.126  1.00 11.06 ? 141  ASP A CA  1 
ATOM   1100 C  C   . ASP A 1 141 ? 7.566   -4.238  10.481  1.00 11.49 ? 141  ASP A C   1 
ATOM   1101 O  O   . ASP A 1 141 ? 7.356   -4.622  11.632  1.00 10.07 ? 141  ASP A O   1 
ATOM   1102 C  CB  . ASP A 1 141 ? 8.751   -1.997  10.341  1.00 10.10 ? 141  ASP A CB  1 
ATOM   1103 C  CG  . ASP A 1 141 ? 10.118  -1.321  10.460  1.00 12.37 ? 141  ASP A CG  1 
ATOM   1104 O  OD1 . ASP A 1 141 ? 11.139  -2.035  10.399  1.00 11.25 ? 141  ASP A OD1 1 
ATOM   1105 O  OD2 . ASP A 1 141 ? 10.181  -0.083  10.620  1.00 12.18 ? 141  ASP A OD2 1 
ATOM   1106 N  N   . ILE A 1 142 ? 6.698   -4.441  9.493   1.00 10.37 ? 142  ILE A N   1 
ATOM   1107 C  CA  . ILE A 1 142 ? 5.456   -5.166  9.740   1.00 10.90 ? 142  ILE A CA  1 
ATOM   1108 C  C   . ILE A 1 142 ? 5.842   -6.633  9.936   1.00 10.57 ? 142  ILE A C   1 
ATOM   1109 O  O   . ILE A 1 142 ? 5.296   -7.318  10.802  1.00 12.18 ? 142  ILE A O   1 
ATOM   1110 C  CB  . ILE A 1 142 ? 4.458   -5.047  8.549   1.00 9.89  ? 142  ILE A CB  1 
ATOM   1111 C  CG1 . ILE A 1 142 ? 3.799   -3.663  8.554   1.00 10.91 ? 142  ILE A CG1 1 
ATOM   1112 C  CG2 . ILE A 1 142 ? 3.384   -6.135  8.653   1.00 12.24 ? 142  ILE A CG2 1 
ATOM   1113 C  CD1 . ILE A 1 142 ? 2.872   -3.417  7.369   1.00 13.32 ? 142  ILE A CD1 1 
ATOM   1114 N  N   . ALA A 1 143 ? 6.805   -7.100  9.142   1.00 10.22 ? 143  ALA A N   1 
ATOM   1115 C  CA  . ALA A 1 143 ? 7.267   -8.485  9.225   1.00 10.43 ? 143  ALA A CA  1 
ATOM   1116 C  C   . ALA A 1 143 ? 7.815   -8.792  10.611  1.00 8.80  ? 143  ALA A C   1 
ATOM   1117 O  O   . ALA A 1 143 ? 7.635   -9.893  11.132  1.00 9.38  ? 143  ALA A O   1 
ATOM   1118 C  CB  . ALA A 1 143 ? 8.341   -8.751  8.171   1.00 10.81 ? 143  ALA A CB  1 
ATOM   1119 N  N   . ALA A 1 144 ? 8.489   -7.817  11.212  1.00 8.23  ? 144  ALA A N   1 
ATOM   1120 C  CA  . ALA A 1 144 ? 9.043   -8.017  12.543  1.00 10.28 ? 144  ALA A CA  1 
ATOM   1121 C  C   . ALA A 1 144 ? 7.907   -8.241  13.543  1.00 11.07 ? 144  ALA A C   1 
ATOM   1122 O  O   . ALA A 1 144 ? 8.016   -9.080  14.442  1.00 13.01 ? 144  ALA A O   1 
ATOM   1123 C  CB  . ALA A 1 144 ? 9.887   -6.809  12.946  1.00 10.60 ? 144  ALA A CB  1 
ATOM   1124 N  N   . LYS A 1 145 ? 6.814   -7.498  13.384  1.00 10.90 ? 145  LYS A N   1 
ATOM   1125 C  CA  . LYS A 1 145 ? 5.671   -7.638  14.285  1.00 9.27  ? 145  LYS A CA  1 
ATOM   1126 C  C   . LYS A 1 145 ? 4.982   -8.979  14.045  1.00 10.50 ? 145  LYS A C   1 
ATOM   1127 O  O   . LYS A 1 145 ? 4.458   -9.598  14.972  1.00 9.76  ? 145  LYS A O   1 
ATOM   1128 C  CB  . LYS A 1 145 ? 4.676   -6.496  14.064  1.00 10.79 ? 145  LYS A CB  1 
ATOM   1129 C  CG  . LYS A 1 145 ? 5.239   -5.102  14.322  1.00 11.48 ? 145  LYS A CG  1 
ATOM   1130 C  CD  . LYS A 1 145 ? 5.654   -4.919  15.779  1.00 13.01 ? 145  LYS A CD  1 
ATOM   1131 C  CE  . LYS A 1 145 ? 6.118   -3.496  16.048  1.00 16.96 ? 145  LYS A CE  1 
ATOM   1132 N  NZ  . LYS A 1 145 ? 6.550   -3.318  17.463  1.00 18.08 ? 145  LYS A NZ  1 
ATOM   1133 N  N   . TYR A 1 146 ? 4.976   -9.416  12.789  1.00 8.48  ? 146  TYR A N   1 
ATOM   1134 C  CA  . TYR A 1 146 ? 4.372   -10.694 12.422  1.00 9.82  ? 146  TYR A CA  1 
ATOM   1135 C  C   . TYR A 1 146 ? 5.126   -11.838 13.093  1.00 9.77  ? 146  TYR A C   1 
ATOM   1136 O  O   . TYR A 1 146 ? 4.515   -12.772 13.614  1.00 11.08 ? 146  TYR A O   1 
ATOM   1137 C  CB  . TYR A 1 146 ? 4.411   -10.881 10.905  1.00 10.70 ? 146  TYR A CB  1 
ATOM   1138 C  CG  . TYR A 1 146 ? 3.201   -10.358 10.158  1.00 12.64 ? 146  TYR A CG  1 
ATOM   1139 C  CD1 . TYR A 1 146 ? 2.565   -9.182  10.545  1.00 12.82 ? 146  TYR A CD1 1 
ATOM   1140 C  CD2 . TYR A 1 146 ? 2.714   -11.030 9.038   1.00 13.44 ? 146  TYR A CD2 1 
ATOM   1141 C  CE1 . TYR A 1 146 ? 1.472   -8.689  9.834   1.00 13.02 ? 146  TYR A CE1 1 
ATOM   1142 C  CE2 . TYR A 1 146 ? 1.623   -10.544 8.320   1.00 12.65 ? 146  TYR A CE2 1 
ATOM   1143 C  CZ  . TYR A 1 146 ? 1.007   -9.375  8.725   1.00 13.70 ? 146  TYR A CZ  1 
ATOM   1144 O  OH  . TYR A 1 146 ? -0.079  -8.902  8.022   1.00 12.67 ? 146  TYR A OH  1 
ATOM   1145 N  N   . LYS A 1 147 ? 6.454   -11.773 13.070  1.00 10.19 ? 147  LYS A N   1 
ATOM   1146 C  CA  . LYS A 1 147 ? 7.259   -12.827 13.682  1.00 11.58 ? 147  LYS A CA  1 
ATOM   1147 C  C   . LYS A 1 147 ? 6.973   -12.869 15.178  1.00 12.17 ? 147  LYS A C   1 
ATOM   1148 O  O   . LYS A 1 147 ? 6.914   -13.939 15.786  1.00 12.62 ? 147  LYS A O   1 
ATOM   1149 C  CB  . LYS A 1 147 ? 8.754   -12.581 13.434  1.00 9.97  ? 147  LYS A CB  1 
ATOM   1150 C  CG  . LYS A 1 147 ? 9.672   -13.632 14.055  1.00 16.93 ? 147  LYS A CG  1 
ATOM   1151 C  CD  . LYS A 1 147 ? 11.088  -13.502 13.519  1.00 19.40 ? 147  LYS A CD  1 
ATOM   1152 C  CE  . LYS A 1 147 ? 12.048  -14.475 14.197  1.00 21.53 ? 147  LYS A CE  1 
ATOM   1153 N  NZ  . LYS A 1 147 ? 12.324  -14.114 15.614  1.00 24.03 ? 147  LYS A NZ  1 
ATOM   1154 N  N   . GLU A 1 148 ? 6.786   -11.693 15.761  1.00 12.27 ? 148  GLU A N   1 
ATOM   1155 C  CA  . GLU A 1 148 ? 6.487   -11.581 17.180  1.00 13.16 ? 148  GLU A CA  1 
ATOM   1156 C  C   . GLU A 1 148 ? 5.235   -12.413 17.474  1.00 13.78 ? 148  GLU A C   1 
ATOM   1157 O  O   . GLU A 1 148 ? 5.213   -13.225 18.401  1.00 12.47 ? 148  GLU A O   1 
ATOM   1158 C  CB  . GLU A 1 148 ? 6.240   -10.109 17.524  1.00 15.94 ? 148  GLU A CB  1 
ATOM   1159 C  CG  . GLU A 1 148 ? 6.019   -9.803  18.984  1.00 20.99 ? 148  GLU A CG  1 
ATOM   1160 C  CD  . GLU A 1 148 ? 5.758   -8.325  19.221  1.00 22.63 ? 148  GLU A CD  1 
ATOM   1161 O  OE1 . GLU A 1 148 ? 6.582   -7.498  18.785  1.00 27.50 ? 148  GLU A OE1 1 
ATOM   1162 O  OE2 . GLU A 1 148 ? 4.728   -7.990  19.842  1.00 27.12 ? 148  GLU A OE2 1 
ATOM   1163 N  N   . LEU A 1 149 ? 4.207   -12.208 16.655  1.00 11.55 ? 149  LEU A N   1 
ATOM   1164 C  CA  . LEU A 1 149 ? 2.930   -12.901 16.797  1.00 11.54 ? 149  LEU A CA  1 
ATOM   1165 C  C   . LEU A 1 149 ? 2.972   -14.341 16.304  1.00 13.37 ? 149  LEU A C   1 
ATOM   1166 O  O   . LEU A 1 149 ? 2.043   -15.112 16.550  1.00 13.91 ? 149  LEU A O   1 
ATOM   1167 C  CB  . LEU A 1 149 ? 1.847   -12.139 16.028  1.00 11.98 ? 149  LEU A CB  1 
ATOM   1168 C  CG  . LEU A 1 149 ? 1.603   -10.693 16.461  1.00 12.76 ? 149  LEU A CG  1 
ATOM   1169 C  CD1 . LEU A 1 149 ? 0.913   -9.925  15.345  1.00 12.94 ? 149  LEU A CD1 1 
ATOM   1170 C  CD2 . LEU A 1 149 ? 0.763   -10.676 17.734  1.00 13.08 ? 149  LEU A CD2 1 
ATOM   1171 N  N   . GLY A 1 150 ? 4.042   -14.696 15.600  1.00 12.48 ? 150  GLY A N   1 
ATOM   1172 C  CA  . GLY A 1 150 ? 4.166   -16.045 15.079  1.00 13.45 ? 150  GLY A CA  1 
ATOM   1173 C  C   . GLY A 1 150 ? 3.171   -16.278 13.960  1.00 14.93 ? 150  GLY A C   1 
ATOM   1174 O  O   . GLY A 1 150 ? 2.754   -17.407 13.703  1.00 13.58 ? 150  GLY A O   1 
ATOM   1175 N  N   . PHE A 1 151 ? 2.781   -15.203 13.289  1.00 15.42 ? 151  PHE A N   1 
ATOM   1176 C  CA  . PHE A 1 151 ? 1.824   -15.323 12.201  1.00 18.12 ? 151  PHE A CA  1 
ATOM   1177 C  C   . PHE A 1 151 ? 2.508   -15.586 10.874  1.00 19.14 ? 151  PHE A C   1 
ATOM   1178 O  O   . PHE A 1 151 ? 3.551   -15.002 10.573  1.00 19.53 ? 151  PHE A O   1 
ATOM   1179 C  CB  . PHE A 1 151 ? 0.978   -14.059 12.077  1.00 17.63 ? 151  PHE A CB  1 
ATOM   1180 C  CG  . PHE A 1 151 ? 0.032   -14.088 10.912  1.00 20.23 ? 151  PHE A CG  1 
ATOM   1181 C  CD1 . PHE A 1 151 ? -1.023  -14.994 10.882  1.00 21.30 ? 151  PHE A CD1 1 
ATOM   1182 C  CD2 . PHE A 1 151 ? 0.213   -13.234 9.830   1.00 22.25 ? 151  PHE A CD2 1 
ATOM   1183 C  CE1 . PHE A 1 151 ? -1.884  -15.051 9.790   1.00 22.04 ? 151  PHE A CE1 1 
ATOM   1184 C  CE2 . PHE A 1 151 ? -0.643  -13.283 8.732   1.00 22.19 ? 151  PHE A CE2 1 
ATOM   1185 C  CZ  . PHE A 1 151 ? -1.693  -14.195 8.713   1.00 21.45 ? 151  PHE A CZ  1 
ATOM   1186 N  N   . GLN A 1 152 ? 1.906   -16.467 10.081  1.00 20.17 ? 152  GLN A N   1 
ATOM   1187 C  CA  . GLN A 1 152 ? 2.434   -16.813 8.767   1.00 22.53 ? 152  GLN A CA  1 
ATOM   1188 C  C   . GLN A 1 152 ? 1.377   -16.573 7.691   1.00 23.47 ? 152  GLN A C   1 
ATOM   1189 O  O   . GLN A 1 152 ? 0.267   -17.101 7.775   1.00 25.15 ? 152  GLN A O   1 
ATOM   1190 C  CB  . GLN A 1 152 ? 2.871   -18.278 8.740   1.00 23.06 ? 152  GLN A CB  1 
ATOM   1191 C  CG  . GLN A 1 152 ? 4.216   -18.545 9.402   1.00 24.70 ? 152  GLN A CG  1 
ATOM   1192 C  CD  . GLN A 1 152 ? 5.340   -17.749 8.767   1.00 26.31 ? 152  GLN A CD  1 
ATOM   1193 O  OE1 . GLN A 1 152 ? 5.346   -17.518 7.556   1.00 27.16 ? 152  GLN A OE1 1 
ATOM   1194 N  NE2 . GLN A 1 152 ? 6.305   -17.335 9.578   1.00 28.31 ? 152  GLN A NE2 1 
HETATM 1195 S  S   . SO4 B 2 .   ? 9.815   5.340   16.708  1.00 32.09 ? 156  SO4 A S   1 
HETATM 1196 O  O1  . SO4 B 2 .   ? 10.268  4.372   17.722  1.00 33.79 ? 156  SO4 A O1  1 
HETATM 1197 O  O2  . SO4 B 2 .   ? 8.687   6.118   17.247  1.00 33.71 ? 156  SO4 A O2  1 
HETATM 1198 O  O3  . SO4 B 2 .   ? 10.924  6.254   16.375  1.00 34.12 ? 156  SO4 A O3  1 
HETATM 1199 O  O4  . SO4 B 2 .   ? 9.386   4.619   15.497  1.00 32.37 ? 156  SO4 A O4  1 
HETATM 1200 S  S   . SO4 C 2 .   ? -20.851 0.405   -3.819  1.00 28.06 ? 157  SO4 A S   1 
HETATM 1201 O  O1  . SO4 C 2 .   ? -21.601 -0.822  -4.148  1.00 30.86 ? 157  SO4 A O1  1 
HETATM 1202 O  O2  . SO4 C 2 .   ? -21.656 1.225   -2.892  1.00 30.66 ? 157  SO4 A O2  1 
HETATM 1203 O  O3  . SO4 C 2 .   ? -19.578 0.043   -3.167  1.00 30.14 ? 157  SO4 A O3  1 
HETATM 1204 O  O4  . SO4 C 2 .   ? -20.584 1.169   -5.051  1.00 28.57 ? 157  SO4 A O4  1 
HETATM 1205 C  CHA . HEM D 3 .   ? -8.220  -2.904  6.726   1.00 8.30  ? 154  HEM A CHA 1 
HETATM 1206 C  CHB . HEM D 3 .   ? -4.361  -0.288  5.708   1.00 7.71  ? 154  HEM A CHB 1 
HETATM 1207 C  CHC . HEM D 3 .   ? -2.487  -3.897  3.233   1.00 8.91  ? 154  HEM A CHC 1 
HETATM 1208 C  CHD . HEM D 3 .   ? -6.456  -6.423  3.986   1.00 8.72  ? 154  HEM A CHD 1 
HETATM 1209 C  C1A . HEM D 3 .   ? -7.339  -1.825  6.722   1.00 9.84  ? 154  HEM A C1A 1 
HETATM 1210 C  C2A . HEM D 3 .   ? -7.435  -0.562  7.434   1.00 11.04 ? 154  HEM A C2A 1 
HETATM 1211 C  C3A . HEM D 3 .   ? -6.367  0.211   7.094   1.00 10.55 ? 154  HEM A C3A 1 
HETATM 1212 C  C4A . HEM D 3 .   ? -5.599  -0.650  6.207   1.00 9.44  ? 154  HEM A C4A 1 
HETATM 1213 C  CMA . HEM D 3 .   ? -5.936  1.564   7.598   1.00 13.16 ? 154  HEM A CMA 1 
HETATM 1214 C  CAA . HEM D 3 .   ? -8.705  -0.419  8.377   1.00 12.34 ? 154  HEM A CAA 1 
HETATM 1215 C  CBA . HEM D 3 .   ? -8.258  -0.549  9.870   1.00 14.06 ? 154  HEM A CBA 1 
HETATM 1216 C  CGA . HEM D 3 .   ? -7.811  -1.827  10.290  1.00 17.45 ? 154  HEM A CGA 1 
HETATM 1217 O  O1A . HEM D 3 .   ? -8.666  -2.793  10.160  1.00 14.43 ? 154  HEM A O1A 1 
HETATM 1218 O  O2A . HEM D 3 .   ? -6.647  -2.055  10.673  1.00 16.62 ? 154  HEM A O2A 1 
HETATM 1219 C  C1B . HEM D 3 .   ? -3.478  -1.031  4.943   1.00 8.75  ? 154  HEM A C1B 1 
HETATM 1220 C  C2B . HEM D 3 .   ? -2.192  -0.525  4.497   1.00 9.21  ? 154  HEM A C2B 1 
HETATM 1221 C  C3B . HEM D 3 .   ? -1.664  -1.550  3.764   1.00 9.69  ? 154  HEM A C3B 1 
HETATM 1222 C  C4B . HEM D 3 .   ? -2.615  -2.654  3.854   1.00 10.09 ? 154  HEM A C4B 1 
HETATM 1223 C  CMB . HEM D 3 .   ? -1.641  0.860   4.802   1.00 9.13  ? 154  HEM A CMB 1 
HETATM 1224 C  CAB . HEM D 3 .   ? -0.365  -1.603  2.998   1.00 8.48  ? 154  HEM A CAB 1 
HETATM 1225 C  CBB . HEM D 3 .   ? -0.016  -0.512  1.952   1.00 13.09 ? 154  HEM A CBB 1 
HETATM 1226 C  C1C . HEM D 3 .   ? -3.371  -4.949  3.167   1.00 9.02  ? 154  HEM A C1C 1 
HETATM 1227 C  C2C . HEM D 3 .   ? -3.284  -6.136  2.331   1.00 9.91  ? 154  HEM A C2C 1 
HETATM 1228 C  C3C . HEM D 3 .   ? -4.408  -6.847  2.534   1.00 10.46 ? 154  HEM A C3C 1 
HETATM 1229 C  C4C . HEM D 3 .   ? -5.206  -6.103  3.486   1.00 10.27 ? 154  HEM A C4C 1 
HETATM 1230 C  CMC . HEM D 3 .   ? -2.129  -6.412  1.386   1.00 10.23 ? 154  HEM A CMC 1 
HETATM 1231 C  CAC . HEM D 3 .   ? -4.671  -8.187  1.832   1.00 11.18 ? 154  HEM A CAC 1 
HETATM 1232 C  CBC . HEM D 3 .   ? -5.762  -8.592  1.220   1.00 13.70 ? 154  HEM A CBC 1 
HETATM 1233 C  C1D . HEM D 3 .   ? -7.332  -5.743  4.828   1.00 10.78 ? 154  HEM A C1D 1 
HETATM 1234 C  C2D . HEM D 3 .   ? -8.640  -6.217  5.271   1.00 9.62  ? 154  HEM A C2D 1 
HETATM 1235 C  C3D . HEM D 3 .   ? -9.158  -5.196  5.992   1.00 10.20 ? 154  HEM A C3D 1 
HETATM 1236 C  C4D . HEM D 3 .   ? -8.137  -4.128  6.036   1.00 9.04  ? 154  HEM A C4D 1 
HETATM 1237 C  CMD . HEM D 3 .   ? -9.261  -7.543  4.950   1.00 10.04 ? 154  HEM A CMD 1 
HETATM 1238 C  CAD . HEM D 3 .   ? -10.519 -5.092  6.644   1.00 12.61 ? 154  HEM A CAD 1 
HETATM 1239 C  CBD . HEM D 3 .   ? -11.581 -4.349  5.727   1.00 16.42 ? 154  HEM A CBD 1 
HETATM 1240 C  CGD . HEM D 3 .   ? -12.908 -4.232  6.197   1.00 17.93 ? 154  HEM A CGD 1 
HETATM 1241 O  O1D . HEM D 3 .   ? -13.400 -3.081  6.401   1.00 20.08 ? 154  HEM A O1D 1 
HETATM 1242 O  O2D . HEM D 3 .   ? -13.669 -5.225  6.349   1.00 22.25 ? 154  HEM A O2D 1 
HETATM 1243 N  NA  . HEM D 3 .   ? -6.175  -1.875  5.987   1.00 9.27  ? 154  HEM A NA  1 
HETATM 1244 N  NB  . HEM D 3 .   ? -3.774  -2.322  4.556   1.00 10.48 ? 154  HEM A NB  1 
HETATM 1245 N  NC  . HEM D 3 .   ? -4.627  -4.894  3.824   1.00 9.36  ? 154  HEM A NC  1 
HETATM 1246 N  ND  . HEM D 3 .   ? -7.045  -4.467  5.292   1.00 9.02  ? 154  HEM A ND  1 
HETATM 1247 FE FE  . HEM D 3 .   ? -5.419  -3.391  4.919   1.00 10.68 ? 154  HEM A FE  1 
HETATM 1248 C  C1  . NOE E 4 .   ? -5.318  -2.892  1.788   0.60 17.93 ? 155  NOE A C1  1 
HETATM 1249 C  C2  . NOE E 4 .   ? -5.647  -3.783  0.618   0.60 16.58 ? 155  NOE A C2  1 
HETATM 1250 N  N   . NOE E 4 .   ? -6.183  -3.203  2.926   0.60 13.75 ? 155  NOE A N   1 
HETATM 1251 O  O1  . NOE E 4 .   ? -7.413  -3.441  2.727   0.60 21.15 ? 155  NOE A O1  1 
HETATM 1252 O  O   . HOH F 5 .   ? -6.592  -2.697  3.070   0.40 13.60 ? 1000 HOH A O   1 
HETATM 1253 O  O   . HOH F 5 .   ? -2.892  -15.072 -7.863  1.00 13.85 ? 1001 HOH A O   1 
HETATM 1254 O  O   . HOH F 5 .   ? 16.986  5.019   -3.196  1.00 14.50 ? 1002 HOH A O   1 
HETATM 1255 O  O   . HOH F 5 .   ? 7.868   5.663   7.530   1.00 13.41 ? 1003 HOH A O   1 
HETATM 1256 O  O   . HOH F 5 .   ? -6.669  6.053   7.075   1.00 13.80 ? 1004 HOH A O   1 
HETATM 1257 O  O   . HOH F 5 .   ? -2.473  8.695   8.512   1.00 16.02 ? 1005 HOH A O   1 
HETATM 1258 O  O   . HOH F 5 .   ? 8.744   -3.313  13.762  1.00 16.04 ? 1006 HOH A O   1 
HETATM 1259 O  O   . HOH F 5 .   ? 15.759  -1.502  -2.469  1.00 19.76 ? 1007 HOH A O   1 
HETATM 1260 O  O   . HOH F 5 .   ? -2.320  2.953   12.535  1.00 15.26 ? 1008 HOH A O   1 
HETATM 1261 O  O   . HOH F 5 .   ? 0.350   2.425   18.807  1.00 14.10 ? 1009 HOH A O   1 
HETATM 1262 O  O   . HOH F 5 .   ? 11.187  -1.280  -7.399  1.00 15.86 ? 1010 HOH A O   1 
HETATM 1263 O  O   . HOH F 5 .   ? 16.848  6.968   -4.795  1.00 21.57 ? 1011 HOH A O   1 
HETATM 1264 O  O   . HOH F 5 .   ? 2.593   0.602   -14.745 1.00 16.87 ? 1012 HOH A O   1 
HETATM 1265 O  O   . HOH F 5 .   ? 20.849  12.439  1.821   1.00 25.69 ? 1013 HOH A O   1 
HETATM 1266 O  O   . HOH F 5 .   ? -13.825 1.569   -7.133  1.00 20.81 ? 1014 HOH A O   1 
HETATM 1267 O  O   . HOH F 5 .   ? 9.624   16.051  -0.317  1.00 15.29 ? 1015 HOH A O   1 
HETATM 1268 O  O   . HOH F 5 .   ? 3.951   14.197  0.842   1.00 20.27 ? 1016 HOH A O   1 
HETATM 1269 O  O   . HOH F 5 .   ? 15.249  14.036  6.237   1.00 19.53 ? 1017 HOH A O   1 
HETATM 1270 O  O   . HOH F 5 .   ? 8.771   -2.554  -2.077  1.00 21.21 ? 1018 HOH A O   1 
HETATM 1271 O  O   . HOH F 5 .   ? -9.836  -11.409 6.234   1.00 26.10 ? 1019 HOH A O   1 
HETATM 1272 O  O   . HOH F 5 .   ? 15.087  5.599   7.642   1.00 24.05 ? 1020 HOH A O   1 
HETATM 1273 O  O   . HOH F 5 .   ? 10.601  -4.588  -2.995  1.00 17.81 ? 1023 HOH A O   1 
HETATM 1274 O  O   . HOH F 5 .   ? 15.544  0.830   -3.921  1.00 19.68 ? 1024 HOH A O   1 
HETATM 1275 O  O   . HOH F 5 .   ? 3.530   -7.709  17.073  1.00 17.46 ? 1026 HOH A O   1 
HETATM 1276 O  O   . HOH F 5 .   ? -0.636  -14.540 -6.403  1.00 32.74 ? 1028 HOH A O   1 
HETATM 1277 O  O   . HOH F 5 .   ? 2.245   -5.440  -9.755  1.00 24.83 ? 1030 HOH A O   1 
HETATM 1278 O  O   . HOH F 5 .   ? 6.021   5.965   16.937  1.00 25.16 ? 1031 HOH A O   1 
HETATM 1279 O  O   . HOH F 5 .   ? 6.844   0.765   -16.260 1.00 20.68 ? 1032 HOH A O   1 
HETATM 1280 O  O   . HOH F 5 .   ? 11.793  5.038   -13.395 1.00 20.94 ? 1033 HOH A O   1 
HETATM 1281 O  O   . HOH F 5 .   ? 7.622   -12.199 9.610   1.00 16.67 ? 1034 HOH A O   1 
HETATM 1282 O  O   . HOH F 5 .   ? -1.200  9.869   -16.996 1.00 34.02 ? 1035 HOH A O   1 
HETATM 1283 O  O   . HOH F 5 .   ? -1.927  13.057  -9.157  1.00 19.87 ? 1037 HOH A O   1 
HETATM 1284 O  O   . HOH F 5 .   ? -19.284 3.097   0.944   1.00 21.70 ? 1038 HOH A O   1 
HETATM 1285 O  O   . HOH F 5 .   ? 3.740   -14.674 3.292   1.00 27.46 ? 1039 HOH A O   1 
HETATM 1286 O  O   . HOH F 5 .   ? -0.913  16.991  -3.443  1.00 24.22 ? 1040 HOH A O   1 
HETATM 1287 O  O   . HOH F 5 .   ? -18.024 -3.019  -0.158  1.00 39.46 ? 1041 HOH A O   1 
HETATM 1288 O  O   . HOH F 5 .   ? 2.780   11.492  -17.142 1.00 21.66 ? 1043 HOH A O   1 
HETATM 1289 O  O   . HOH F 5 .   ? 9.017   -12.597 -3.709  1.00 20.37 ? 1044 HOH A O   1 
HETATM 1290 O  O   . HOH F 5 .   ? 20.617  10.970  5.534   1.00 27.93 ? 1046 HOH A O   1 
HETATM 1291 O  O   . HOH F 5 .   ? 11.429  -3.684  13.120  1.00 24.53 ? 1047 HOH A O   1 
HETATM 1292 O  O   . HOH F 5 .   ? -8.722  14.710  -4.447  1.00 36.93 ? 1048 HOH A O   1 
HETATM 1293 O  O   . HOH F 5 .   ? 0.995   -1.138  21.798  1.00 30.98 ? 1049 HOH A O   1 
HETATM 1294 O  O   . HOH F 5 .   ? 16.790  9.021   -11.787 1.00 25.06 ? 1050 HOH A O   1 
HETATM 1295 O  O   . HOH F 5 .   ? 15.353  -1.393  1.588   1.00 23.08 ? 1051 HOH A O   1 
HETATM 1296 O  O   . HOH F 5 .   ? 1.434   -19.649 12.709  1.00 21.66 ? 1053 HOH A O   1 
HETATM 1297 O  O   . HOH F 5 .   ? -16.358 6.519   -3.562  1.00 42.48 ? 1054 HOH A O   1 
HETATM 1298 O  O   . HOH F 5 .   ? -3.338  1.138   -12.668 1.00 25.67 ? 1055 HOH A O   1 
HETATM 1299 O  O   . HOH F 5 .   ? 7.493   6.644   -15.244 1.00 30.16 ? 1056 HOH A O   1 
HETATM 1300 O  O   . HOH F 5 .   ? -2.222  -9.203  17.953  1.00 31.32 ? 1057 HOH A O   1 
HETATM 1301 O  O   . HOH F 5 .   ? 5.669   -2.842  21.744  1.00 33.33 ? 1058 HOH A O   1 
HETATM 1302 O  O   . HOH F 5 .   ? 4.688   16.705  -5.183  1.00 27.99 ? 1059 HOH A O   1 
HETATM 1303 O  O   . HOH F 5 .   ? 5.305   -4.875  19.263  1.00 25.29 ? 1061 HOH A O   1 
HETATM 1304 O  O   . HOH F 5 .   ? 14.042  9.868   9.546   1.00 26.74 ? 1062 HOH A O   1 
HETATM 1305 O  O   . HOH F 5 .   ? -2.263  -0.460  -15.691 1.00 28.22 ? 1063 HOH A O   1 
HETATM 1306 O  O   . HOH F 5 .   ? 1.062   -6.305  -7.267  1.00 27.20 ? 1065 HOH A O   1 
HETATM 1307 O  O   . HOH F 5 .   ? -4.734  8.823   -14.242 1.00 26.77 ? 1066 HOH A O   1 
HETATM 1308 O  O   . HOH F 5 .   ? 12.017  2.461   10.925  1.00 25.56 ? 1067 HOH A O   1 
HETATM 1309 O  O   . HOH F 5 .   ? -19.960 4.049   -9.329  1.00 31.47 ? 1068 HOH A O   1 
HETATM 1310 O  O   . HOH F 5 .   ? -11.221 -8.913  8.782   1.00 26.23 ? 1069 HOH A O   1 
HETATM 1311 O  O   . HOH F 5 .   ? 11.595  -7.998  9.795   1.00 28.42 ? 1070 HOH A O   1 
HETATM 1312 O  O   . HOH F 5 .   ? 11.155  11.928  -14.860 1.00 21.70 ? 1071 HOH A O   1 
HETATM 1313 O  O   . HOH F 5 .   ? -1.779  11.135  2.555   1.00 26.28 ? 1072 HOH A O   1 
HETATM 1314 O  O   . HOH F 5 .   ? -20.738 -4.174  -14.329 1.00 28.52 ? 1073 HOH A O   1 
HETATM 1315 O  O   . HOH F 5 .   ? 20.757  9.932   -0.748  1.00 29.33 ? 1074 HOH A O   1 
HETATM 1316 O  O   . HOH F 5 .   ? 17.156  10.157  7.036   1.00 26.92 ? 1076 HOH A O   1 
HETATM 1317 O  O   . HOH F 5 .   ? -19.798 -2.630  -5.126  1.00 35.12 ? 1077 HOH A O   1 
HETATM 1318 O  O   . HOH F 5 .   ? 21.060  5.997   4.743   1.00 26.06 ? 1079 HOH A O   1 
HETATM 1319 O  O   . HOH F 5 .   ? -13.025 8.438   -0.017  1.00 36.13 ? 1081 HOH A O   1 
HETATM 1320 O  O   . HOH F 5 .   ? -21.444 -9.084  1.047   1.00 40.17 ? 1082 HOH A O   1 
HETATM 1321 O  O   . HOH F 5 .   ? 0.372   -8.471  -10.828 1.00 29.50 ? 1083 HOH A O   1 
HETATM 1322 O  O   . HOH F 5 .   ? 3.865   13.222  11.065  1.00 32.81 ? 1086 HOH A O   1 
HETATM 1323 O  O   . HOH F 5 .   ? 16.376  9.884   -3.637  1.00 26.35 ? 1088 HOH A O   1 
HETATM 1324 O  O   . HOH F 5 .   ? -9.118  -16.081 5.908   1.00 33.40 ? 1090 HOH A O   1 
HETATM 1325 O  O   . HOH F 5 .   ? -1.996  -3.408  18.153  1.00 35.06 ? 1091 HOH A O   1 
HETATM 1326 O  O   . HOH F 5 .   ? -19.249 -6.389  -15.172 1.00 23.88 ? 1092 HOH A O   1 
HETATM 1327 O  O   . HOH F 5 .   ? 16.398  13.559  10.206  1.00 28.03 ? 1093 HOH A O   1 
HETATM 1328 O  O   . HOH F 5 .   ? -20.663 3.167   -1.351  1.00 26.71 ? 1094 HOH A O   1 
HETATM 1329 O  O   . HOH F 5 .   ? -22.775 3.444   -5.579  1.00 31.53 ? 1095 HOH A O   1 
HETATM 1330 O  O   . HOH F 5 .   ? -7.445  -16.151 0.096   1.00 33.32 ? 1096 HOH A O   1 
HETATM 1331 O  O   . HOH F 5 .   ? 5.688   12.242  16.703  1.00 37.88 ? 1097 HOH A O   1 
HETATM 1332 O  O   . HOH F 5 .   ? -9.540  -10.929 -9.447  1.00 26.99 ? 1098 HOH A O   1 
HETATM 1333 O  O   . HOH F 5 .   ? -19.880 -2.606  -1.920  1.00 30.10 ? 1099 HOH A O   1 
HETATM 1334 O  O   . HOH F 5 .   ? 14.103  14.799  10.187  1.00 23.50 ? 1100 HOH A O   1 
HETATM 1335 O  O   . HOH F 5 .   ? 3.710   -14.026 -7.224  1.00 25.52 ? 1102 HOH A O   1 
HETATM 1336 O  O   . HOH F 5 .   ? 15.718  14.265  -2.835  1.00 27.03 ? 1103 HOH A O   1 
HETATM 1337 O  O   . HOH F 5 .   ? 17.903  -0.721  1.407   1.00 37.77 ? 1104 HOH A O   1 
HETATM 1338 O  O   . HOH F 5 .   ? -19.404 -8.858  -0.503  1.00 26.37 ? 1105 HOH A O   1 
HETATM 1339 O  O   . HOH F 5 .   ? 6.174   -14.301 10.357  1.00 25.80 ? 1106 HOH A O   1 
HETATM 1340 O  O   . HOH F 5 .   ? -5.514  11.190  -10.711 1.00 32.13 ? 1107 HOH A O   1 
HETATM 1341 O  O   . HOH F 5 .   ? 4.151   -8.984  -6.108  1.00 26.96 ? 1108 HOH A O   1 
HETATM 1342 O  O   . HOH F 5 .   ? 3.449   -16.748 4.975   1.00 36.99 ? 1110 HOH A O   1 
HETATM 1343 O  O   . HOH F 5 .   ? -14.535 -18.978 -1.291  1.00 42.95 ? 1111 HOH A O   1 
HETATM 1344 O  O   . HOH F 5 .   ? -14.573 -14.505 -7.265  1.00 23.51 ? 1112 HOH A O   1 
HETATM 1345 O  O   . HOH F 5 .   ? -5.772  -5.649  16.967  1.00 34.82 ? 1113 HOH A O   1 
HETATM 1346 O  O   . HOH F 5 .   ? -13.075 -9.234  5.636   1.00 28.68 ? 1114 HOH A O   1 
HETATM 1347 O  O   . HOH F 5 .   ? -7.418  14.219  -0.074  1.00 33.61 ? 1115 HOH A O   1 
HETATM 1348 O  O   . HOH F 5 .   ? 10.499  8.849   17.223  1.00 34.91 ? 1119 HOH A O   1 
HETATM 1349 O  O   . HOH F 5 .   ? 10.843  1.920   18.413  1.00 33.39 ? 1120 HOH A O   1 
HETATM 1350 O  O   . HOH F 5 .   ? 12.812  12.923  11.457  1.00 30.94 ? 1121 HOH A O   1 
HETATM 1351 O  O   . HOH F 5 .   ? 4.700   0.354   20.378  1.00 20.94 ? 1122 HOH A O   1 
HETATM 1352 O  O   . HOH F 5 .   ? -20.418 3.450   -11.982 1.00 39.91 ? 1123 HOH A O   1 
HETATM 1353 O  O   . HOH F 5 .   ? -13.196 -6.466  9.020   1.00 38.11 ? 1124 HOH A O   1 
HETATM 1354 O  O   . HOH F 5 .   ? -14.910 -14.441 1.509   1.00 35.14 ? 1125 HOH A O   1 
HETATM 1355 O  O   . HOH F 5 .   ? 1.810   8.433   17.548  1.00 36.07 ? 1127 HOH A O   1 
HETATM 1356 O  O   . HOH F 5 .   ? 1.442   1.160   -17.121 1.00 24.35 ? 1128 HOH A O   1 
HETATM 1357 O  O   . HOH F 5 .   ? 18.937  10.492  -10.431 1.00 33.29 ? 1129 HOH A O   1 
HETATM 1358 O  O   . HOH F 5 .   ? 16.467  1.193   10.092  1.00 34.67 ? 1130 HOH A O   1 
HETATM 1359 O  O   . HOH F 5 .   ? 9.117   11.584  12.353  1.00 27.87 ? 1131 HOH A O   1 
HETATM 1360 O  O   . HOH F 5 .   ? 21.792  13.906  4.112   1.00 32.43 ? 1132 HOH A O   1 
HETATM 1361 O  O   . HOH F 5 .   ? -7.683  -13.401 16.673  1.00 29.50 ? 1133 HOH A O   1 
HETATM 1362 O  O   . HOH F 5 .   ? 20.338  5.226   2.292   1.00 34.50 ? 1135 HOH A O   1 
HETATM 1363 O  O   . HOH F 5 .   ? 6.579   6.688   19.519  1.00 37.12 ? 1137 HOH A O   1 
HETATM 1364 O  O   . HOH F 5 .   ? 14.171  3.770   9.654   1.00 30.04 ? 1138 HOH A O   1 
HETATM 1365 O  O   . HOH F 5 .   ? -6.921  13.663  -2.927  1.00 24.49 ? 1139 HOH A O   1 
HETATM 1366 O  O   . HOH F 5 .   ? 13.166  -9.158  8.142   1.00 32.12 ? 1140 HOH A O   1 
HETATM 1367 O  O   . HOH F 5 .   ? 2.177   -7.986  -8.857  1.00 40.06 ? 1141 HOH A O   1 
HETATM 1368 O  O   . HOH F 5 .   ? -18.715 -11.897 6.885   1.00 36.84 ? 1142 HOH A O   1 
HETATM 1369 O  O   . HOH F 5 .   ? -22.845 -5.537  -15.978 1.00 35.12 ? 1143 HOH A O   1 
HETATM 1370 O  O   . HOH F 5 .   ? 13.345  11.714  -11.069 1.00 38.25 ? 1145 HOH A O   1 
HETATM 1371 O  O   . HOH F 5 .   ? 14.955  -3.869  11.289  1.00 34.18 ? 1146 HOH A O   1 
HETATM 1372 O  O   . HOH F 5 .   ? -12.560 -10.483 -12.027 1.00 36.90 ? 1147 HOH A O   1 
HETATM 1373 O  O   . HOH F 5 .   ? 4.329   -4.137  -12.412 1.00 37.39 ? 1148 HOH A O   1 
HETATM 1374 O  O   . HOH F 5 .   ? 4.825   16.677  -2.010  1.00 32.54 ? 1149 HOH A O   1 
HETATM 1375 O  O   . HOH F 5 .   ? -10.065 2.505   -15.835 1.00 37.38 ? 1150 HOH A O   1 
HETATM 1376 O  O   . HOH F 5 .   ? 10.399  0.688   13.344  1.00 15.55 ? 1151 HOH A O   1 
HETATM 1377 O  O   . HOH F 5 .   ? 2.270   11.459  9.948   1.00 18.84 ? 1152 HOH A O   1 
HETATM 1378 O  O   . HOH F 5 .   ? -11.084 -13.987 -5.613  1.00 17.44 ? 1153 HOH A O   1 
HETATM 1379 O  O   . HOH F 5 .   ? -4.349  -3.277  16.088  1.00 17.81 ? 1154 HOH A O   1 
HETATM 1380 O  O   . HOH F 5 .   ? 13.365  2.844   -12.582 1.00 22.36 ? 1155 HOH A O   1 
HETATM 1381 O  O   . HOH F 5 .   ? 13.804  6.697   11.036  1.00 21.43 ? 1156 HOH A O   1 
HETATM 1382 O  O   . HOH F 5 .   ? 9.066   -2.718  -7.603  1.00 21.58 ? 1157 HOH A O   1 
HETATM 1383 O  O   . HOH F 5 .   ? -2.798  10.498  -13.663 1.00 17.14 ? 1158 HOH A O   1 
HETATM 1384 O  O   . HOH F 5 .   ? 5.477   -3.078  -9.964  1.00 19.13 ? 1159 HOH A O   1 
HETATM 1385 O  O   . HOH F 5 .   ? -12.370 -0.867  7.495   1.00 19.10 ? 1160 HOH A O   1 
HETATM 1386 O  O   . HOH F 5 .   ? -5.513  -0.691  -11.447 1.00 24.03 ? 1161 HOH A O   1 
HETATM 1387 O  O   . HOH F 5 .   ? 20.306  7.483   -2.619  1.00 22.68 ? 1162 HOH A O   1 
HETATM 1388 O  O   . HOH F 5 .   ? -5.328  -3.233  -12.572 1.00 20.78 ? 1163 HOH A O   1 
HETATM 1389 O  O   . HOH F 5 .   ? -9.237  -3.706  12.885  1.00 25.79 ? 1164 HOH A O   1 
HETATM 1390 O  O   . HOH F 5 .   ? -6.564  11.531  3.215   1.00 20.76 ? 1165 HOH A O   1 
HETATM 1391 O  O   . HOH F 5 .   ? -11.546 -12.461 -7.988  1.00 20.82 ? 1166 HOH A O   1 
HETATM 1392 O  O   . HOH F 5 .   ? 8.941   17.930  -2.063  1.00 24.26 ? 1167 HOH A O   1 
HETATM 1393 O  O   . HOH F 5 .   ? -11.786 8.132   -9.070  1.00 21.43 ? 1168 HOH A O   1 
HETATM 1394 O  O   . HOH F 5 .   ? 9.356   -4.444  16.347  1.00 22.40 ? 1169 HOH A O   1 
HETATM 1395 O  O   . HOH F 5 .   ? 18.662  11.198  -2.824  1.00 24.82 ? 1170 HOH A O   1 
HETATM 1396 O  O   . HOH F 5 .   ? -8.402  12.515  1.884   1.00 30.19 ? 1171 HOH A O   1 
HETATM 1397 O  O   . HOH F 5 .   ? -9.332  -11.352 15.631  1.00 24.26 ? 1172 HOH A O   1 
HETATM 1398 O  O   . HOH F 5 .   ? 1.266   -18.154 4.663   1.00 31.71 ? 1173 HOH A O   1 
HETATM 1399 O  O   . HOH F 5 .   ? 8.505   3.018   5.728   1.00 21.89 ? 1174 HOH A O   1 
HETATM 1400 O  O   . HOH F 5 .   ? -7.867  8.828   -11.634 1.00 29.78 ? 1175 HOH A O   1 
HETATM 1401 O  O   . HOH F 5 .   ? 7.993   -0.507  13.909  1.00 29.34 ? 1176 HOH A O   1 
HETATM 1402 O  O   . HOH F 5 .   ? -13.903 -6.864  4.221   1.00 24.15 ? 1177 HOH A O   1 
HETATM 1403 O  O   . HOH F 5 .   ? 15.801  0.534   5.295   1.00 24.60 ? 1178 HOH A O   1 
HETATM 1404 O  O   . HOH F 5 .   ? -8.655  5.979   -10.871 1.00 30.95 ? 1179 HOH A O   1 
HETATM 1405 O  O   . HOH F 5 .   ? 8.258   11.308  -9.198  1.00 30.13 ? 1180 HOH A O   1 
HETATM 1406 O  O   . HOH F 5 .   ? 3.731   13.451  18.577  1.00 41.02 ? 1181 HOH A O   1 
HETATM 1407 O  O   . HOH F 5 .   ? 13.537  4.902   13.013  1.00 28.94 ? 1182 HOH A O   1 
HETATM 1408 O  O   . HOH F 5 .   ? 9.040   14.768  -15.651 1.00 29.30 ? 1183 HOH A O   1 
HETATM 1409 O  O   . HOH F 5 .   ? 18.997  13.256  9.321   1.00 35.41 ? 1184 HOH A O   1 
HETATM 1410 O  O   . HOH F 5 .   ? 11.078  12.006  -6.425  1.00 34.22 ? 1185 HOH A O   1 
HETATM 1411 O  O   . HOH F 5 .   ? 16.510  7.778   11.084  1.00 34.38 ? 1186 HOH A O   1 
HETATM 1412 O  O   . HOH F 5 .   ? -3.483  17.462  -2.160  1.00 28.51 ? 1187 HOH A O   1 
HETATM 1413 O  O   . HOH F 5 .   ? 9.625   14.132  13.791  1.00 34.48 ? 1188 HOH A O   1 
HETATM 1414 O  O   . HOH F 5 .   ? -14.039 -11.903 -8.690  1.00 31.18 ? 1189 HOH A O   1 
HETATM 1415 O  O   . HOH F 5 .   ? 2.719   16.778  -0.311  1.00 39.94 ? 1190 HOH A O   1 
HETATM 1416 O  O   . HOH F 5 .   ? 13.255  13.067  -16.606 1.00 37.37 ? 1192 HOH A O   1 
HETATM 1417 O  O   . HOH F 5 .   ? 13.416  -0.774  11.040  1.00 33.31 ? 1193 HOH A O   1 
HETATM 1418 O  O   . HOH F 5 .   ? -20.443 -10.688 -12.937 1.00 36.97 ? 1196 HOH A O   1 
HETATM 1419 O  O   . HOH F 5 .   ? 2.550   -10.295 -10.532 1.00 37.38 ? 1197 HOH A O   1 
HETATM 1420 O  O   . HOH F 5 .   ? -3.586  -7.228  -13.254 1.00 37.40 ? 1200 HOH A O   1 
# 
loop_
_pdbx_poly_seq_scheme.asym_id 
_pdbx_poly_seq_scheme.entity_id 
_pdbx_poly_seq_scheme.seq_id 
_pdbx_poly_seq_scheme.mon_id 
_pdbx_poly_seq_scheme.ndb_seq_num 
_pdbx_poly_seq_scheme.pdb_seq_num 
_pdbx_poly_seq_scheme.auth_seq_num 
_pdbx_poly_seq_scheme.pdb_mon_id 
_pdbx_poly_seq_scheme.auth_mon_id 
_pdbx_poly_seq_scheme.pdb_strand_id 
_pdbx_poly_seq_scheme.pdb_ins_code 
_pdbx_poly_seq_scheme.hetero 
A 1 1   GLY 1   1   1   GLY GLY A . n 
A 1 2   LEU 2   2   2   LEU LEU A . n 
A 1 3   SER 3   3   3   SER SER A . n 
A 1 4   ASP 4   4   4   ASP ASP A . n 
A 1 5   GLY 5   5   5   GLY GLY A . n 
A 1 6   GLU 6   6   6   GLU GLU A . n 
A 1 7   TRP 7   7   7   TRP TRP A . n 
A 1 8   GLN 8   8   8   GLN GLN A . n 
A 1 9   GLN 9   9   9   GLN GLN A . n 
A 1 10  VAL 10  10  10  VAL VAL A . n 
A 1 11  LEU 11  11  11  LEU LEU A . n 
A 1 12  ASN 12  12  12  ASN ASN A . n 
A 1 13  VAL 13  13  13  VAL VAL A . n 
A 1 14  TRP 14  14  14  TRP TRP A . n 
A 1 15  GLY 15  15  15  GLY GLY A . n 
A 1 16  LYS 16  16  16  LYS LYS A . n 
A 1 17  VAL 17  17  17  VAL VAL A . n 
A 1 18  GLU 18  18  18  GLU GLU A . n 
A 1 19  ALA 19  19  19  ALA ALA A . n 
A 1 20  ASP 20  20  20  ASP ASP A . n 
A 1 21  ILE 21  21  21  ILE ILE A . n 
A 1 22  ALA 22  22  22  ALA ALA A . n 
A 1 23  GLY 23  23  23  GLY GLY A . n 
A 1 24  HIS 24  24  24  HIS HIS A . n 
A 1 25  GLY 25  25  25  GLY GLY A . n 
A 1 26  GLN 26  26  26  GLN GLN A . n 
A 1 27  GLU 27  27  27  GLU GLU A . n 
A 1 28  VAL 28  28  28  VAL VAL A . n 
A 1 29  LEU 29  29  29  LEU LEU A . n 
A 1 30  ILE 30  30  30  ILE ILE A . n 
A 1 31  ARG 31  31  31  ARG ARG A . n 
A 1 32  LEU 32  32  32  LEU LEU A . n 
A 1 33  PHE 33  33  33  PHE PHE A . n 
A 1 34  THR 34  34  34  THR THR A . n 
A 1 35  GLY 35  35  35  GLY GLY A . n 
A 1 36  HIS 36  36  36  HIS HIS A . n 
A 1 37  PRO 37  37  37  PRO PRO A . n 
A 1 38  GLU 38  38  38  GLU GLU A . n 
A 1 39  THR 39  39  39  THR THR A . n 
A 1 40  LEU 40  40  40  LEU LEU A . n 
A 1 41  GLU 41  41  41  GLU GLU A . n 
A 1 42  LYS 42  42  42  LYS LYS A . n 
A 1 43  PHE 43  43  43  PHE PHE A . n 
A 1 44  ASP 44  44  44  ASP ASP A . n 
A 1 45  LYS 45  45  45  LYS LYS A . n 
A 1 46  PHE 46  46  46  PHE PHE A . n 
A 1 47  LYS 47  47  47  LYS LYS A . n 
A 1 48  HIS 48  48  48  HIS HIS A . n 
A 1 49  LEU 49  49  49  LEU LEU A . n 
A 1 50  LYS 50  50  50  LYS LYS A . n 
A 1 51  THR 51  51  51  THR THR A . n 
A 1 52  GLU 52  52  52  GLU GLU A . n 
A 1 53  ALA 53  53  53  ALA ALA A . n 
A 1 54  GLU 54  54  54  GLU GLU A . n 
A 1 55  MET 55  55  55  MET MET A . n 
A 1 56  LYS 56  56  56  LYS LYS A . n 
A 1 57  ALA 57  57  57  ALA ALA A . n 
A 1 58  SER 58  58  58  SER SER A . n 
A 1 59  GLU 59  59  59  GLU GLU A . n 
A 1 60  ASP 60  60  60  ASP ASP A . n 
A 1 61  LEU 61  61  61  LEU LEU A . n 
A 1 62  LYS 62  62  62  LYS LYS A . n 
A 1 63  LYS 63  63  63  LYS LYS A . n 
A 1 64  HIS 64  64  64  HIS HIS A . n 
A 1 65  GLY 65  65  65  GLY GLY A . n 
A 1 66  THR 66  66  66  THR THR A . n 
A 1 67  VAL 67  67  67  VAL VAL A . n 
A 1 68  VAL 68  68  68  VAL VAL A . n 
A 1 69  LEU 69  69  69  LEU LEU A . n 
A 1 70  THR 70  70  70  THR THR A . n 
A 1 71  ALA 71  71  71  ALA ALA A . n 
A 1 72  LEU 72  72  72  LEU LEU A . n 
A 1 73  GLY 73  73  73  GLY GLY A . n 
A 1 74  GLY 74  74  74  GLY GLY A . n 
A 1 75  ILE 75  75  75  ILE ILE A . n 
A 1 76  LEU 76  76  76  LEU LEU A . n 
A 1 77  LYS 77  77  77  LYS LYS A . n 
A 1 78  LYS 78  78  78  LYS LYS A . n 
A 1 79  LYS 79  79  79  LYS LYS A . n 
A 1 80  GLY 80  80  80  GLY GLY A . n 
A 1 81  HIS 81  81  81  HIS HIS A . n 
A 1 82  HIS 82  82  82  HIS HIS A . n 
A 1 83  GLU 83  83  83  GLU GLU A . n 
A 1 84  ALA 84  84  84  ALA ALA A . n 
A 1 85  GLU 85  85  85  GLU GLU A . n 
A 1 86  LEU 86  86  86  LEU LEU A . n 
A 1 87  LYS 87  87  87  LYS LYS A . n 
A 1 88  PRO 88  88  88  PRO PRO A . n 
A 1 89  LEU 89  89  89  LEU LEU A . n 
A 1 90  ALA 90  90  90  ALA ALA A . n 
A 1 91  GLN 91  91  91  GLN GLN A . n 
A 1 92  SER 92  92  92  SER SER A . n 
A 1 93  HIS 93  93  93  HIS HIS A . n 
A 1 94  ALA 94  94  94  ALA ALA A . n 
A 1 95  THR 95  95  95  THR THR A . n 
A 1 96  LYS 96  96  96  LYS LYS A . n 
A 1 97  HIS 97  97  97  HIS HIS A . n 
A 1 98  LYS 98  98  98  LYS LYS A . n 
A 1 99  ILE 99  99  99  ILE ILE A . n 
A 1 100 PRO 100 100 100 PRO PRO A . n 
A 1 101 ILE 101 101 101 ILE ILE A . n 
A 1 102 LYS 102 102 102 LYS LYS A . n 
A 1 103 TYR 103 103 103 TYR TYR A . n 
A 1 104 LEU 104 104 104 LEU LEU A . n 
A 1 105 GLU 105 105 105 GLU GLU A . n 
A 1 106 PHE 106 106 106 PHE PHE A . n 
A 1 107 ILE 107 107 107 ILE ILE A . n 
A 1 108 SER 108 108 108 SER SER A . n 
A 1 109 ASP 109 109 109 ASP ASP A . n 
A 1 110 ALA 110 110 110 ALA ALA A . n 
A 1 111 ILE 111 111 111 ILE ILE A . n 
A 1 112 ILE 112 112 112 ILE ILE A . n 
A 1 113 HIS 113 113 113 HIS HIS A . n 
A 1 114 VAL 114 114 114 VAL VAL A . n 
A 1 115 LEU 115 115 115 LEU LEU A . n 
A 1 116 HIS 116 116 116 HIS HIS A . n 
A 1 117 SER 117 117 117 SER SER A . n 
A 1 118 LYS 118 118 118 LYS LYS A . n 
A 1 119 HIS 119 119 119 HIS HIS A . n 
A 1 120 PRO 120 120 120 PRO PRO A . n 
A 1 121 GLY 121 121 121 GLY GLY A . n 
A 1 122 ASP 122 122 122 ASP ASP A . n 
A 1 123 PHE 123 123 123 PHE PHE A . n 
A 1 124 GLY 124 124 124 GLY GLY A . n 
A 1 125 ALA 125 125 125 ALA ALA A . n 
A 1 126 ASP 126 126 126 ASP ASP A . n 
A 1 127 ALA 127 127 127 ALA ALA A . n 
A 1 128 GLN 128 128 128 GLN GLN A . n 
A 1 129 GLY 129 129 129 GLY GLY A . n 
A 1 130 ALA 130 130 130 ALA ALA A . n 
A 1 131 MET 131 131 131 MET MET A . n 
A 1 132 THR 132 132 132 THR THR A . n 
A 1 133 LYS 133 133 133 LYS LYS A . n 
A 1 134 ALA 134 134 134 ALA ALA A . n 
A 1 135 LEU 135 135 135 LEU LEU A . n 
A 1 136 GLU 136 136 136 GLU GLU A . n 
A 1 137 LEU 137 137 137 LEU LEU A . n 
A 1 138 PHE 138 138 138 PHE PHE A . n 
A 1 139 ARG 139 139 139 ARG ARG A . n 
A 1 140 ASN 140 140 140 ASN ASN A . n 
A 1 141 ASP 141 141 141 ASP ASP A . n 
A 1 142 ILE 142 142 142 ILE ILE A . n 
A 1 143 ALA 143 143 143 ALA ALA A . n 
A 1 144 ALA 144 144 144 ALA ALA A . n 
A 1 145 LYS 145 145 145 LYS LYS A . n 
A 1 146 TYR 146 146 146 TYR TYR A . n 
A 1 147 LYS 147 147 147 LYS LYS A . n 
A 1 148 GLU 148 148 148 GLU GLU A . n 
A 1 149 LEU 149 149 149 LEU LEU A . n 
A 1 150 GLY 150 150 150 GLY GLY A . n 
A 1 151 PHE 151 151 151 PHE PHE A . n 
A 1 152 GLN 152 152 152 GLN GLN A . n 
A 1 153 GLY 153 153 ?   ?   ?   A . n 
# 
loop_
_pdbx_nonpoly_scheme.asym_id 
_pdbx_nonpoly_scheme.entity_id 
_pdbx_nonpoly_scheme.mon_id 
_pdbx_nonpoly_scheme.ndb_seq_num 
_pdbx_nonpoly_scheme.pdb_seq_num 
_pdbx_nonpoly_scheme.auth_seq_num 
_pdbx_nonpoly_scheme.pdb_mon_id 
_pdbx_nonpoly_scheme.auth_mon_id 
_pdbx_nonpoly_scheme.pdb_strand_id 
_pdbx_nonpoly_scheme.pdb_ins_code 
B 2 SO4 1   156  156  SO4 SO4 A . 
C 2 SO4 1   157  157  SO4 SO4 A . 
D 3 HEM 1   154  154  HEM HEM A . 
E 4 NOE 1   155  155  NOE NOE A . 
F 5 HOH 1   1000 1000 HOH HOH A . 
F 5 HOH 2   1001 1001 HOH HOH A . 
F 5 HOH 3   1002 1002 HOH HOH A . 
F 5 HOH 4   1003 1003 HOH HOH A . 
F 5 HOH 5   1004 1004 HOH HOH A . 
F 5 HOH 6   1005 1005 HOH HOH A . 
F 5 HOH 7   1006 1006 HOH HOH A . 
F 5 HOH 8   1007 1007 HOH HOH A . 
F 5 HOH 9   1008 1008 HOH HOH A . 
F 5 HOH 10  1009 1009 HOH HOH A . 
F 5 HOH 11  1010 1010 HOH HOH A . 
F 5 HOH 12  1011 1011 HOH HOH A . 
F 5 HOH 13  1012 1012 HOH HOH A . 
F 5 HOH 14  1013 1013 HOH HOH A . 
F 5 HOH 15  1014 1014 HOH HOH A . 
F 5 HOH 16  1015 1015 HOH HOH A . 
F 5 HOH 17  1016 1016 HOH HOH A . 
F 5 HOH 18  1017 1017 HOH HOH A . 
F 5 HOH 19  1018 1018 HOH HOH A . 
F 5 HOH 20  1019 1019 HOH HOH A . 
F 5 HOH 21  1020 1020 HOH HOH A . 
F 5 HOH 22  1023 1023 HOH HOH A . 
F 5 HOH 23  1024 1024 HOH HOH A . 
F 5 HOH 24  1026 1026 HOH HOH A . 
F 5 HOH 25  1028 1028 HOH HOH A . 
F 5 HOH 26  1030 1030 HOH HOH A . 
F 5 HOH 27  1031 1031 HOH HOH A . 
F 5 HOH 28  1032 1032 HOH HOH A . 
F 5 HOH 29  1033 1033 HOH HOH A . 
F 5 HOH 30  1034 1034 HOH HOH A . 
F 5 HOH 31  1035 1035 HOH HOH A . 
F 5 HOH 32  1037 1037 HOH HOH A . 
F 5 HOH 33  1038 1038 HOH HOH A . 
F 5 HOH 34  1039 1039 HOH HOH A . 
F 5 HOH 35  1040 1040 HOH HOH A . 
F 5 HOH 36  1041 1041 HOH HOH A . 
F 5 HOH 37  1043 1043 HOH HOH A . 
F 5 HOH 38  1044 1044 HOH HOH A . 
F 5 HOH 39  1046 1046 HOH HOH A . 
F 5 HOH 40  1047 1047 HOH HOH A . 
F 5 HOH 41  1048 1048 HOH HOH A . 
F 5 HOH 42  1049 1049 HOH HOH A . 
F 5 HOH 43  1050 1050 HOH HOH A . 
F 5 HOH 44  1051 1051 HOH HOH A . 
F 5 HOH 45  1053 1053 HOH HOH A . 
F 5 HOH 46  1054 1054 HOH HOH A . 
F 5 HOH 47  1055 1055 HOH HOH A . 
F 5 HOH 48  1056 1056 HOH HOH A . 
F 5 HOH 49  1057 1057 HOH HOH A . 
F 5 HOH 50  1058 1058 HOH HOH A . 
F 5 HOH 51  1059 1059 HOH HOH A . 
F 5 HOH 52  1061 1061 HOH HOH A . 
F 5 HOH 53  1062 1062 HOH HOH A . 
F 5 HOH 54  1063 1063 HOH HOH A . 
F 5 HOH 55  1065 1065 HOH HOH A . 
F 5 HOH 56  1066 1066 HOH HOH A . 
F 5 HOH 57  1067 1067 HOH HOH A . 
F 5 HOH 58  1068 1068 HOH HOH A . 
F 5 HOH 59  1069 1069 HOH HOH A . 
F 5 HOH 60  1070 1070 HOH HOH A . 
F 5 HOH 61  1071 1071 HOH HOH A . 
F 5 HOH 62  1072 1072 HOH HOH A . 
F 5 HOH 63  1073 1073 HOH HOH A . 
F 5 HOH 64  1074 1074 HOH HOH A . 
F 5 HOH 65  1076 1076 HOH HOH A . 
F 5 HOH 66  1077 1077 HOH HOH A . 
F 5 HOH 67  1079 1079 HOH HOH A . 
F 5 HOH 68  1081 1081 HOH HOH A . 
F 5 HOH 69  1082 1082 HOH HOH A . 
F 5 HOH 70  1083 1083 HOH HOH A . 
F 5 HOH 71  1086 1086 HOH HOH A . 
F 5 HOH 72  1088 1088 HOH HOH A . 
F 5 HOH 73  1090 1090 HOH HOH A . 
F 5 HOH 74  1091 1091 HOH HOH A . 
F 5 HOH 75  1092 1092 HOH HOH A . 
F 5 HOH 76  1093 1093 HOH HOH A . 
F 5 HOH 77  1094 1094 HOH HOH A . 
F 5 HOH 78  1095 1095 HOH HOH A . 
F 5 HOH 79  1096 1096 HOH HOH A . 
F 5 HOH 80  1097 1097 HOH HOH A . 
F 5 HOH 81  1098 1098 HOH HOH A . 
F 5 HOH 82  1099 1099 HOH HOH A . 
F 5 HOH 83  1100 1100 HOH HOH A . 
F 5 HOH 84  1102 1102 HOH HOH A . 
F 5 HOH 85  1103 1103 HOH HOH A . 
F 5 HOH 86  1104 1104 HOH HOH A . 
F 5 HOH 87  1105 1105 HOH HOH A . 
F 5 HOH 88  1106 1106 HOH HOH A . 
F 5 HOH 89  1107 1107 HOH HOH A . 
F 5 HOH 90  1108 1108 HOH HOH A . 
F 5 HOH 91  1110 1110 HOH HOH A . 
F 5 HOH 92  1111 1111 HOH HOH A . 
F 5 HOH 93  1112 1112 HOH HOH A . 
F 5 HOH 94  1113 1113 HOH HOH A . 
F 5 HOH 95  1114 1114 HOH HOH A . 
F 5 HOH 96  1115 1115 HOH HOH A . 
F 5 HOH 97  1119 1119 HOH HOH A . 
F 5 HOH 98  1120 1120 HOH HOH A . 
F 5 HOH 99  1121 1121 HOH HOH A . 
F 5 HOH 100 1122 1122 HOH HOH A . 
F 5 HOH 101 1123 1123 HOH HOH A . 
F 5 HOH 102 1124 1124 HOH HOH A . 
F 5 HOH 103 1125 1125 HOH HOH A . 
F 5 HOH 104 1127 1127 HOH HOH A . 
F 5 HOH 105 1128 1128 HOH HOH A . 
F 5 HOH 106 1129 1129 HOH HOH A . 
F 5 HOH 107 1130 1130 HOH HOH A . 
F 5 HOH 108 1131 1131 HOH HOH A . 
F 5 HOH 109 1132 1132 HOH HOH A . 
F 5 HOH 110 1133 1133 HOH HOH A . 
F 5 HOH 111 1135 1135 HOH HOH A . 
F 5 HOH 112 1137 1137 HOH HOH A . 
F 5 HOH 113 1138 1138 HOH HOH A . 
F 5 HOH 114 1139 1139 HOH HOH A . 
F 5 HOH 115 1140 1140 HOH HOH A . 
F 5 HOH 116 1141 1141 HOH HOH A . 
F 5 HOH 117 1142 1142 HOH HOH A . 
F 5 HOH 118 1143 1143 HOH HOH A . 
F 5 HOH 119 1145 1145 HOH HOH A . 
F 5 HOH 120 1146 1146 HOH HOH A . 
F 5 HOH 121 1147 1147 HOH HOH A . 
F 5 HOH 122 1148 1148 HOH HOH A . 
F 5 HOH 123 1149 1149 HOH HOH A . 
F 5 HOH 124 1150 1150 HOH HOH A . 
F 5 HOH 125 1151 1151 HOH HOH A . 
F 5 HOH 126 1152 1152 HOH HOH A . 
F 5 HOH 127 1153 1153 HOH HOH A . 
F 5 HOH 128 1154 1154 HOH HOH A . 
F 5 HOH 129 1155 1155 HOH HOH A . 
F 5 HOH 130 1156 1156 HOH HOH A . 
F 5 HOH 131 1157 1157 HOH HOH A . 
F 5 HOH 132 1158 1158 HOH HOH A . 
F 5 HOH 133 1159 1159 HOH HOH A . 
F 5 HOH 134 1160 1160 HOH HOH A . 
F 5 HOH 135 1161 1161 HOH HOH A . 
F 5 HOH 136 1162 1162 HOH HOH A . 
F 5 HOH 137 1163 1163 HOH HOH A . 
F 5 HOH 138 1164 1164 HOH HOH A . 
F 5 HOH 139 1165 1165 HOH HOH A . 
F 5 HOH 140 1166 1166 HOH HOH A . 
F 5 HOH 141 1167 1167 HOH HOH A . 
F 5 HOH 142 1168 1168 HOH HOH A . 
F 5 HOH 143 1169 1169 HOH HOH A . 
F 5 HOH 144 1170 1170 HOH HOH A . 
F 5 HOH 145 1171 1171 HOH HOH A . 
F 5 HOH 146 1172 1172 HOH HOH A . 
F 5 HOH 147 1173 1173 HOH HOH A . 
F 5 HOH 148 1174 1174 HOH HOH A . 
F 5 HOH 149 1175 1175 HOH HOH A . 
F 5 HOH 150 1176 1176 HOH HOH A . 
F 5 HOH 151 1177 1177 HOH HOH A . 
F 5 HOH 152 1178 1178 HOH HOH A . 
F 5 HOH 153 1179 1179 HOH HOH A . 
F 5 HOH 154 1180 1180 HOH HOH A . 
F 5 HOH 155 1181 1181 HOH HOH A . 
F 5 HOH 156 1182 1182 HOH HOH A . 
F 5 HOH 157 1183 1183 HOH HOH A . 
F 5 HOH 158 1184 1184 HOH HOH A . 
F 5 HOH 159 1185 1185 HOH HOH A . 
F 5 HOH 160 1186 1186 HOH HOH A . 
F 5 HOH 161 1187 1187 HOH HOH A . 
F 5 HOH 162 1188 1188 HOH HOH A . 
F 5 HOH 163 1189 1189 HOH HOH A . 
F 5 HOH 164 1190 1190 HOH HOH A . 
F 5 HOH 165 1192 1192 HOH HOH A . 
F 5 HOH 166 1193 1193 HOH HOH A . 
F 5 HOH 167 1196 1196 HOH HOH A . 
F 5 HOH 168 1197 1197 HOH HOH A . 
F 5 HOH 169 1200 1200 HOH HOH A . 
# 
_pdbx_struct_assembly.id                   1 
_pdbx_struct_assembly.details              author_defined_assembly 
_pdbx_struct_assembly.method_details       ? 
_pdbx_struct_assembly.oligomeric_details   monomeric 
_pdbx_struct_assembly.oligomeric_count     1 
# 
_pdbx_struct_assembly_gen.assembly_id       1 
_pdbx_struct_assembly_gen.oper_expression   1 
_pdbx_struct_assembly_gen.asym_id_list      A,B,C,D,E,F 
# 
_pdbx_struct_oper_list.id                   1 
_pdbx_struct_oper_list.type                 'identity operation' 
_pdbx_struct_oper_list.name                 1_555 
_pdbx_struct_oper_list.symmetry_operation   x,y,z 
_pdbx_struct_oper_list.matrix[1][1]         1.0000000000 
_pdbx_struct_oper_list.matrix[1][2]         0.0000000000 
_pdbx_struct_oper_list.matrix[1][3]         0.0000000000 
_pdbx_struct_oper_list.vector[1]            0.0000000000 
_pdbx_struct_oper_list.matrix[2][1]         0.0000000000 
_pdbx_struct_oper_list.matrix[2][2]         1.0000000000 
_pdbx_struct_oper_list.matrix[2][3]         0.0000000000 
_pdbx_struct_oper_list.vector[2]            0.0000000000 
_pdbx_struct_oper_list.matrix[3][1]         0.0000000000 
_pdbx_struct_oper_list.matrix[3][2]         0.0000000000 
_pdbx_struct_oper_list.matrix[3][3]         1.0000000000 
_pdbx_struct_oper_list.vector[3]            0.0000000000 
# 
loop_
_pdbx_struct_conn_angle.id 
_pdbx_struct_conn_angle.ptnr1_label_atom_id 
_pdbx_struct_conn_angle.ptnr1_label_alt_id 
_pdbx_struct_conn_angle.ptnr1_label_asym_id 
_pdbx_struct_conn_angle.ptnr1_label_comp_id 
_pdbx_struct_conn_angle.ptnr1_label_seq_id 
_pdbx_struct_conn_angle.ptnr1_auth_atom_id 
_pdbx_struct_conn_angle.ptnr1_auth_asym_id 
_pdbx_struct_conn_angle.ptnr1_auth_comp_id 
_pdbx_struct_conn_angle.ptnr1_auth_seq_id 
_pdbx_struct_conn_angle.ptnr1_PDB_ins_code 
_pdbx_struct_conn_angle.ptnr1_symmetry 
_pdbx_struct_conn_angle.ptnr2_label_atom_id 
_pdbx_struct_conn_angle.ptnr2_label_alt_id 
_pdbx_struct_conn_angle.ptnr2_label_asym_id 
_pdbx_struct_conn_angle.ptnr2_label_comp_id 
_pdbx_struct_conn_angle.ptnr2_label_seq_id 
_pdbx_struct_conn_angle.ptnr2_auth_atom_id 
_pdbx_struct_conn_angle.ptnr2_auth_asym_id 
_pdbx_struct_conn_angle.ptnr2_auth_comp_id 
_pdbx_struct_conn_angle.ptnr2_auth_seq_id 
_pdbx_struct_conn_angle.ptnr2_PDB_ins_code 
_pdbx_struct_conn_angle.ptnr2_symmetry 
_pdbx_struct_conn_angle.ptnr3_label_atom_id 
_pdbx_struct_conn_angle.ptnr3_label_alt_id 
_pdbx_struct_conn_angle.ptnr3_label_asym_id 
_pdbx_struct_conn_angle.ptnr3_label_comp_id 
_pdbx_struct_conn_angle.ptnr3_label_seq_id 
_pdbx_struct_conn_angle.ptnr3_auth_atom_id 
_pdbx_struct_conn_angle.ptnr3_auth_asym_id 
_pdbx_struct_conn_angle.ptnr3_auth_comp_id 
_pdbx_struct_conn_angle.ptnr3_auth_seq_id 
_pdbx_struct_conn_angle.ptnr3_PDB_ins_code 
_pdbx_struct_conn_angle.ptnr3_symmetry 
_pdbx_struct_conn_angle.value 
_pdbx_struct_conn_angle.value_esd 
1  NE2 ? A HIS 93 ? A HIS 93  ? 1_555 FE ? D HEM . ? A HEM 154 ? 1_555 NA ? D HEM . ? A HEM 154  ? 1_555 89.2  ? 
2  NE2 ? A HIS 93 ? A HIS 93  ? 1_555 FE ? D HEM . ? A HEM 154 ? 1_555 NB ? D HEM . ? A HEM 154  ? 1_555 87.9  ? 
3  NA  ? D HEM .  ? A HEM 154 ? 1_555 FE ? D HEM . ? A HEM 154 ? 1_555 NB ? D HEM . ? A HEM 154  ? 1_555 90.2  ? 
4  NE2 ? A HIS 93 ? A HIS 93  ? 1_555 FE ? D HEM . ? A HEM 154 ? 1_555 NC ? D HEM . ? A HEM 154  ? 1_555 91.1  ? 
5  NA  ? D HEM .  ? A HEM 154 ? 1_555 FE ? D HEM . ? A HEM 154 ? 1_555 NC ? D HEM . ? A HEM 154  ? 1_555 178.8 ? 
6  NB  ? D HEM .  ? A HEM 154 ? 1_555 FE ? D HEM . ? A HEM 154 ? 1_555 NC ? D HEM . ? A HEM 154  ? 1_555 88.6  ? 
7  NE2 ? A HIS 93 ? A HIS 93  ? 1_555 FE ? D HEM . ? A HEM 154 ? 1_555 ND ? D HEM . ? A HEM 154  ? 1_555 91.5  ? 
8  NA  ? D HEM .  ? A HEM 154 ? 1_555 FE ? D HEM . ? A HEM 154 ? 1_555 ND ? D HEM . ? A HEM 154  ? 1_555 90.1  ? 
9  NB  ? D HEM .  ? A HEM 154 ? 1_555 FE ? D HEM . ? A HEM 154 ? 1_555 ND ? D HEM . ? A HEM 154  ? 1_555 179.4 ? 
10 NC  ? D HEM .  ? A HEM 154 ? 1_555 FE ? D HEM . ? A HEM 154 ? 1_555 ND ? D HEM . ? A HEM 154  ? 1_555 91.1  ? 
11 NE2 ? A HIS 93 ? A HIS 93  ? 1_555 FE ? D HEM . ? A HEM 154 ? 1_555 N  ? E NOE . ? A NOE 155  ? 1_555 163.4 ? 
12 NA  ? D HEM .  ? A HEM 154 ? 1_555 FE ? D HEM . ? A HEM 154 ? 1_555 N  ? E NOE . ? A NOE 155  ? 1_555 107.2 ? 
13 NB  ? D HEM .  ? A HEM 154 ? 1_555 FE ? D HEM . ? A HEM 154 ? 1_555 N  ? E NOE . ? A NOE 155  ? 1_555 94.4  ? 
14 NC  ? D HEM .  ? A HEM 154 ? 1_555 FE ? D HEM . ? A HEM 154 ? 1_555 N  ? E NOE . ? A NOE 155  ? 1_555 72.6  ? 
15 ND  ? D HEM .  ? A HEM 154 ? 1_555 FE ? D HEM . ? A HEM 154 ? 1_555 N  ? E NOE . ? A NOE 155  ? 1_555 86.0  ? 
16 NE2 ? A HIS 93 ? A HIS 93  ? 1_555 FE ? D HEM . ? A HEM 154 ? 1_555 O1 ? E NOE . ? A NOE 155  ? 1_555 155.1 ? 
17 NA  ? D HEM .  ? A HEM 154 ? 1_555 FE ? D HEM . ? A HEM 154 ? 1_555 O1 ? E NOE . ? A NOE 155  ? 1_555 98.8  ? 
18 NB  ? D HEM .  ? A HEM 154 ? 1_555 FE ? D HEM . ? A HEM 154 ? 1_555 O1 ? E NOE . ? A NOE 155  ? 1_555 115.4 ? 
19 NC  ? D HEM .  ? A HEM 154 ? 1_555 FE ? D HEM . ? A HEM 154 ? 1_555 O1 ? E NOE . ? A NOE 155  ? 1_555 81.4  ? 
20 ND  ? D HEM .  ? A HEM 154 ? 1_555 FE ? D HEM . ? A HEM 154 ? 1_555 O1 ? E NOE . ? A NOE 155  ? 1_555 65.1  ? 
21 N   ? E NOE .  ? A NOE 155 ? 1_555 FE ? D HEM . ? A HEM 154 ? 1_555 O1 ? E NOE . ? A NOE 155  ? 1_555 22.1  ? 
22 NE2 ? A HIS 93 ? A HIS 93  ? 1_555 FE ? D HEM . ? A HEM 154 ? 1_555 O  ? F HOH . ? A HOH 1000 ? 1_555 175.6 ? 
23 NA  ? D HEM .  ? A HEM 154 ? 1_555 FE ? D HEM . ? A HEM 154 ? 1_555 O  ? F HOH . ? A HOH 1000 ? 1_555 90.4  ? 
24 NB  ? D HEM .  ? A HEM 154 ? 1_555 FE ? D HEM . ? A HEM 154 ? 1_555 O  ? F HOH . ? A HOH 1000 ? 1_555 96.5  ? 
25 NC  ? D HEM .  ? A HEM 154 ? 1_555 FE ? D HEM . ? A HEM 154 ? 1_555 O  ? F HOH . ? A HOH 1000 ? 1_555 89.3  ? 
26 ND  ? D HEM .  ? A HEM 154 ? 1_555 FE ? D HEM . ? A HEM 154 ? 1_555 O  ? F HOH . ? A HOH 1000 ? 1_555 84.1  ? 
27 N   ? E NOE .  ? A NOE 155 ? 1_555 FE ? D HEM . ? A HEM 154 ? 1_555 O  ? F HOH . ? A HOH 1000 ? 1_555 16.8  ? 
28 O1  ? E NOE .  ? A NOE 155 ? 1_555 FE ? D HEM . ? A HEM 154 ? 1_555 O  ? F HOH . ? A HOH 1000 ? 1_555 20.9  ? 
# 
loop_
_pdbx_audit_revision_history.ordinal 
_pdbx_audit_revision_history.data_content_type 
_pdbx_audit_revision_history.major_revision 
_pdbx_audit_revision_history.minor_revision 
_pdbx_audit_revision_history.revision_date 
1 'Structure model' 1 0 2003-11-11 
2 'Structure model' 1 1 2008-04-29 
3 'Structure model' 1 2 2011-07-13 
4 'Structure model' 1 3 2017-10-11 
5 'Structure model' 1 4 2018-01-31 
6 'Structure model' 1 5 2023-08-16 
# 
_pdbx_audit_revision_details.ordinal             1 
_pdbx_audit_revision_details.revision_ordinal    1 
_pdbx_audit_revision_details.data_content_type   'Structure model' 
_pdbx_audit_revision_details.provider            repository 
_pdbx_audit_revision_details.type                'Initial release' 
_pdbx_audit_revision_details.description         ? 
_pdbx_audit_revision_details.details             ? 
# 
loop_
_pdbx_audit_revision_group.ordinal 
_pdbx_audit_revision_group.revision_ordinal 
_pdbx_audit_revision_group.data_content_type 
_pdbx_audit_revision_group.group 
1 2 'Structure model' 'Version format compliance' 
2 3 'Structure model' 'Version format compliance' 
3 4 'Structure model' 'Refinement description'    
4 5 'Structure model' 'Experimental preparation'  
5 6 'Structure model' 'Data collection'           
6 6 'Structure model' 'Database references'       
7 6 'Structure model' 'Derived calculations'      
8 6 'Structure model' 'Refinement description'    
# 
loop_
_pdbx_audit_revision_category.ordinal 
_pdbx_audit_revision_category.revision_ordinal 
_pdbx_audit_revision_category.data_content_type 
_pdbx_audit_revision_category.category 
1 4 'Structure model' software                      
2 5 'Structure model' exptl_crystal_grow            
3 6 'Structure model' chem_comp_atom                
4 6 'Structure model' chem_comp_bond                
5 6 'Structure model' database_2                    
6 6 'Structure model' pdbx_initial_refinement_model 
7 6 'Structure model' pdbx_struct_conn_angle        
8 6 'Structure model' struct_conn                   
9 6 'Structure model' struct_site                   
# 
loop_
_pdbx_audit_revision_item.ordinal 
_pdbx_audit_revision_item.revision_ordinal 
_pdbx_audit_revision_item.data_content_type 
_pdbx_audit_revision_item.item 
1  5 'Structure model' '_exptl_crystal_grow.temp'                    
2  6 'Structure model' '_database_2.pdbx_DOI'                        
3  6 'Structure model' '_database_2.pdbx_database_accession'         
4  6 'Structure model' '_pdbx_struct_conn_angle.ptnr1_auth_comp_id'  
5  6 'Structure model' '_pdbx_struct_conn_angle.ptnr1_auth_seq_id'   
6  6 'Structure model' '_pdbx_struct_conn_angle.ptnr1_label_asym_id' 
7  6 'Structure model' '_pdbx_struct_conn_angle.ptnr1_label_atom_id' 
8  6 'Structure model' '_pdbx_struct_conn_angle.ptnr1_label_comp_id' 
9  6 'Structure model' '_pdbx_struct_conn_angle.ptnr1_label_seq_id'  
10 6 'Structure model' '_pdbx_struct_conn_angle.ptnr3_auth_comp_id'  
11 6 'Structure model' '_pdbx_struct_conn_angle.ptnr3_auth_seq_id'   
12 6 'Structure model' '_pdbx_struct_conn_angle.ptnr3_label_asym_id' 
13 6 'Structure model' '_pdbx_struct_conn_angle.ptnr3_label_atom_id' 
14 6 'Structure model' '_pdbx_struct_conn_angle.ptnr3_label_comp_id' 
15 6 'Structure model' '_pdbx_struct_conn_angle.ptnr3_label_seq_id'  
16 6 'Structure model' '_pdbx_struct_conn_angle.value'               
17 6 'Structure model' '_struct_conn.pdbx_dist_value'                
18 6 'Structure model' '_struct_conn.ptnr1_auth_comp_id'             
19 6 'Structure model' '_struct_conn.ptnr1_auth_seq_id'              
20 6 'Structure model' '_struct_conn.ptnr1_label_asym_id'            
21 6 'Structure model' '_struct_conn.ptnr1_label_atom_id'            
22 6 'Structure model' '_struct_conn.ptnr1_label_comp_id'            
23 6 'Structure model' '_struct_conn.ptnr1_label_seq_id'             
24 6 'Structure model' '_struct_conn.ptnr2_auth_comp_id'             
25 6 'Structure model' '_struct_conn.ptnr2_auth_seq_id'              
26 6 'Structure model' '_struct_conn.ptnr2_label_asym_id'            
27 6 'Structure model' '_struct_conn.ptnr2_label_atom_id'            
28 6 'Structure model' '_struct_conn.ptnr2_label_comp_id'            
29 6 'Structure model' '_struct_site.pdbx_auth_asym_id'              
30 6 'Structure model' '_struct_site.pdbx_auth_comp_id'              
31 6 'Structure model' '_struct_site.pdbx_auth_seq_id'               
# 
loop_
_software.name 
_software.classification 
_software.version 
_software.citation_id 
_software.pdbx_ordinal 
d*TREK 'data scaling'   . ? 1 
d*TREK 'data reduction' . ? 2 
CNS    refinement       . ? 3 
CNS    phasing          . ? 4 
# 
_pdbx_validate_torsion.id              1 
_pdbx_validate_torsion.PDB_model_num   1 
_pdbx_validate_torsion.auth_comp_id    ASP 
_pdbx_validate_torsion.auth_asym_id    A 
_pdbx_validate_torsion.auth_seq_id     20 
_pdbx_validate_torsion.PDB_ins_code    ? 
_pdbx_validate_torsion.label_alt_id    ? 
_pdbx_validate_torsion.phi             -153.58 
_pdbx_validate_torsion.psi             73.75 
# 
_pdbx_unobs_or_zero_occ_residues.id               1 
_pdbx_unobs_or_zero_occ_residues.PDB_model_num    1 
_pdbx_unobs_or_zero_occ_residues.polymer_flag     Y 
_pdbx_unobs_or_zero_occ_residues.occupancy_flag   1 
_pdbx_unobs_or_zero_occ_residues.auth_asym_id     A 
_pdbx_unobs_or_zero_occ_residues.auth_comp_id     GLY 
_pdbx_unobs_or_zero_occ_residues.auth_seq_id      153 
_pdbx_unobs_or_zero_occ_residues.PDB_ins_code     ? 
_pdbx_unobs_or_zero_occ_residues.label_asym_id    A 
_pdbx_unobs_or_zero_occ_residues.label_comp_id    GLY 
_pdbx_unobs_or_zero_occ_residues.label_seq_id     153 
# 
loop_
_chem_comp_atom.comp_id 
_chem_comp_atom.atom_id 
_chem_comp_atom.type_symbol 
_chem_comp_atom.pdbx_aromatic_flag 
_chem_comp_atom.pdbx_stereo_config 
_chem_comp_atom.pdbx_ordinal 
ALA N    N  N N 1   
ALA CA   C  N S 2   
ALA C    C  N N 3   
ALA O    O  N N 4   
ALA CB   C  N N 5   
ALA OXT  O  N N 6   
ALA H    H  N N 7   
ALA H2   H  N N 8   
ALA HA   H  N N 9   
ALA HB1  H  N N 10  
ALA HB2  H  N N 11  
ALA HB3  H  N N 12  
ALA HXT  H  N N 13  
ARG N    N  N N 14  
ARG CA   C  N S 15  
ARG C    C  N N 16  
ARG O    O  N N 17  
ARG CB   C  N N 18  
ARG CG   C  N N 19  
ARG CD   C  N N 20  
ARG NE   N  N N 21  
ARG CZ   C  N N 22  
ARG NH1  N  N N 23  
ARG NH2  N  N N 24  
ARG OXT  O  N N 25  
ARG H    H  N N 26  
ARG H2   H  N N 27  
ARG HA   H  N N 28  
ARG HB2  H  N N 29  
ARG HB3  H  N N 30  
ARG HG2  H  N N 31  
ARG HG3  H  N N 32  
ARG HD2  H  N N 33  
ARG HD3  H  N N 34  
ARG HE   H  N N 35  
ARG HH11 H  N N 36  
ARG HH12 H  N N 37  
ARG HH21 H  N N 38  
ARG HH22 H  N N 39  
ARG HXT  H  N N 40  
ASN N    N  N N 41  
ASN CA   C  N S 42  
ASN C    C  N N 43  
ASN O    O  N N 44  
ASN CB   C  N N 45  
ASN CG   C  N N 46  
ASN OD1  O  N N 47  
ASN ND2  N  N N 48  
ASN OXT  O  N N 49  
ASN H    H  N N 50  
ASN H2   H  N N 51  
ASN HA   H  N N 52  
ASN HB2  H  N N 53  
ASN HB3  H  N N 54  
ASN HD21 H  N N 55  
ASN HD22 H  N N 56  
ASN HXT  H  N N 57  
ASP N    N  N N 58  
ASP CA   C  N S 59  
ASP C    C  N N 60  
ASP O    O  N N 61  
ASP CB   C  N N 62  
ASP CG   C  N N 63  
ASP OD1  O  N N 64  
ASP OD2  O  N N 65  
ASP OXT  O  N N 66  
ASP H    H  N N 67  
ASP H2   H  N N 68  
ASP HA   H  N N 69  
ASP HB2  H  N N 70  
ASP HB3  H  N N 71  
ASP HD2  H  N N 72  
ASP HXT  H  N N 73  
GLN N    N  N N 74  
GLN CA   C  N S 75  
GLN C    C  N N 76  
GLN O    O  N N 77  
GLN CB   C  N N 78  
GLN CG   C  N N 79  
GLN CD   C  N N 80  
GLN OE1  O  N N 81  
GLN NE2  N  N N 82  
GLN OXT  O  N N 83  
GLN H    H  N N 84  
GLN H2   H  N N 85  
GLN HA   H  N N 86  
GLN HB2  H  N N 87  
GLN HB3  H  N N 88  
GLN HG2  H  N N 89  
GLN HG3  H  N N 90  
GLN HE21 H  N N 91  
GLN HE22 H  N N 92  
GLN HXT  H  N N 93  
GLU N    N  N N 94  
GLU CA   C  N S 95  
GLU C    C  N N 96  
GLU O    O  N N 97  
GLU CB   C  N N 98  
GLU CG   C  N N 99  
GLU CD   C  N N 100 
GLU OE1  O  N N 101 
GLU OE2  O  N N 102 
GLU OXT  O  N N 103 
GLU H    H  N N 104 
GLU H2   H  N N 105 
GLU HA   H  N N 106 
GLU HB2  H  N N 107 
GLU HB3  H  N N 108 
GLU HG2  H  N N 109 
GLU HG3  H  N N 110 
GLU HE2  H  N N 111 
GLU HXT  H  N N 112 
GLY N    N  N N 113 
GLY CA   C  N N 114 
GLY C    C  N N 115 
GLY O    O  N N 116 
GLY OXT  O  N N 117 
GLY H    H  N N 118 
GLY H2   H  N N 119 
GLY HA2  H  N N 120 
GLY HA3  H  N N 121 
GLY HXT  H  N N 122 
HEM CHA  C  N N 123 
HEM CHB  C  N N 124 
HEM CHC  C  N N 125 
HEM CHD  C  N N 126 
HEM C1A  C  Y N 127 
HEM C2A  C  Y N 128 
HEM C3A  C  Y N 129 
HEM C4A  C  Y N 130 
HEM CMA  C  N N 131 
HEM CAA  C  N N 132 
HEM CBA  C  N N 133 
HEM CGA  C  N N 134 
HEM O1A  O  N N 135 
HEM O2A  O  N N 136 
HEM C1B  C  N N 137 
HEM C2B  C  N N 138 
HEM C3B  C  N N 139 
HEM C4B  C  N N 140 
HEM CMB  C  N N 141 
HEM CAB  C  N N 142 
HEM CBB  C  N N 143 
HEM C1C  C  Y N 144 
HEM C2C  C  Y N 145 
HEM C3C  C  Y N 146 
HEM C4C  C  Y N 147 
HEM CMC  C  N N 148 
HEM CAC  C  N N 149 
HEM CBC  C  N N 150 
HEM C1D  C  N N 151 
HEM C2D  C  N N 152 
HEM C3D  C  N N 153 
HEM C4D  C  N N 154 
HEM CMD  C  N N 155 
HEM CAD  C  N N 156 
HEM CBD  C  N N 157 
HEM CGD  C  N N 158 
HEM O1D  O  N N 159 
HEM O2D  O  N N 160 
HEM NA   N  Y N 161 
HEM NB   N  N N 162 
HEM NC   N  Y N 163 
HEM ND   N  N N 164 
HEM FE   FE N N 165 
HEM HHB  H  N N 166 
HEM HHC  H  N N 167 
HEM HHD  H  N N 168 
HEM HMA  H  N N 169 
HEM HMAA H  N N 170 
HEM HMAB H  N N 171 
HEM HAA  H  N N 172 
HEM HAAA H  N N 173 
HEM HBA  H  N N 174 
HEM HBAA H  N N 175 
HEM HMB  H  N N 176 
HEM HMBA H  N N 177 
HEM HMBB H  N N 178 
HEM HAB  H  N N 179 
HEM HBB  H  N N 180 
HEM HBBA H  N N 181 
HEM HMC  H  N N 182 
HEM HMCA H  N N 183 
HEM HMCB H  N N 184 
HEM HAC  H  N N 185 
HEM HBC  H  N N 186 
HEM HBCA H  N N 187 
HEM HMD  H  N N 188 
HEM HMDA H  N N 189 
HEM HMDB H  N N 190 
HEM HAD  H  N N 191 
HEM HADA H  N N 192 
HEM HBD  H  N N 193 
HEM HBDA H  N N 194 
HEM H2A  H  N N 195 
HEM H2D  H  N N 196 
HEM HHA  H  N N 197 
HIS N    N  N N 198 
HIS CA   C  N S 199 
HIS C    C  N N 200 
HIS O    O  N N 201 
HIS CB   C  N N 202 
HIS CG   C  Y N 203 
HIS ND1  N  Y N 204 
HIS CD2  C  Y N 205 
HIS CE1  C  Y N 206 
HIS NE2  N  Y N 207 
HIS OXT  O  N N 208 
HIS H    H  N N 209 
HIS H2   H  N N 210 
HIS HA   H  N N 211 
HIS HB2  H  N N 212 
HIS HB3  H  N N 213 
HIS HD1  H  N N 214 
HIS HD2  H  N N 215 
HIS HE1  H  N N 216 
HIS HE2  H  N N 217 
HIS HXT  H  N N 218 
HOH O    O  N N 219 
HOH H1   H  N N 220 
HOH H2   H  N N 221 
ILE N    N  N N 222 
ILE CA   C  N S 223 
ILE C    C  N N 224 
ILE O    O  N N 225 
ILE CB   C  N S 226 
ILE CG1  C  N N 227 
ILE CG2  C  N N 228 
ILE CD1  C  N N 229 
ILE OXT  O  N N 230 
ILE H    H  N N 231 
ILE H2   H  N N 232 
ILE HA   H  N N 233 
ILE HB   H  N N 234 
ILE HG12 H  N N 235 
ILE HG13 H  N N 236 
ILE HG21 H  N N 237 
ILE HG22 H  N N 238 
ILE HG23 H  N N 239 
ILE HD11 H  N N 240 
ILE HD12 H  N N 241 
ILE HD13 H  N N 242 
ILE HXT  H  N N 243 
LEU N    N  N N 244 
LEU CA   C  N S 245 
LEU C    C  N N 246 
LEU O    O  N N 247 
LEU CB   C  N N 248 
LEU CG   C  N N 249 
LEU CD1  C  N N 250 
LEU CD2  C  N N 251 
LEU OXT  O  N N 252 
LEU H    H  N N 253 
LEU H2   H  N N 254 
LEU HA   H  N N 255 
LEU HB2  H  N N 256 
LEU HB3  H  N N 257 
LEU HG   H  N N 258 
LEU HD11 H  N N 259 
LEU HD12 H  N N 260 
LEU HD13 H  N N 261 
LEU HD21 H  N N 262 
LEU HD22 H  N N 263 
LEU HD23 H  N N 264 
LEU HXT  H  N N 265 
LYS N    N  N N 266 
LYS CA   C  N S 267 
LYS C    C  N N 268 
LYS O    O  N N 269 
LYS CB   C  N N 270 
LYS CG   C  N N 271 
LYS CD   C  N N 272 
LYS CE   C  N N 273 
LYS NZ   N  N N 274 
LYS OXT  O  N N 275 
LYS H    H  N N 276 
LYS H2   H  N N 277 
LYS HA   H  N N 278 
LYS HB2  H  N N 279 
LYS HB3  H  N N 280 
LYS HG2  H  N N 281 
LYS HG3  H  N N 282 
LYS HD2  H  N N 283 
LYS HD3  H  N N 284 
LYS HE2  H  N N 285 
LYS HE3  H  N N 286 
LYS HZ1  H  N N 287 
LYS HZ2  H  N N 288 
LYS HZ3  H  N N 289 
LYS HXT  H  N N 290 
MET N    N  N N 291 
MET CA   C  N S 292 
MET C    C  N N 293 
MET O    O  N N 294 
MET CB   C  N N 295 
MET CG   C  N N 296 
MET SD   S  N N 297 
MET CE   C  N N 298 
MET OXT  O  N N 299 
MET H    H  N N 300 
MET H2   H  N N 301 
MET HA   H  N N 302 
MET HB2  H  N N 303 
MET HB3  H  N N 304 
MET HG2  H  N N 305 
MET HG3  H  N N 306 
MET HE1  H  N N 307 
MET HE2  H  N N 308 
MET HE3  H  N N 309 
MET HXT  H  N N 310 
NOE C1   C  N N 311 
NOE C2   C  N N 312 
NOE N    N  N N 313 
NOE O1   O  N N 314 
NOE HC11 H  N N 315 
NOE HC12 H  N N 316 
NOE HC21 H  N N 317 
NOE HC22 H  N N 318 
NOE HC23 H  N N 319 
PHE N    N  N N 320 
PHE CA   C  N S 321 
PHE C    C  N N 322 
PHE O    O  N N 323 
PHE CB   C  N N 324 
PHE CG   C  Y N 325 
PHE CD1  C  Y N 326 
PHE CD2  C  Y N 327 
PHE CE1  C  Y N 328 
PHE CE2  C  Y N 329 
PHE CZ   C  Y N 330 
PHE OXT  O  N N 331 
PHE H    H  N N 332 
PHE H2   H  N N 333 
PHE HA   H  N N 334 
PHE HB2  H  N N 335 
PHE HB3  H  N N 336 
PHE HD1  H  N N 337 
PHE HD2  H  N N 338 
PHE HE1  H  N N 339 
PHE HE2  H  N N 340 
PHE HZ   H  N N 341 
PHE HXT  H  N N 342 
PRO N    N  N N 343 
PRO CA   C  N S 344 
PRO C    C  N N 345 
PRO O    O  N N 346 
PRO CB   C  N N 347 
PRO CG   C  N N 348 
PRO CD   C  N N 349 
PRO OXT  O  N N 350 
PRO H    H  N N 351 
PRO HA   H  N N 352 
PRO HB2  H  N N 353 
PRO HB3  H  N N 354 
PRO HG2  H  N N 355 
PRO HG3  H  N N 356 
PRO HD2  H  N N 357 
PRO HD3  H  N N 358 
PRO HXT  H  N N 359 
SER N    N  N N 360 
SER CA   C  N S 361 
SER C    C  N N 362 
SER O    O  N N 363 
SER CB   C  N N 364 
SER OG   O  N N 365 
SER OXT  O  N N 366 
SER H    H  N N 367 
SER H2   H  N N 368 
SER HA   H  N N 369 
SER HB2  H  N N 370 
SER HB3  H  N N 371 
SER HG   H  N N 372 
SER HXT  H  N N 373 
SO4 S    S  N N 374 
SO4 O1   O  N N 375 
SO4 O2   O  N N 376 
SO4 O3   O  N N 377 
SO4 O4   O  N N 378 
THR N    N  N N 379 
THR CA   C  N S 380 
THR C    C  N N 381 
THR O    O  N N 382 
THR CB   C  N R 383 
THR OG1  O  N N 384 
THR CG2  C  N N 385 
THR OXT  O  N N 386 
THR H    H  N N 387 
THR H2   H  N N 388 
THR HA   H  N N 389 
THR HB   H  N N 390 
THR HG1  H  N N 391 
THR HG21 H  N N 392 
THR HG22 H  N N 393 
THR HG23 H  N N 394 
THR HXT  H  N N 395 
TRP N    N  N N 396 
TRP CA   C  N S 397 
TRP C    C  N N 398 
TRP O    O  N N 399 
TRP CB   C  N N 400 
TRP CG   C  Y N 401 
TRP CD1  C  Y N 402 
TRP CD2  C  Y N 403 
TRP NE1  N  Y N 404 
TRP CE2  C  Y N 405 
TRP CE3  C  Y N 406 
TRP CZ2  C  Y N 407 
TRP CZ3  C  Y N 408 
TRP CH2  C  Y N 409 
TRP OXT  O  N N 410 
TRP H    H  N N 411 
TRP H2   H  N N 412 
TRP HA   H  N N 413 
TRP HB2  H  N N 414 
TRP HB3  H  N N 415 
TRP HD1  H  N N 416 
TRP HE1  H  N N 417 
TRP HE3  H  N N 418 
TRP HZ2  H  N N 419 
TRP HZ3  H  N N 420 
TRP HH2  H  N N 421 
TRP HXT  H  N N 422 
TYR N    N  N N 423 
TYR CA   C  N S 424 
TYR C    C  N N 425 
TYR O    O  N N 426 
TYR CB   C  N N 427 
TYR CG   C  Y N 428 
TYR CD1  C  Y N 429 
TYR CD2  C  Y N 430 
TYR CE1  C  Y N 431 
TYR CE2  C  Y N 432 
TYR CZ   C  Y N 433 
TYR OH   O  N N 434 
TYR OXT  O  N N 435 
TYR H    H  N N 436 
TYR H2   H  N N 437 
TYR HA   H  N N 438 
TYR HB2  H  N N 439 
TYR HB3  H  N N 440 
TYR HD1  H  N N 441 
TYR HD2  H  N N 442 
TYR HE1  H  N N 443 
TYR HE2  H  N N 444 
TYR HH   H  N N 445 
TYR HXT  H  N N 446 
VAL N    N  N N 447 
VAL CA   C  N S 448 
VAL C    C  N N 449 
VAL O    O  N N 450 
VAL CB   C  N N 451 
VAL CG1  C  N N 452 
VAL CG2  C  N N 453 
VAL OXT  O  N N 454 
VAL H    H  N N 455 
VAL H2   H  N N 456 
VAL HA   H  N N 457 
VAL HB   H  N N 458 
VAL HG11 H  N N 459 
VAL HG12 H  N N 460 
VAL HG13 H  N N 461 
VAL HG21 H  N N 462 
VAL HG22 H  N N 463 
VAL HG23 H  N N 464 
VAL HXT  H  N N 465 
# 
loop_
_chem_comp_bond.comp_id 
_chem_comp_bond.atom_id_1 
_chem_comp_bond.atom_id_2 
_chem_comp_bond.value_order 
_chem_comp_bond.pdbx_aromatic_flag 
_chem_comp_bond.pdbx_stereo_config 
_chem_comp_bond.pdbx_ordinal 
ALA N   CA   sing N N 1   
ALA N   H    sing N N 2   
ALA N   H2   sing N N 3   
ALA CA  C    sing N N 4   
ALA CA  CB   sing N N 5   
ALA CA  HA   sing N N 6   
ALA C   O    doub N N 7   
ALA C   OXT  sing N N 8   
ALA CB  HB1  sing N N 9   
ALA CB  HB2  sing N N 10  
ALA CB  HB3  sing N N 11  
ALA OXT HXT  sing N N 12  
ARG N   CA   sing N N 13  
ARG N   H    sing N N 14  
ARG N   H2   sing N N 15  
ARG CA  C    sing N N 16  
ARG CA  CB   sing N N 17  
ARG CA  HA   sing N N 18  
ARG C   O    doub N N 19  
ARG C   OXT  sing N N 20  
ARG CB  CG   sing N N 21  
ARG CB  HB2  sing N N 22  
ARG CB  HB3  sing N N 23  
ARG CG  CD   sing N N 24  
ARG CG  HG2  sing N N 25  
ARG CG  HG3  sing N N 26  
ARG CD  NE   sing N N 27  
ARG CD  HD2  sing N N 28  
ARG CD  HD3  sing N N 29  
ARG NE  CZ   sing N N 30  
ARG NE  HE   sing N N 31  
ARG CZ  NH1  sing N N 32  
ARG CZ  NH2  doub N N 33  
ARG NH1 HH11 sing N N 34  
ARG NH1 HH12 sing N N 35  
ARG NH2 HH21 sing N N 36  
ARG NH2 HH22 sing N N 37  
ARG OXT HXT  sing N N 38  
ASN N   CA   sing N N 39  
ASN N   H    sing N N 40  
ASN N   H2   sing N N 41  
ASN CA  C    sing N N 42  
ASN CA  CB   sing N N 43  
ASN CA  HA   sing N N 44  
ASN C   O    doub N N 45  
ASN C   OXT  sing N N 46  
ASN CB  CG   sing N N 47  
ASN CB  HB2  sing N N 48  
ASN CB  HB3  sing N N 49  
ASN CG  OD1  doub N N 50  
ASN CG  ND2  sing N N 51  
ASN ND2 HD21 sing N N 52  
ASN ND2 HD22 sing N N 53  
ASN OXT HXT  sing N N 54  
ASP N   CA   sing N N 55  
ASP N   H    sing N N 56  
ASP N   H2   sing N N 57  
ASP CA  C    sing N N 58  
ASP CA  CB   sing N N 59  
ASP CA  HA   sing N N 60  
ASP C   O    doub N N 61  
ASP C   OXT  sing N N 62  
ASP CB  CG   sing N N 63  
ASP CB  HB2  sing N N 64  
ASP CB  HB3  sing N N 65  
ASP CG  OD1  doub N N 66  
ASP CG  OD2  sing N N 67  
ASP OD2 HD2  sing N N 68  
ASP OXT HXT  sing N N 69  
GLN N   CA   sing N N 70  
GLN N   H    sing N N 71  
GLN N   H2   sing N N 72  
GLN CA  C    sing N N 73  
GLN CA  CB   sing N N 74  
GLN CA  HA   sing N N 75  
GLN C   O    doub N N 76  
GLN C   OXT  sing N N 77  
GLN CB  CG   sing N N 78  
GLN CB  HB2  sing N N 79  
GLN CB  HB3  sing N N 80  
GLN CG  CD   sing N N 81  
GLN CG  HG2  sing N N 82  
GLN CG  HG3  sing N N 83  
GLN CD  OE1  doub N N 84  
GLN CD  NE2  sing N N 85  
GLN NE2 HE21 sing N N 86  
GLN NE2 HE22 sing N N 87  
GLN OXT HXT  sing N N 88  
GLU N   CA   sing N N 89  
GLU N   H    sing N N 90  
GLU N   H2   sing N N 91  
GLU CA  C    sing N N 92  
GLU CA  CB   sing N N 93  
GLU CA  HA   sing N N 94  
GLU C   O    doub N N 95  
GLU C   OXT  sing N N 96  
GLU CB  CG   sing N N 97  
GLU CB  HB2  sing N N 98  
GLU CB  HB3  sing N N 99  
GLU CG  CD   sing N N 100 
GLU CG  HG2  sing N N 101 
GLU CG  HG3  sing N N 102 
GLU CD  OE1  doub N N 103 
GLU CD  OE2  sing N N 104 
GLU OE2 HE2  sing N N 105 
GLU OXT HXT  sing N N 106 
GLY N   CA   sing N N 107 
GLY N   H    sing N N 108 
GLY N   H2   sing N N 109 
GLY CA  C    sing N N 110 
GLY CA  HA2  sing N N 111 
GLY CA  HA3  sing N N 112 
GLY C   O    doub N N 113 
GLY C   OXT  sing N N 114 
GLY OXT HXT  sing N N 115 
HEM CHA C1A  sing N N 116 
HEM CHA C4D  doub N N 117 
HEM CHA HHA  sing N N 118 
HEM CHB C4A  sing N N 119 
HEM CHB C1B  doub N N 120 
HEM CHB HHB  sing N N 121 
HEM CHC C4B  sing N N 122 
HEM CHC C1C  doub N N 123 
HEM CHC HHC  sing N N 124 
HEM CHD C4C  doub N N 125 
HEM CHD C1D  sing N N 126 
HEM CHD HHD  sing N N 127 
HEM C1A C2A  doub Y N 128 
HEM C1A NA   sing Y N 129 
HEM C2A C3A  sing Y N 130 
HEM C2A CAA  sing N N 131 
HEM C3A C4A  doub Y N 132 
HEM C3A CMA  sing N N 133 
HEM C4A NA   sing Y N 134 
HEM CMA HMA  sing N N 135 
HEM CMA HMAA sing N N 136 
HEM CMA HMAB sing N N 137 
HEM CAA CBA  sing N N 138 
HEM CAA HAA  sing N N 139 
HEM CAA HAAA sing N N 140 
HEM CBA CGA  sing N N 141 
HEM CBA HBA  sing N N 142 
HEM CBA HBAA sing N N 143 
HEM CGA O1A  doub N N 144 
HEM CGA O2A  sing N N 145 
HEM C1B C2B  sing N N 146 
HEM C1B NB   sing N N 147 
HEM C2B C3B  doub N N 148 
HEM C2B CMB  sing N N 149 
HEM C3B C4B  sing N N 150 
HEM C3B CAB  sing N N 151 
HEM C4B NB   doub N N 152 
HEM CMB HMB  sing N N 153 
HEM CMB HMBA sing N N 154 
HEM CMB HMBB sing N N 155 
HEM CAB CBB  doub N N 156 
HEM CAB HAB  sing N N 157 
HEM CBB HBB  sing N N 158 
HEM CBB HBBA sing N N 159 
HEM C1C C2C  sing Y N 160 
HEM C1C NC   sing Y N 161 
HEM C2C C3C  doub Y N 162 
HEM C2C CMC  sing N N 163 
HEM C3C C4C  sing Y N 164 
HEM C3C CAC  sing N N 165 
HEM C4C NC   sing Y N 166 
HEM CMC HMC  sing N N 167 
HEM CMC HMCA sing N N 168 
HEM CMC HMCB sing N N 169 
HEM CAC CBC  doub N N 170 
HEM CAC HAC  sing N N 171 
HEM CBC HBC  sing N N 172 
HEM CBC HBCA sing N N 173 
HEM C1D C2D  sing N N 174 
HEM C1D ND   doub N N 175 
HEM C2D C3D  doub N N 176 
HEM C2D CMD  sing N N 177 
HEM C3D C4D  sing N N 178 
HEM C3D CAD  sing N N 179 
HEM C4D ND   sing N N 180 
HEM CMD HMD  sing N N 181 
HEM CMD HMDA sing N N 182 
HEM CMD HMDB sing N N 183 
HEM CAD CBD  sing N N 184 
HEM CAD HAD  sing N N 185 
HEM CAD HADA sing N N 186 
HEM CBD CGD  sing N N 187 
HEM CBD HBD  sing N N 188 
HEM CBD HBDA sing N N 189 
HEM CGD O1D  doub N N 190 
HEM CGD O2D  sing N N 191 
HEM O2A H2A  sing N N 192 
HEM O2D H2D  sing N N 193 
HEM FE  NA   sing N N 194 
HEM FE  NB   sing N N 195 
HEM FE  NC   sing N N 196 
HEM FE  ND   sing N N 197 
HIS N   CA   sing N N 198 
HIS N   H    sing N N 199 
HIS N   H2   sing N N 200 
HIS CA  C    sing N N 201 
HIS CA  CB   sing N N 202 
HIS CA  HA   sing N N 203 
HIS C   O    doub N N 204 
HIS C   OXT  sing N N 205 
HIS CB  CG   sing N N 206 
HIS CB  HB2  sing N N 207 
HIS CB  HB3  sing N N 208 
HIS CG  ND1  sing Y N 209 
HIS CG  CD2  doub Y N 210 
HIS ND1 CE1  doub Y N 211 
HIS ND1 HD1  sing N N 212 
HIS CD2 NE2  sing Y N 213 
HIS CD2 HD2  sing N N 214 
HIS CE1 NE2  sing Y N 215 
HIS CE1 HE1  sing N N 216 
HIS NE2 HE2  sing N N 217 
HIS OXT HXT  sing N N 218 
HOH O   H1   sing N N 219 
HOH O   H2   sing N N 220 
ILE N   CA   sing N N 221 
ILE N   H    sing N N 222 
ILE N   H2   sing N N 223 
ILE CA  C    sing N N 224 
ILE CA  CB   sing N N 225 
ILE CA  HA   sing N N 226 
ILE C   O    doub N N 227 
ILE C   OXT  sing N N 228 
ILE CB  CG1  sing N N 229 
ILE CB  CG2  sing N N 230 
ILE CB  HB   sing N N 231 
ILE CG1 CD1  sing N N 232 
ILE CG1 HG12 sing N N 233 
ILE CG1 HG13 sing N N 234 
ILE CG2 HG21 sing N N 235 
ILE CG2 HG22 sing N N 236 
ILE CG2 HG23 sing N N 237 
ILE CD1 HD11 sing N N 238 
ILE CD1 HD12 sing N N 239 
ILE CD1 HD13 sing N N 240 
ILE OXT HXT  sing N N 241 
LEU N   CA   sing N N 242 
LEU N   H    sing N N 243 
LEU N   H2   sing N N 244 
LEU CA  C    sing N N 245 
LEU CA  CB   sing N N 246 
LEU CA  HA   sing N N 247 
LEU C   O    doub N N 248 
LEU C   OXT  sing N N 249 
LEU CB  CG   sing N N 250 
LEU CB  HB2  sing N N 251 
LEU CB  HB3  sing N N 252 
LEU CG  CD1  sing N N 253 
LEU CG  CD2  sing N N 254 
LEU CG  HG   sing N N 255 
LEU CD1 HD11 sing N N 256 
LEU CD1 HD12 sing N N 257 
LEU CD1 HD13 sing N N 258 
LEU CD2 HD21 sing N N 259 
LEU CD2 HD22 sing N N 260 
LEU CD2 HD23 sing N N 261 
LEU OXT HXT  sing N N 262 
LYS N   CA   sing N N 263 
LYS N   H    sing N N 264 
LYS N   H2   sing N N 265 
LYS CA  C    sing N N 266 
LYS CA  CB   sing N N 267 
LYS CA  HA   sing N N 268 
LYS C   O    doub N N 269 
LYS C   OXT  sing N N 270 
LYS CB  CG   sing N N 271 
LYS CB  HB2  sing N N 272 
LYS CB  HB3  sing N N 273 
LYS CG  CD   sing N N 274 
LYS CG  HG2  sing N N 275 
LYS CG  HG3  sing N N 276 
LYS CD  CE   sing N N 277 
LYS CD  HD2  sing N N 278 
LYS CD  HD3  sing N N 279 
LYS CE  NZ   sing N N 280 
LYS CE  HE2  sing N N 281 
LYS CE  HE3  sing N N 282 
LYS NZ  HZ1  sing N N 283 
LYS NZ  HZ2  sing N N 284 
LYS NZ  HZ3  sing N N 285 
LYS OXT HXT  sing N N 286 
MET N   CA   sing N N 287 
MET N   H    sing N N 288 
MET N   H2   sing N N 289 
MET CA  C    sing N N 290 
MET CA  CB   sing N N 291 
MET CA  HA   sing N N 292 
MET C   O    doub N N 293 
MET C   OXT  sing N N 294 
MET CB  CG   sing N N 295 
MET CB  HB2  sing N N 296 
MET CB  HB3  sing N N 297 
MET CG  SD   sing N N 298 
MET CG  HG2  sing N N 299 
MET CG  HG3  sing N N 300 
MET SD  CE   sing N N 301 
MET CE  HE1  sing N N 302 
MET CE  HE2  sing N N 303 
MET CE  HE3  sing N N 304 
MET OXT HXT  sing N N 305 
NOE C1  C2   sing N N 306 
NOE C1  N    sing N N 307 
NOE C1  HC11 sing N N 308 
NOE C1  HC12 sing N N 309 
NOE C2  HC21 sing N N 310 
NOE C2  HC22 sing N N 311 
NOE C2  HC23 sing N N 312 
NOE N   O1   doub N N 313 
PHE N   CA   sing N N 314 
PHE N   H    sing N N 315 
PHE N   H2   sing N N 316 
PHE CA  C    sing N N 317 
PHE CA  CB   sing N N 318 
PHE CA  HA   sing N N 319 
PHE C   O    doub N N 320 
PHE C   OXT  sing N N 321 
PHE CB  CG   sing N N 322 
PHE CB  HB2  sing N N 323 
PHE CB  HB3  sing N N 324 
PHE CG  CD1  doub Y N 325 
PHE CG  CD2  sing Y N 326 
PHE CD1 CE1  sing Y N 327 
PHE CD1 HD1  sing N N 328 
PHE CD2 CE2  doub Y N 329 
PHE CD2 HD2  sing N N 330 
PHE CE1 CZ   doub Y N 331 
PHE CE1 HE1  sing N N 332 
PHE CE2 CZ   sing Y N 333 
PHE CE2 HE2  sing N N 334 
PHE CZ  HZ   sing N N 335 
PHE OXT HXT  sing N N 336 
PRO N   CA   sing N N 337 
PRO N   CD   sing N N 338 
PRO N   H    sing N N 339 
PRO CA  C    sing N N 340 
PRO CA  CB   sing N N 341 
PRO CA  HA   sing N N 342 
PRO C   O    doub N N 343 
PRO C   OXT  sing N N 344 
PRO CB  CG   sing N N 345 
PRO CB  HB2  sing N N 346 
PRO CB  HB3  sing N N 347 
PRO CG  CD   sing N N 348 
PRO CG  HG2  sing N N 349 
PRO CG  HG3  sing N N 350 
PRO CD  HD2  sing N N 351 
PRO CD  HD3  sing N N 352 
PRO OXT HXT  sing N N 353 
SER N   CA   sing N N 354 
SER N   H    sing N N 355 
SER N   H2   sing N N 356 
SER CA  C    sing N N 357 
SER CA  CB   sing N N 358 
SER CA  HA   sing N N 359 
SER C   O    doub N N 360 
SER C   OXT  sing N N 361 
SER CB  OG   sing N N 362 
SER CB  HB2  sing N N 363 
SER CB  HB3  sing N N 364 
SER OG  HG   sing N N 365 
SER OXT HXT  sing N N 366 
SO4 S   O1   doub N N 367 
SO4 S   O2   doub N N 368 
SO4 S   O3   sing N N 369 
SO4 S   O4   sing N N 370 
THR N   CA   sing N N 371 
THR N   H    sing N N 372 
THR N   H2   sing N N 373 
THR CA  C    sing N N 374 
THR CA  CB   sing N N 375 
THR CA  HA   sing N N 376 
THR C   O    doub N N 377 
THR C   OXT  sing N N 378 
THR CB  OG1  sing N N 379 
THR CB  CG2  sing N N 380 
THR CB  HB   sing N N 381 
THR OG1 HG1  sing N N 382 
THR CG2 HG21 sing N N 383 
THR CG2 HG22 sing N N 384 
THR CG2 HG23 sing N N 385 
THR OXT HXT  sing N N 386 
TRP N   CA   sing N N 387 
TRP N   H    sing N N 388 
TRP N   H2   sing N N 389 
TRP CA  C    sing N N 390 
TRP CA  CB   sing N N 391 
TRP CA  HA   sing N N 392 
TRP C   O    doub N N 393 
TRP C   OXT  sing N N 394 
TRP CB  CG   sing N N 395 
TRP CB  HB2  sing N N 396 
TRP CB  HB3  sing N N 397 
TRP CG  CD1  doub Y N 398 
TRP CG  CD2  sing Y N 399 
TRP CD1 NE1  sing Y N 400 
TRP CD1 HD1  sing N N 401 
TRP CD2 CE2  doub Y N 402 
TRP CD2 CE3  sing Y N 403 
TRP NE1 CE2  sing Y N 404 
TRP NE1 HE1  sing N N 405 
TRP CE2 CZ2  sing Y N 406 
TRP CE3 CZ3  doub Y N 407 
TRP CE3 HE3  sing N N 408 
TRP CZ2 CH2  doub Y N 409 
TRP CZ2 HZ2  sing N N 410 
TRP CZ3 CH2  sing Y N 411 
TRP CZ3 HZ3  sing N N 412 
TRP CH2 HH2  sing N N 413 
TRP OXT HXT  sing N N 414 
TYR N   CA   sing N N 415 
TYR N   H    sing N N 416 
TYR N   H2   sing N N 417 
TYR CA  C    sing N N 418 
TYR CA  CB   sing N N 419 
TYR CA  HA   sing N N 420 
TYR C   O    doub N N 421 
TYR C   OXT  sing N N 422 
TYR CB  CG   sing N N 423 
TYR CB  HB2  sing N N 424 
TYR CB  HB3  sing N N 425 
TYR CG  CD1  doub Y N 426 
TYR CG  CD2  sing Y N 427 
TYR CD1 CE1  sing Y N 428 
TYR CD1 HD1  sing N N 429 
TYR CD2 CE2  doub Y N 430 
TYR CD2 HD2  sing N N 431 
TYR CE1 CZ   doub Y N 432 
TYR CE1 HE1  sing N N 433 
TYR CE2 CZ   sing Y N 434 
TYR CE2 HE2  sing N N 435 
TYR CZ  OH   sing N N 436 
TYR OH  HH   sing N N 437 
TYR OXT HXT  sing N N 438 
VAL N   CA   sing N N 439 
VAL N   H    sing N N 440 
VAL N   H2   sing N N 441 
VAL CA  C    sing N N 442 
VAL CA  CB   sing N N 443 
VAL CA  HA   sing N N 444 
VAL C   O    doub N N 445 
VAL C   OXT  sing N N 446 
VAL CB  CG1  sing N N 447 
VAL CB  CG2  sing N N 448 
VAL CB  HB   sing N N 449 
VAL CG1 HG11 sing N N 450 
VAL CG1 HG12 sing N N 451 
VAL CG1 HG13 sing N N 452 
VAL CG2 HG21 sing N N 453 
VAL CG2 HG22 sing N N 454 
VAL CG2 HG23 sing N N 455 
VAL OXT HXT  sing N N 456 
# 
loop_
_pdbx_entity_nonpoly.entity_id 
_pdbx_entity_nonpoly.name 
_pdbx_entity_nonpoly.comp_id 
2 'SULFATE ION'                     SO4 
3 'PROTOPORPHYRIN IX CONTAINING FE' HEM 
4 NITROSOETHANE                     NOE 
5 water                             HOH 
# 
_pdbx_initial_refinement_model.id               1 
_pdbx_initial_refinement_model.entity_id_list   ? 
_pdbx_initial_refinement_model.type             'experimental model' 
_pdbx_initial_refinement_model.source_name      PDB 
_pdbx_initial_refinement_model.accession_code   1DWR 
_pdbx_initial_refinement_model.details          ? 
# 
